data_7K1F
#
_entry.id   7K1F
#
_cell.length_a   265.540
_cell.length_b   265.540
_cell.length_c   90.057
_cell.angle_alpha   90.00
_cell.angle_beta   90.00
_cell.angle_gamma   120.00
#
_symmetry.space_group_name_H-M   'P 65'
#
loop_
_entity.id
_entity.type
_entity.pdbx_description
1 polymer 'Insulin-degrading enzyme'
2 non-polymer 'ZINC ION'
3 non-polymer 3,4-difluoro-N-({1-[(2R)-4-(hydroxyamino)-4-oxo-1-(quinolin-7-yl)butan-2-yl]-1H-1,2,3-triazol-4-yl}methyl)benzamide
4 non-polymer '1,4-DIETHYLENE DIOXIDE'
5 non-polymer '4-(2-HYDROXYETHYL)-1-PIPERAZINE ETHANESULFONIC ACID'
6 water water
#
_entity_poly.entity_id   1
_entity_poly.type   'polypeptide(L)'
_entity_poly.pdbx_seq_one_letter_code
;MHHHHHHAAGIPMNNPAIKRIGNHITKSPEDKREYRGLELANGIKVLLISDPTTDKSSAALDVHIGSLSDPPNIAGLSHF
LEHMLFLGTKKYPKENEYSQFLSEHAGSSNAFTSGEHTNYYFDVSHEHLEGALDRFAQFFLSPLFDESAKDREVNAVDSE
HEKNVMNDAWRLFQLEKATGNPKHPFSKFGTGNKYTLETRPNQEGIDVRQELLKFHSAYYSSNLMAVVVLGRESLDDLTN
LVVKLFSEVENKNVPLPEFPEHPFQEEHLKQLYKIVPIKDIRNLYVTFPIPDLQKYYKSNPGHYLGHLIGHEGPGSLLSE
LKSKGWVNTLVGGQKEGARGFMFFIINVDLTEEGLLHVEDIILHMFQYIQKLRAEGPQEWVFQELKDLNAVAFRFKDKER
PRGYTSKIAGILHYYPLEEVLTAEYLLEEFRPDLIEMVLDKLRPENVRVAIVSKSFEGKTDRTEEWYGTQYKQEAIPDEV
IKKWQNADLNGKFKLPTKNEFIPTNFEILPLEKEATPYPALIKDTAMSKLWFKQDDKFFLPKANLNFEFFSPFAYVDPLH
SNMAYLYLELLKDSLNEYAYAAELAGLSYDLQNTIYGMYLSVKGYNDKQPILLKKIIEKMATFEIDEKRFEIIKEAYMRS
LNNFRAEQPHQHAMYYLRLLMTEVAWTKDELKEALDDVTLPRLKAFIPQLLSRLHIEALLHGNITKQAALGIMQMVEDTL
IEHAHTKPLLPSQLVRYREVQLPDRGWFVYQQRNEVHNNSGIEIYYQTDMQSTSENMFLELFAQIISEPAFNTLRTKEQL
GYIVFSGPRRANGIQGLRFIIQSEKPPHYLESRVEAFLITMEKSIEDMTEEAFQKHIQALAIRRLDKPKKLSAESAKYWG
EIISQQYNFDRDNTEVAYLKTLTKEDIIKFYKEMLAVDAPRRHKVSVHVLAREMDSNPVVGEFPAQNDINLSQAPALPQP
EVIQNMTEFKRGLPLFPLVKPHINFMAAKL
;
_entity_poly.pdbx_strand_id   A,B
#
# COMPACT_ATOMS: atom_id res chain seq x y z
N ASN A 14 25.51 67.54 -20.95
CA ASN A 14 26.04 66.90 -22.15
C ASN A 14 24.94 66.56 -23.14
N ASN A 15 24.02 65.72 -22.69
CA ASN A 15 22.78 65.24 -23.30
C ASN A 15 21.60 65.97 -22.67
N PRO A 16 20.70 66.58 -23.45
CA PRO A 16 19.63 67.37 -22.81
C PRO A 16 18.62 66.50 -22.07
N ALA A 17 18.38 65.27 -22.53
CA ALA A 17 17.36 64.41 -21.95
C ALA A 17 17.74 63.87 -20.58
N ILE A 18 19.01 63.93 -20.20
CA ILE A 18 19.46 63.47 -18.89
C ILE A 18 19.73 64.68 -18.01
N LYS A 19 18.94 64.83 -16.95
CA LYS A 19 19.19 65.87 -15.96
C LYS A 19 20.49 65.64 -15.22
N ARG A 20 20.76 64.39 -14.85
CA ARG A 20 21.90 64.07 -14.00
C ARG A 20 22.22 62.59 -14.17
N ILE A 21 23.50 62.26 -14.02
CA ILE A 21 23.93 60.87 -13.97
C ILE A 21 24.58 60.64 -12.61
N GLY A 22 24.00 59.75 -11.83
CA GLY A 22 24.51 59.46 -10.51
C GLY A 22 25.94 58.95 -10.56
N ASN A 23 26.55 58.97 -9.37
CA ASN A 23 27.91 58.48 -9.16
C ASN A 23 27.88 56.94 -9.03
N HIS A 24 29.02 56.34 -8.68
CA HIS A 24 29.06 54.89 -8.47
C HIS A 24 27.92 54.46 -7.55
N ILE A 25 27.13 53.50 -8.04
CA ILE A 25 26.06 52.91 -7.23
C ILE A 25 26.70 51.88 -6.32
N THR A 26 26.62 52.11 -5.01
CA THR A 26 27.27 51.18 -4.09
C THR A 26 26.56 49.83 -4.14
N LYS A 27 27.35 48.76 -4.25
CA LYS A 27 26.82 47.41 -4.32
C LYS A 27 27.67 46.51 -3.44
N SER A 28 27.20 45.28 -3.29
CA SER A 28 28.00 44.27 -2.62
C SER A 28 29.18 43.87 -3.49
N PRO A 29 30.37 43.72 -2.90
CA PRO A 29 31.51 43.13 -3.62
C PRO A 29 31.23 41.78 -4.26
N GLU A 30 30.22 41.04 -3.79
CA GLU A 30 29.85 39.78 -4.42
C GLU A 30 28.90 39.95 -5.59
N ASP A 31 28.43 41.17 -5.83
CA ASP A 31 27.46 41.41 -6.90
C ASP A 31 28.22 41.79 -8.16
N LYS A 32 28.17 40.90 -9.16
CA LYS A 32 28.89 41.13 -10.42
C LYS A 32 28.09 41.97 -11.42
N ARG A 33 26.80 42.19 -11.20
CA ARG A 33 26.03 43.07 -12.09
C ARG A 33 26.61 44.49 -12.07
N GLU A 34 26.43 45.21 -13.18
CA GLU A 34 26.84 46.61 -13.27
C GLU A 34 25.62 47.53 -13.10
N TYR A 35 25.84 48.66 -12.46
CA TYR A 35 24.75 49.57 -12.13
C TYR A 35 25.07 50.98 -12.62
N ARG A 36 24.07 51.66 -13.16
CA ARG A 36 24.16 53.10 -13.42
C ARG A 36 22.85 53.77 -13.04
N GLY A 37 22.92 54.85 -12.28
CA GLY A 37 21.75 55.63 -11.97
C GLY A 37 21.71 56.92 -12.77
N LEU A 38 20.52 57.49 -12.91
CA LEU A 38 20.40 58.76 -13.60
C LEU A 38 18.98 59.29 -13.44
N GLU A 39 18.84 60.60 -13.54
CA GLU A 39 17.53 61.25 -13.50
C GLU A 39 17.25 61.85 -14.86
N LEU A 40 16.04 61.59 -15.37
CA LEU A 40 15.74 62.13 -16.68
C LEU A 40 15.35 63.59 -16.55
N ALA A 41 15.53 64.30 -17.66
CA ALA A 41 15.13 65.70 -17.72
C ALA A 41 13.68 65.90 -17.30
N ASN A 42 12.80 64.92 -17.57
CA ASN A 42 11.41 65.03 -17.13
C ASN A 42 11.19 64.53 -15.71
N GLY A 43 12.27 64.21 -14.97
CA GLY A 43 12.16 63.93 -13.55
C GLY A 43 12.02 62.46 -13.19
N ILE A 44 12.00 61.57 -14.19
CA ILE A 44 11.95 60.13 -13.95
C ILE A 44 13.29 59.70 -13.37
N LYS A 45 13.25 59.10 -12.17
CA LYS A 45 14.43 58.46 -11.59
C LYS A 45 14.64 57.08 -12.23
N VAL A 46 15.89 56.77 -12.55
CA VAL A 46 16.22 55.62 -13.39
C VAL A 46 17.43 54.89 -12.80
N LEU A 47 17.30 53.58 -12.60
CA LEU A 47 18.45 52.72 -12.36
C LEU A 47 18.56 51.72 -13.51
N LEU A 48 19.76 51.59 -14.05
CA LEU A 48 20.06 50.67 -15.15
C LEU A 48 20.95 49.56 -14.63
N ILE A 49 20.70 48.33 -15.08
CA ILE A 49 21.39 47.15 -14.57
C ILE A 49 21.89 46.34 -15.75
N SER A 50 23.21 46.24 -15.88
CA SER A 50 23.82 45.44 -16.95
C SER A 50 24.27 44.12 -16.37
N ASP A 51 23.79 43.03 -16.96
CA ASP A 51 24.18 41.67 -16.56
C ASP A 51 24.29 40.88 -17.85
N PRO A 52 25.51 40.80 -18.41
CA PRO A 52 25.69 40.09 -19.68
C PRO A 52 25.35 38.61 -19.63
N THR A 53 25.13 38.04 -18.44
CA THR A 53 24.84 36.61 -18.31
C THR A 53 23.34 36.28 -18.27
N THR A 54 22.49 37.26 -18.00
CA THR A 54 21.09 36.96 -17.72
C THR A 54 20.38 36.38 -18.95
N ASP A 55 19.55 35.36 -18.71
CA ASP A 55 18.72 34.80 -19.77
C ASP A 55 17.45 35.61 -19.99
N LYS A 56 16.89 36.17 -18.94
CA LYS A 56 15.75 37.04 -19.04
C LYS A 56 16.13 38.45 -18.63
N SER A 57 15.67 39.41 -19.40
CA SER A 57 15.79 40.82 -19.06
C SER A 57 14.45 41.29 -18.52
N SER A 58 14.45 42.48 -17.93
CA SER A 58 13.30 42.86 -17.16
C SER A 58 13.26 44.38 -17.08
N ALA A 59 12.06 44.90 -16.87
CA ALA A 59 11.90 46.30 -16.54
C ALA A 59 10.72 46.44 -15.60
N ALA A 60 10.73 47.51 -14.83
CA ALA A 60 9.65 47.83 -13.91
C ALA A 60 9.51 49.34 -13.84
N LEU A 61 8.28 49.81 -13.61
CA LEU A 61 8.02 51.23 -13.43
C LEU A 61 7.08 51.41 -12.25
N ASP A 62 7.45 52.31 -11.34
CA ASP A 62 6.67 52.60 -10.14
C ASP A 62 6.17 54.04 -10.20
N VAL A 63 4.85 54.21 -10.16
CA VAL A 63 4.20 55.51 -10.08
C VAL A 63 3.83 55.74 -8.62
N HIS A 64 4.32 56.84 -8.06
CA HIS A 64 4.04 57.18 -6.67
C HIS A 64 2.60 57.68 -6.48
N ILE A 65 1.64 57.00 -7.09
CA ILE A 65 0.24 57.26 -6.86
C ILE A 65 -0.48 55.92 -6.67
N GLY A 66 -1.50 55.93 -5.81
CA GLY A 66 -2.23 54.71 -5.52
C GLY A 66 -3.63 54.99 -5.00
N SER A 67 -4.16 54.01 -4.27
CA SER A 67 -5.57 54.03 -3.88
C SER A 67 -5.92 55.23 -3.01
N LEU A 68 -4.97 55.70 -2.19
CA LEU A 68 -5.26 56.85 -1.34
C LEU A 68 -5.72 58.06 -2.16
N SER A 69 -5.36 58.14 -3.43
CA SER A 69 -5.73 59.25 -4.29
C SER A 69 -6.91 58.95 -5.19
N ASP A 70 -7.67 57.89 -4.89
CA ASP A 70 -8.87 57.64 -5.67
C ASP A 70 -9.85 58.80 -5.51
N PRO A 71 -10.62 59.13 -6.55
CA PRO A 71 -11.77 60.00 -6.35
C PRO A 71 -12.67 59.47 -5.26
N PRO A 72 -13.08 60.30 -4.31
CA PRO A 72 -13.95 59.81 -3.22
C PRO A 72 -15.23 59.16 -3.71
N ASN A 73 -15.69 59.45 -4.93
CA ASN A 73 -16.94 58.91 -5.45
C ASN A 73 -16.75 57.72 -6.39
N ILE A 74 -15.52 57.26 -6.58
CA ILE A 74 -15.22 56.12 -7.43
C ILE A 74 -14.15 55.24 -6.77
N ALA A 75 -14.55 54.48 -5.74
CA ALA A 75 -13.59 53.62 -5.05
C ALA A 75 -12.94 52.64 -6.01
N GLY A 76 -11.62 52.59 -5.99
CA GLY A 76 -10.88 51.62 -6.76
C GLY A 76 -10.44 52.07 -8.12
N LEU A 77 -10.45 53.38 -8.40
CA LEU A 77 -10.17 53.81 -9.75
C LEU A 77 -8.73 53.52 -10.13
N SER A 78 -7.78 53.76 -9.24
CA SER A 78 -6.38 53.59 -9.62
C SER A 78 -6.03 52.12 -9.77
N HIS A 79 -6.71 51.27 -9.00
CA HIS A 79 -6.57 49.84 -9.21
C HIS A 79 -7.14 49.43 -10.57
N PHE A 80 -8.38 49.85 -10.86
CA PHE A 80 -9.00 49.60 -12.16
C PHE A 80 -8.15 50.16 -13.30
N LEU A 81 -7.59 51.37 -13.13
CA LEU A 81 -6.72 51.93 -14.15
C LEU A 81 -5.56 50.99 -14.44
N GLU A 82 -4.98 50.43 -13.37
CA GLU A 82 -3.84 49.54 -13.50
C GLU A 82 -4.17 48.31 -14.35
N HIS A 83 -5.35 47.74 -14.18
CA HIS A 83 -5.78 46.68 -15.08
C HIS A 83 -5.87 47.19 -16.52
N MET A 84 -6.54 48.34 -16.70
CA MET A 84 -6.87 48.84 -18.02
C MET A 84 -5.62 49.14 -18.85
N LEU A 85 -4.49 49.46 -18.20
CA LEU A 85 -3.28 49.76 -18.96
C LEU A 85 -2.78 48.55 -19.72
N PHE A 86 -3.20 47.34 -19.34
CA PHE A 86 -2.71 46.15 -20.03
C PHE A 86 -3.41 45.95 -21.38
N LEU A 87 -4.50 46.68 -21.64
CA LEU A 87 -5.44 46.35 -22.70
C LEU A 87 -5.33 47.27 -23.92
N GLY A 88 -4.15 47.79 -24.22
CA GLY A 88 -3.93 48.50 -25.48
C GLY A 88 -3.60 49.98 -25.37
N THR A 89 -2.74 50.45 -26.28
CA THR A 89 -2.25 51.82 -26.36
C THR A 89 -2.44 52.37 -27.77
N LYS A 90 -2.27 53.68 -27.91
CA LYS A 90 -2.40 54.34 -29.20
C LYS A 90 -1.43 53.77 -30.24
N LYS A 91 -0.30 53.25 -29.77
CA LYS A 91 0.69 52.70 -30.70
C LYS A 91 0.55 51.19 -30.88
N TYR A 92 0.03 50.47 -29.89
CA TYR A 92 -0.16 49.03 -29.98
C TYR A 92 -1.59 48.81 -29.53
N PRO A 93 -2.54 49.00 -30.45
CA PRO A 93 -3.96 48.92 -30.10
C PRO A 93 -4.53 47.51 -30.10
N LYS A 94 -3.81 46.50 -30.62
CA LYS A 94 -4.22 45.12 -30.42
C LYS A 94 -4.31 44.83 -28.92
N GLU A 95 -5.53 44.68 -28.42
CA GLU A 95 -5.81 44.57 -26.99
C GLU A 95 -4.83 43.67 -26.21
N ASN A 96 -4.47 42.52 -26.75
CA ASN A 96 -3.55 41.61 -26.06
C ASN A 96 -2.14 41.66 -26.63
N GLU A 97 -1.75 42.75 -27.27
CA GLU A 97 -0.44 42.82 -27.90
C GLU A 97 0.68 42.68 -26.87
N TYR A 98 0.53 43.29 -25.69
CA TYR A 98 1.60 43.26 -24.69
C TYR A 98 1.80 41.85 -24.15
N SER A 99 0.72 41.24 -23.67
CA SER A 99 0.79 39.88 -23.16
C SER A 99 1.26 38.90 -24.24
N GLN A 100 0.70 39.02 -25.43
CA GLN A 100 1.09 38.11 -26.49
C GLN A 100 2.59 38.25 -26.81
N PHE A 101 3.09 39.48 -26.91
CA PHE A 101 4.50 39.65 -27.20
C PHE A 101 5.35 39.00 -26.13
N LEU A 102 4.94 39.17 -24.86
CA LEU A 102 5.71 38.60 -23.75
C LEU A 102 5.70 37.08 -23.81
N SER A 103 4.50 36.49 -23.95
CA SER A 103 4.35 35.06 -23.98
C SER A 103 5.15 34.44 -25.10
N GLU A 104 5.13 35.06 -26.28
CA GLU A 104 5.89 34.54 -27.41
C GLU A 104 7.38 34.81 -27.30
N HIS A 105 7.81 35.45 -26.23
CA HIS A 105 9.23 35.74 -26.08
C HIS A 105 9.69 35.40 -24.66
N ALA A 106 9.11 34.34 -24.08
CA ALA A 106 9.54 33.75 -22.82
C ALA A 106 9.40 34.72 -21.65
N GLY A 107 8.46 35.66 -21.75
CA GLY A 107 8.26 36.67 -20.75
C GLY A 107 6.95 36.50 -20.01
N SER A 108 6.76 37.40 -19.04
CA SER A 108 5.60 37.44 -18.17
C SER A 108 5.53 38.82 -17.57
N SER A 109 4.38 39.15 -16.98
CA SER A 109 4.23 40.48 -16.42
C SER A 109 3.15 40.50 -15.34
N ASN A 110 3.26 41.49 -14.47
CA ASN A 110 2.28 41.71 -13.42
C ASN A 110 2.29 43.19 -13.03
N ALA A 111 1.41 43.54 -12.09
CA ALA A 111 1.32 44.88 -11.54
C ALA A 111 0.47 44.83 -10.28
N PHE A 112 0.73 45.75 -9.34
CA PHE A 112 -0.12 45.90 -8.17
C PHE A 112 -0.36 47.37 -7.85
N THR A 113 -1.45 47.64 -7.15
CA THR A 113 -1.79 48.97 -6.66
C THR A 113 -1.80 48.93 -5.15
N SER A 114 -0.93 49.71 -4.52
CA SER A 114 -1.02 49.92 -3.09
C SER A 114 -1.60 51.30 -2.83
N GLY A 115 -1.38 51.82 -1.62
CA GLY A 115 -1.99 53.09 -1.26
C GLY A 115 -1.33 54.28 -1.94
N GLU A 116 0.00 54.23 -2.09
CA GLU A 116 0.75 55.33 -2.68
C GLU A 116 1.59 54.91 -3.86
N HIS A 117 1.43 53.68 -4.36
CA HIS A 117 2.23 53.24 -5.48
C HIS A 117 1.39 52.39 -6.43
N THR A 118 1.67 52.52 -7.71
CA THR A 118 1.24 51.55 -8.70
C THR A 118 2.48 51.07 -9.45
N ASN A 119 2.70 49.76 -9.43
CA ASN A 119 3.98 49.19 -9.79
C ASN A 119 3.77 48.16 -10.90
N TYR A 120 4.42 48.37 -12.04
CA TYR A 120 4.26 47.53 -13.23
C TYR A 120 5.61 46.95 -13.61
N TYR A 121 5.64 45.69 -14.03
CA TYR A 121 6.92 45.05 -14.34
C TYR A 121 6.72 43.83 -15.23
N PHE A 122 7.80 43.47 -15.92
CA PHE A 122 7.79 42.33 -16.81
C PHE A 122 9.19 41.77 -16.89
N ASP A 123 9.28 40.52 -17.31
CA ASP A 123 10.53 40.01 -17.84
C ASP A 123 10.27 39.38 -19.20
N VAL A 124 11.34 39.03 -19.89
CA VAL A 124 11.27 38.67 -21.30
C VAL A 124 12.62 38.12 -21.69
N SER A 125 12.66 37.32 -22.76
CA SER A 125 13.92 36.83 -23.28
C SER A 125 14.87 37.99 -23.52
N HIS A 126 16.15 37.79 -23.18
CA HIS A 126 17.11 38.90 -23.22
C HIS A 126 17.31 39.46 -24.63
N GLU A 127 17.04 38.68 -25.67
CA GLU A 127 17.16 39.20 -27.02
C GLU A 127 15.97 40.06 -27.44
N HIS A 128 15.03 40.37 -26.55
CA HIS A 128 13.85 41.10 -27.00
C HIS A 128 13.46 42.21 -26.02
N LEU A 129 14.44 42.76 -25.31
CA LEU A 129 14.17 43.81 -24.34
C LEU A 129 13.48 45.01 -24.99
N GLU A 130 14.02 45.49 -26.12
CA GLU A 130 13.51 46.72 -26.70
C GLU A 130 12.04 46.59 -27.09
N GLY A 131 11.69 45.50 -27.77
CA GLY A 131 10.32 45.34 -28.22
C GLY A 131 9.35 45.25 -27.07
N ALA A 132 9.74 44.55 -26.00
CA ALA A 132 8.94 44.53 -24.78
C ALA A 132 8.89 45.92 -24.13
N LEU A 133 10.04 46.58 -23.98
CA LEU A 133 10.05 47.87 -23.26
C LEU A 133 9.27 48.94 -24.03
N ASP A 134 9.41 48.97 -25.35
CA ASP A 134 8.61 49.86 -26.18
C ASP A 134 7.12 49.70 -25.88
N ARG A 135 6.61 48.47 -26.02
CA ARG A 135 5.21 48.22 -25.72
C ARG A 135 4.86 48.61 -24.28
N PHE A 136 5.76 48.30 -23.34
CA PHE A 136 5.59 48.69 -21.95
C PHE A 136 5.43 50.20 -21.82
N ALA A 137 6.37 50.96 -22.40
CA ALA A 137 6.40 52.42 -22.22
C ALA A 137 5.07 53.07 -22.58
N GLN A 138 4.40 52.56 -23.62
CA GLN A 138 3.13 53.15 -24.03
C GLN A 138 2.07 53.13 -22.95
N PHE A 139 2.17 52.25 -21.93
CA PHE A 139 1.20 52.33 -20.83
C PHE A 139 1.15 53.73 -20.25
N PHE A 140 2.25 54.45 -20.31
CA PHE A 140 2.40 55.71 -19.61
C PHE A 140 2.40 56.89 -20.57
N LEU A 141 2.14 56.62 -21.86
CA LEU A 141 2.02 57.64 -22.89
C LEU A 141 0.59 57.79 -23.38
N SER A 142 -0.06 56.74 -23.89
CA SER A 142 -1.37 56.87 -24.54
C SER A 142 -2.16 55.57 -24.45
N PRO A 143 -2.65 55.23 -23.27
CA PRO A 143 -3.58 54.09 -23.17
C PRO A 143 -4.88 54.37 -23.91
N LEU A 144 -5.50 53.30 -24.41
CA LEU A 144 -6.78 53.47 -25.10
C LEU A 144 -7.96 53.62 -24.15
N PHE A 145 -7.92 52.98 -22.98
CA PHE A 145 -9.10 52.89 -22.12
C PHE A 145 -10.36 52.59 -22.92
N ASP A 146 -10.25 51.63 -23.85
CA ASP A 146 -11.37 51.23 -24.69
C ASP A 146 -12.64 50.99 -23.87
N GLU A 147 -13.77 51.48 -24.38
CA GLU A 147 -15.05 51.31 -23.69
C GLU A 147 -15.46 49.84 -23.59
N SER A 148 -15.34 49.11 -24.69
CA SER A 148 -15.61 47.67 -24.66
C SER A 148 -14.74 46.97 -23.64
N ALA A 149 -13.41 47.10 -23.78
CA ALA A 149 -12.48 46.55 -22.80
C ALA A 149 -12.84 46.97 -21.38
N LYS A 150 -13.22 48.23 -21.19
CA LYS A 150 -13.51 48.72 -19.85
C LYS A 150 -14.67 47.95 -19.23
N ASP A 151 -15.70 47.66 -20.04
CA ASP A 151 -16.88 46.97 -19.53
C ASP A 151 -16.63 45.49 -19.25
N ARG A 152 -15.66 44.89 -19.94
CA ARG A 152 -15.25 43.52 -19.65
C ARG A 152 -14.39 43.46 -18.38
N GLU A 153 -13.27 44.20 -18.38
CA GLU A 153 -12.33 44.14 -17.26
C GLU A 153 -12.94 44.55 -15.93
N VAL A 154 -14.03 45.31 -15.91
CA VAL A 154 -14.60 45.62 -14.59
C VAL A 154 -14.93 44.31 -13.86
N ASN A 155 -15.21 43.25 -14.63
CA ASN A 155 -15.57 41.96 -14.04
C ASN A 155 -14.36 41.29 -13.39
N ALA A 156 -13.18 41.41 -14.01
CA ALA A 156 -11.97 40.86 -13.40
C ALA A 156 -11.71 41.50 -12.05
N VAL A 157 -11.89 42.82 -11.97
CA VAL A 157 -11.71 43.49 -10.69
C VAL A 157 -12.78 43.05 -9.71
N ASP A 158 -14.03 42.92 -10.16
CA ASP A 158 -15.08 42.49 -9.24
C ASP A 158 -14.80 41.10 -8.73
N SER A 159 -14.36 40.22 -9.63
CA SER A 159 -14.02 38.86 -9.25
C SER A 159 -12.82 38.83 -8.31
N GLU A 160 -11.84 39.69 -8.57
CA GLU A 160 -10.73 39.81 -7.63
C GLU A 160 -11.22 40.19 -6.24
N HIS A 161 -12.15 41.14 -6.15
CA HIS A 161 -12.65 41.50 -4.82
C HIS A 161 -13.43 40.36 -4.22
N GLU A 162 -14.17 39.62 -5.06
CA GLU A 162 -14.99 38.52 -4.57
C GLU A 162 -14.14 37.46 -3.89
N LYS A 163 -13.00 37.10 -4.46
CA LYS A 163 -12.22 36.08 -3.78
C LYS A 163 -11.78 36.56 -2.40
N ASN A 164 -11.65 37.87 -2.20
CA ASN A 164 -11.20 38.38 -0.90
C ASN A 164 -12.32 38.46 0.13
N VAL A 165 -13.58 38.55 -0.32
CA VAL A 165 -14.67 38.97 0.55
C VAL A 165 -14.74 38.11 1.81
N MET A 166 -14.58 36.80 1.65
CA MET A 166 -14.69 35.88 2.77
C MET A 166 -13.33 35.49 3.35
N ASN A 167 -12.27 36.19 2.97
CA ASN A 167 -10.93 35.98 3.49
C ASN A 167 -10.70 36.84 4.74
N ASP A 168 -10.38 36.20 5.86
CA ASP A 168 -10.33 36.92 7.13
C ASP A 168 -9.28 38.02 7.14
N ALA A 169 -8.16 37.84 6.42
CA ALA A 169 -7.11 38.85 6.43
C ALA A 169 -7.55 40.12 5.71
N TRP A 170 -8.34 39.99 4.64
CA TRP A 170 -8.87 41.17 3.96
C TRP A 170 -9.97 41.84 4.76
N ARG A 171 -10.83 41.04 5.42
CA ARG A 171 -11.90 41.64 6.21
C ARG A 171 -11.32 42.52 7.31
N LEU A 172 -10.31 42.02 8.01
CA LEU A 172 -9.71 42.78 9.10
C LEU A 172 -8.92 43.98 8.56
N PHE A 173 -8.18 43.78 7.47
CA PHE A 173 -7.51 44.88 6.81
C PHE A 173 -8.46 46.07 6.65
N GLN A 174 -9.60 45.82 6.02
CA GLN A 174 -10.54 46.90 5.73
C GLN A 174 -11.27 47.34 7.00
N LEU A 175 -11.48 46.44 7.95
CA LEU A 175 -12.18 46.85 9.17
C LEU A 175 -11.36 47.87 9.96
N GLU A 176 -10.04 47.70 10.00
CA GLU A 176 -9.22 48.74 10.63
C GLU A 176 -9.49 50.10 9.98
N LYS A 177 -9.44 50.15 8.64
CA LYS A 177 -9.70 51.40 7.94
C LYS A 177 -11.07 51.96 8.30
N ALA A 178 -12.06 51.09 8.38
CA ALA A 178 -13.42 51.52 8.70
C ALA A 178 -13.59 51.98 10.14
N THR A 179 -12.63 51.73 11.03
CA THR A 179 -12.77 52.16 12.41
C THR A 179 -11.88 53.35 12.74
N GLY A 180 -11.19 53.89 11.74
CA GLY A 180 -10.50 55.16 11.87
C GLY A 180 -11.41 56.30 11.48
N ASN A 181 -10.79 57.43 11.18
CA ASN A 181 -11.56 58.63 10.84
C ASN A 181 -12.20 58.46 9.47
N PRO A 182 -13.54 58.46 9.38
CA PRO A 182 -14.19 58.19 8.08
C PRO A 182 -13.80 59.19 7.00
N LYS A 183 -13.41 60.39 7.40
CA LYS A 183 -13.03 61.46 6.50
C LYS A 183 -11.62 61.31 5.94
N HIS A 184 -10.81 60.41 6.47
CA HIS A 184 -9.41 60.25 6.11
C HIS A 184 -9.27 59.33 4.90
N PRO A 185 -8.42 59.66 3.92
CA PRO A 185 -8.22 58.75 2.78
C PRO A 185 -7.94 57.32 3.21
N PHE A 186 -7.37 57.13 4.40
CA PHE A 186 -7.00 55.80 4.87
C PHE A 186 -8.20 54.88 4.95
N SER A 187 -9.40 55.42 5.05
CA SER A 187 -10.59 54.61 5.14
C SER A 187 -11.15 54.19 3.78
N LYS A 188 -10.51 54.59 2.68
CA LYS A 188 -11.05 54.29 1.36
C LYS A 188 -11.00 52.79 1.07
N PHE A 189 -12.01 52.33 0.33
CA PHE A 189 -12.04 50.96 -0.19
C PHE A 189 -11.20 50.94 -1.46
N GLY A 190 -10.07 50.22 -1.43
CA GLY A 190 -9.09 50.33 -2.49
C GLY A 190 -9.27 49.37 -3.66
N THR A 191 -9.83 48.20 -3.40
CA THR A 191 -9.95 47.22 -4.48
C THR A 191 -10.90 47.71 -5.56
N GLY A 192 -12.03 48.30 -5.17
CA GLY A 192 -13.13 48.51 -6.09
C GLY A 192 -13.88 47.23 -6.40
N ASN A 193 -15.06 47.38 -6.97
CA ASN A 193 -15.83 46.23 -7.44
C ASN A 193 -16.83 46.73 -8.47
N LYS A 194 -17.61 45.79 -9.02
CA LYS A 194 -18.52 46.19 -10.08
C LYS A 194 -19.47 47.27 -9.61
N TYR A 195 -19.83 47.24 -8.32
CA TYR A 195 -20.70 48.28 -7.80
C TYR A 195 -20.03 49.65 -7.87
N THR A 196 -18.82 49.77 -7.31
CA THR A 196 -18.19 51.08 -7.25
C THR A 196 -17.60 51.51 -8.60
N LEU A 197 -17.34 50.59 -9.50
CA LEU A 197 -16.69 50.96 -10.75
C LEU A 197 -17.66 51.01 -11.93
N GLU A 198 -18.92 50.65 -11.72
CA GLU A 198 -19.85 50.65 -12.83
C GLU A 198 -21.27 50.98 -12.39
N THR A 199 -21.84 50.15 -11.52
CA THR A 199 -23.25 50.31 -11.20
C THR A 199 -23.55 51.68 -10.62
N ARG A 200 -22.83 52.09 -9.56
CA ARG A 200 -23.08 53.37 -8.91
C ARG A 200 -22.63 54.55 -9.78
N PRO A 201 -21.48 54.49 -10.47
CA PRO A 201 -21.17 55.57 -11.42
C PRO A 201 -22.21 55.73 -12.51
N ASN A 202 -22.84 54.64 -12.95
CA ASN A 202 -23.91 54.76 -13.91
C ASN A 202 -25.14 55.43 -13.31
N GLN A 203 -25.57 54.99 -12.13
CA GLN A 203 -26.72 55.63 -11.53
C GLN A 203 -26.45 57.06 -11.06
N GLU A 204 -25.20 57.44 -10.87
CA GLU A 204 -24.86 58.81 -10.53
C GLU A 204 -24.40 59.63 -11.73
N GLY A 205 -24.43 59.07 -12.93
CA GLY A 205 -24.11 59.79 -14.15
C GLY A 205 -22.65 60.00 -14.43
N ILE A 206 -21.75 59.28 -13.76
CA ILE A 206 -20.32 59.44 -13.98
C ILE A 206 -19.88 58.64 -15.20
N ASP A 207 -19.08 59.28 -16.07
CA ASP A 207 -18.44 58.61 -17.20
C ASP A 207 -17.12 58.01 -16.70
N VAL A 208 -17.10 56.70 -16.52
CA VAL A 208 -15.94 56.06 -15.93
C VAL A 208 -14.72 56.21 -16.84
N ARG A 209 -14.94 56.09 -18.15
CA ARG A 209 -13.84 56.24 -19.09
C ARG A 209 -13.21 57.63 -18.99
N GLN A 210 -14.05 58.68 -18.92
CA GLN A 210 -13.52 60.02 -18.74
C GLN A 210 -12.69 60.10 -17.46
N GLU A 211 -13.17 59.45 -16.40
CA GLU A 211 -12.48 59.50 -15.12
C GLU A 211 -11.15 58.79 -15.19
N LEU A 212 -11.07 57.66 -15.90
CA LEU A 212 -9.78 57.00 -16.11
C LEU A 212 -8.81 57.90 -16.85
N LEU A 213 -9.26 58.54 -17.94
CA LEU A 213 -8.41 59.45 -18.68
C LEU A 213 -7.95 60.61 -17.81
N LYS A 214 -8.87 61.14 -17.00
CA LYS A 214 -8.56 62.25 -16.11
C LYS A 214 -7.52 61.85 -15.09
N PHE A 215 -7.75 60.71 -14.41
CA PHE A 215 -6.80 60.25 -13.41
C PHE A 215 -5.42 60.05 -14.05
N HIS A 216 -5.38 59.39 -15.20
CA HIS A 216 -4.11 59.09 -15.84
C HIS A 216 -3.37 60.36 -16.24
N SER A 217 -4.11 61.34 -16.81
CA SER A 217 -3.45 62.59 -17.18
C SER A 217 -2.97 63.34 -15.97
N ALA A 218 -3.77 63.32 -14.89
CA ALA A 218 -3.46 64.14 -13.73
C ALA A 218 -2.29 63.58 -12.92
N TYR A 219 -2.19 62.25 -12.79
CA TYR A 219 -1.23 61.70 -11.84
C TYR A 219 -0.14 60.86 -12.44
N TYR A 220 -0.30 60.33 -13.65
CA TYR A 220 0.77 59.56 -14.26
C TYR A 220 1.78 60.54 -14.87
N SER A 221 2.44 61.28 -13.99
CA SER A 221 3.40 62.30 -14.39
C SER A 221 4.83 61.81 -14.23
N SER A 222 5.70 62.22 -15.16
CA SER A 222 7.07 61.74 -15.13
C SER A 222 7.77 62.07 -13.81
N ASN A 223 7.34 63.14 -13.11
CA ASN A 223 8.03 63.51 -11.88
C ASN A 223 7.74 62.53 -10.75
N LEU A 224 6.70 61.72 -10.86
CA LEU A 224 6.37 60.74 -9.84
C LEU A 224 6.82 59.33 -10.20
N MET A 225 7.54 59.17 -11.32
CA MET A 225 7.88 57.85 -11.81
C MET A 225 9.33 57.52 -11.55
N ALA A 226 9.58 56.26 -11.21
CA ALA A 226 10.90 55.67 -11.21
C ALA A 226 10.88 54.45 -12.11
N VAL A 227 11.97 54.24 -12.85
CA VAL A 227 12.07 53.14 -13.81
C VAL A 227 13.36 52.37 -13.59
N VAL A 228 13.27 51.03 -13.62
CA VAL A 228 14.44 50.16 -13.52
C VAL A 228 14.44 49.23 -14.73
N VAL A 229 15.62 49.04 -15.34
CA VAL A 229 15.78 48.19 -16.51
C VAL A 229 17.03 47.32 -16.35
N LEU A 230 16.85 46.01 -16.52
CA LEU A 230 17.93 45.04 -16.42
C LEU A 230 18.02 44.28 -17.74
N GLY A 231 19.22 44.21 -18.30
CA GLY A 231 19.40 43.50 -19.54
C GLY A 231 20.86 43.15 -19.71
N ARG A 232 21.16 42.45 -20.82
CA ARG A 232 22.53 42.11 -21.15
C ARG A 232 23.30 43.28 -21.75
N GLU A 233 22.60 44.25 -22.34
CA GLU A 233 23.26 45.39 -22.98
C GLU A 233 24.14 46.14 -22.00
N SER A 234 25.16 46.81 -22.55
CA SER A 234 26.00 47.75 -21.81
C SER A 234 25.17 48.83 -21.13
N LEU A 235 25.71 49.41 -20.07
CA LEU A 235 25.02 50.51 -19.42
C LEU A 235 24.78 51.67 -20.38
N ASP A 236 25.70 51.87 -21.33
CA ASP A 236 25.51 52.93 -22.31
C ASP A 236 24.30 52.65 -23.19
N ASP A 237 24.26 51.48 -23.82
CA ASP A 237 23.10 51.09 -24.62
C ASP A 237 21.82 51.16 -23.80
N LEU A 238 21.89 50.75 -22.54
CA LEU A 238 20.71 50.85 -21.68
C LEU A 238 20.30 52.30 -21.49
N THR A 239 21.27 53.20 -21.30
CA THR A 239 20.93 54.61 -21.16
C THR A 239 20.26 55.13 -22.42
N ASN A 240 20.75 54.73 -23.58
CA ASN A 240 20.16 55.22 -24.82
C ASN A 240 18.75 54.70 -25.00
N LEU A 241 18.54 53.43 -24.64
CA LEU A 241 17.21 52.84 -24.80
C LEU A 241 16.20 53.46 -23.85
N VAL A 242 16.62 53.81 -22.64
CA VAL A 242 15.66 54.35 -21.67
C VAL A 242 15.31 55.78 -22.02
N VAL A 243 16.31 56.57 -22.44
CA VAL A 243 16.06 57.89 -23.02
C VAL A 243 15.08 57.80 -24.19
N LYS A 244 15.41 56.99 -25.20
CA LYS A 244 14.52 56.91 -26.36
C LYS A 244 13.05 56.76 -25.95
N LEU A 245 12.75 55.78 -25.07
CA LEU A 245 11.36 55.41 -24.83
C LEU A 245 10.66 56.24 -23.77
N PHE A 246 11.39 56.84 -22.82
CA PHE A 246 10.76 57.40 -21.63
C PHE A 246 10.87 58.92 -21.46
N SER A 247 11.84 59.59 -22.09
CA SER A 247 11.90 61.05 -21.97
C SER A 247 10.67 61.70 -22.59
N GLU A 248 9.99 60.98 -23.47
CA GLU A 248 8.70 61.36 -24.01
C GLU A 248 7.67 61.65 -22.91
N VAL A 249 7.75 60.97 -21.76
CA VAL A 249 6.69 61.06 -20.78
C VAL A 249 6.52 62.51 -20.34
N GLU A 250 5.29 62.97 -20.31
CA GLU A 250 5.05 64.37 -19.98
C GLU A 250 5.08 64.58 -18.46
N ASN A 251 5.72 65.68 -18.06
CA ASN A 251 5.86 66.06 -16.66
C ASN A 251 4.82 67.10 -16.31
N LYS A 252 3.97 66.79 -15.34
CA LYS A 252 2.99 67.75 -14.86
C LYS A 252 3.26 68.21 -13.44
N ASN A 253 4.49 68.03 -12.95
CA ASN A 253 4.93 68.54 -11.65
C ASN A 253 3.86 68.35 -10.60
N VAL A 254 3.54 67.09 -10.34
CA VAL A 254 2.47 66.81 -9.39
C VAL A 254 3.08 66.78 -7.99
N PRO A 255 2.45 67.45 -7.02
CA PRO A 255 2.90 67.34 -5.64
C PRO A 255 2.66 65.93 -5.09
N LEU A 256 3.67 65.38 -4.45
CA LEU A 256 3.55 64.11 -3.79
C LEU A 256 2.51 64.21 -2.67
N PRO A 257 1.44 63.43 -2.68
CA PRO A 257 0.44 63.54 -1.62
C PRO A 257 1.03 63.23 -0.24
N GLU A 258 0.62 64.01 0.76
CA GLU A 258 0.98 63.82 2.16
C GLU A 258 -0.28 63.54 2.94
N PHE A 259 -0.11 62.87 4.07
CA PHE A 259 -1.21 62.57 4.97
C PHE A 259 -0.71 62.87 6.37
N PRO A 260 -0.53 64.13 6.68
CA PRO A 260 0.04 64.51 7.98
C PRO A 260 -0.88 64.14 9.15
N GLU A 261 -2.19 64.32 9.03
CA GLU A 261 -3.03 63.98 10.17
C GLU A 261 -3.27 62.47 10.22
N HIS A 262 -3.12 61.92 11.41
CA HIS A 262 -3.18 60.48 11.55
C HIS A 262 -4.62 60.00 11.47
N PRO A 263 -4.87 58.90 10.77
CA PRO A 263 -6.25 58.38 10.68
C PRO A 263 -6.85 58.02 12.03
N PHE A 264 -6.07 57.78 13.06
CA PHE A 264 -6.62 57.52 14.39
C PHE A 264 -6.41 58.77 15.22
N GLN A 265 -7.50 59.47 15.51
CA GLN A 265 -7.49 60.57 16.45
C GLN A 265 -7.90 60.03 17.82
N GLU A 266 -8.05 60.91 18.75
CA GLU A 266 -8.29 60.50 20.13
C GLU A 266 -9.67 59.92 20.43
N GLU A 267 -10.68 60.17 19.62
CA GLU A 267 -11.90 59.40 19.73
C GLU A 267 -11.76 57.96 19.21
N HIS A 268 -10.71 57.66 18.46
CA HIS A 268 -10.46 56.31 17.97
C HIS A 268 -9.50 55.53 18.86
N LEU A 269 -9.00 56.13 19.93
CA LEU A 269 -8.06 55.50 20.84
C LEU A 269 -8.81 55.00 22.07
N LYS A 270 -8.11 54.14 22.83
CA LYS A 270 -8.70 53.46 24.00
C LYS A 270 -10.00 52.75 23.61
N GLN A 271 -10.04 52.23 22.38
CA GLN A 271 -11.19 51.54 21.83
C GLN A 271 -10.92 50.04 21.77
N LEU A 272 -11.99 49.26 21.92
CA LEU A 272 -11.94 47.81 21.91
C LEU A 272 -12.93 47.28 20.88
N TYR A 273 -12.47 46.40 19.99
CA TYR A 273 -13.30 45.83 18.94
C TYR A 273 -13.37 44.32 19.10
N LYS A 274 -14.57 43.75 18.98
CA LYS A 274 -14.76 42.32 19.04
C LYS A 274 -15.32 41.87 17.69
N ILE A 275 -14.62 40.95 17.04
CA ILE A 275 -14.85 40.66 15.63
C ILE A 275 -15.11 39.17 15.46
N VAL A 276 -16.11 38.86 14.64
CA VAL A 276 -16.48 37.48 14.32
C VAL A 276 -15.74 37.09 13.05
N PRO A 277 -14.91 36.06 13.07
CA PRO A 277 -14.18 35.64 11.86
C PRO A 277 -14.98 34.65 11.03
N ILE A 278 -14.45 34.36 9.84
CA ILE A 278 -14.96 33.26 9.03
C ILE A 278 -14.39 31.93 9.52
N LYS A 279 -13.07 31.78 9.41
CA LYS A 279 -12.43 30.62 9.98
C LYS A 279 -12.56 30.64 11.49
N ASP A 280 -12.35 29.47 12.12
CA ASP A 280 -12.24 29.39 13.58
C ASP A 280 -10.81 29.77 13.98
N ILE A 281 -10.61 31.06 14.27
CA ILE A 281 -9.32 31.57 14.70
C ILE A 281 -9.52 32.52 15.88
N ARG A 282 -8.51 32.63 16.74
CA ARG A 282 -8.54 33.51 17.90
C ARG A 282 -7.31 34.40 17.87
N ASN A 283 -7.51 35.71 17.68
CA ASN A 283 -6.41 36.64 17.53
C ASN A 283 -6.64 37.86 18.40
N LEU A 284 -5.53 38.48 18.79
CA LEU A 284 -5.52 39.72 19.54
C LEU A 284 -4.61 40.70 18.82
N TYR A 285 -5.14 41.84 18.42
CA TYR A 285 -4.37 42.84 17.69
C TYR A 285 -4.29 44.10 18.52
N VAL A 286 -3.08 44.52 18.90
CA VAL A 286 -2.86 45.75 19.65
C VAL A 286 -2.13 46.75 18.76
N THR A 287 -2.70 47.94 18.61
CA THR A 287 -2.18 48.94 17.69
C THR A 287 -1.98 50.26 18.42
N PHE A 288 -0.90 50.97 18.07
CA PHE A 288 -0.60 52.31 18.53
C PHE A 288 -0.38 53.20 17.31
N PRO A 289 -0.95 54.39 17.26
CA PRO A 289 -0.53 55.36 16.24
C PRO A 289 0.85 55.89 16.55
N ILE A 290 1.62 56.14 15.50
CA ILE A 290 2.95 56.72 15.65
C ILE A 290 3.21 57.66 14.49
N PRO A 291 4.06 58.66 14.71
CA PRO A 291 4.47 59.54 13.62
C PRO A 291 5.16 58.75 12.52
N ASP A 292 5.15 59.33 11.32
CA ASP A 292 5.89 58.74 10.22
C ASP A 292 7.38 58.69 10.57
N LEU A 293 7.97 57.50 10.53
CA LEU A 293 9.38 57.31 10.88
C LEU A 293 10.27 57.12 9.67
N GLN A 294 9.74 57.27 8.46
CA GLN A 294 10.52 56.94 7.27
C GLN A 294 11.79 57.77 7.19
N LYS A 295 11.72 59.05 7.57
CA LYS A 295 12.91 59.90 7.46
C LYS A 295 14.03 59.44 8.38
N TYR A 296 13.71 58.69 9.45
CA TYR A 296 14.74 58.21 10.35
C TYR A 296 15.34 56.89 9.90
N TYR A 297 15.13 56.51 8.64
CA TYR A 297 15.51 55.18 8.19
C TYR A 297 16.97 54.82 8.43
N LYS A 298 17.86 55.80 8.57
CA LYS A 298 19.28 55.47 8.76
C LYS A 298 19.54 54.92 10.16
N SER A 299 18.72 55.27 11.13
CA SER A 299 18.85 54.70 12.45
C SER A 299 17.74 53.71 12.78
N ASN A 300 16.54 53.93 12.23
CA ASN A 300 15.49 52.93 12.20
C ASN A 300 14.96 52.63 13.60
N PRO A 301 14.54 53.65 14.35
CA PRO A 301 14.05 53.38 15.71
C PRO A 301 12.96 52.33 15.77
N GLY A 302 11.97 52.38 14.86
CA GLY A 302 10.87 51.44 14.94
C GLY A 302 11.33 50.00 14.84
N HIS A 303 12.31 49.73 13.98
CA HIS A 303 12.80 48.38 13.82
C HIS A 303 13.57 47.91 15.05
N TYR A 304 14.38 48.79 15.66
CA TYR A 304 15.03 48.46 16.92
C TYR A 304 13.99 48.00 17.93
N LEU A 305 12.91 48.74 18.08
CA LEU A 305 11.91 48.38 19.07
C LEU A 305 11.16 47.12 18.67
N GLY A 306 10.91 46.94 17.37
CA GLY A 306 10.25 45.71 16.94
C GLY A 306 11.13 44.50 17.19
N HIS A 307 12.43 44.66 16.99
CA HIS A 307 13.35 43.57 17.25
C HIS A 307 13.21 43.06 18.68
N LEU A 308 13.08 43.98 19.66
CA LEU A 308 13.03 43.57 21.05
C LEU A 308 11.63 43.09 21.44
N ILE A 309 10.61 43.90 21.15
CA ILE A 309 9.24 43.52 21.51
C ILE A 309 8.83 42.23 20.79
N GLY A 310 9.26 42.06 19.55
CA GLY A 310 8.93 40.86 18.81
C GLY A 310 9.91 39.72 18.97
N HIS A 311 10.86 39.82 19.90
CA HIS A 311 11.83 38.76 20.09
C HIS A 311 11.16 37.48 20.61
N GLU A 312 11.69 36.33 20.20
CA GLU A 312 11.14 35.04 20.60
C GLU A 312 12.10 34.23 21.46
N GLY A 313 13.24 34.79 21.85
CA GLY A 313 14.20 34.05 22.62
C GLY A 313 13.93 34.11 24.10
N PRO A 314 14.84 33.54 24.89
CA PRO A 314 14.69 33.57 26.34
C PRO A 314 14.46 34.98 26.87
N GLY A 315 13.60 35.07 27.89
CA GLY A 315 13.30 36.33 28.53
C GLY A 315 12.39 37.22 27.74
N SER A 316 12.01 36.83 26.52
CA SER A 316 11.19 37.67 25.66
C SER A 316 9.74 37.72 26.15
N LEU A 317 9.01 38.69 25.61
CA LEU A 317 7.57 38.79 25.86
C LEU A 317 6.83 37.53 25.42
N LEU A 318 7.09 37.05 24.19
CA LEU A 318 6.41 35.84 23.71
C LEU A 318 6.68 34.65 24.62
N SER A 319 7.93 34.50 25.05
CA SER A 319 8.33 33.36 25.86
C SER A 319 7.48 33.20 27.12
N GLU A 320 7.14 34.32 27.76
CA GLU A 320 6.34 34.23 28.98
C GLU A 320 4.87 34.05 28.65
N LEU A 321 4.37 34.74 27.62
CA LEU A 321 3.00 34.52 27.17
C LEU A 321 2.80 33.09 26.71
N LYS A 322 3.83 32.48 26.14
CA LYS A 322 3.70 31.10 25.69
C LYS A 322 3.77 30.15 26.87
N SER A 323 4.63 30.43 27.84
CA SER A 323 4.72 29.52 28.97
C SER A 323 3.54 29.66 29.91
N LYS A 324 2.82 30.79 29.86
CA LYS A 324 1.57 30.87 30.60
C LYS A 324 0.44 30.18 29.87
N GLY A 325 0.71 29.64 28.67
CA GLY A 325 -0.27 28.95 27.87
C GLY A 325 -1.29 29.83 27.18
N TRP A 326 -0.98 31.11 26.94
CA TRP A 326 -1.94 32.09 26.42
C TRP A 326 -1.78 32.38 24.93
N VAL A 327 -0.56 32.31 24.42
CA VAL A 327 -0.20 32.79 23.09
C VAL A 327 0.75 31.78 22.45
N ASN A 328 0.71 31.68 21.14
CA ASN A 328 1.66 30.78 20.47
C ASN A 328 2.62 31.52 19.57
N THR A 329 2.15 32.57 18.92
CA THR A 329 2.96 33.33 18.01
C THR A 329 2.74 34.80 18.35
N LEU A 330 3.75 35.61 18.06
CA LEU A 330 3.70 37.04 18.31
C LEU A 330 4.43 37.78 17.19
N VAL A 331 3.85 38.89 16.75
CA VAL A 331 4.48 39.79 15.80
C VAL A 331 4.48 41.20 16.39
N GLY A 332 5.61 41.88 16.29
CA GLY A 332 5.72 43.23 16.83
C GLY A 332 6.63 44.08 15.98
N GLY A 333 6.30 45.36 15.92
CA GLY A 333 7.15 46.30 15.21
C GLY A 333 6.32 47.36 14.52
N GLN A 334 6.98 48.10 13.63
CA GLN A 334 6.33 49.19 12.95
C GLN A 334 5.63 48.70 11.70
N LYS A 335 4.45 49.24 11.46
CA LYS A 335 3.63 48.90 10.30
C LYS A 335 3.50 50.16 9.45
N GLU A 336 3.81 50.01 8.17
CA GLU A 336 3.66 51.09 7.21
C GLU A 336 2.26 51.69 7.22
N GLY A 337 2.18 52.94 6.80
CA GLY A 337 0.91 53.62 6.65
C GLY A 337 0.88 54.46 5.39
N ALA A 338 1.31 55.72 5.47
CA ALA A 338 1.54 56.52 4.30
C ALA A 338 2.46 57.66 4.72
N ARG A 339 2.90 58.44 3.75
CA ARG A 339 3.63 59.67 4.07
C ARG A 339 2.81 60.46 5.07
N GLY A 340 3.25 60.52 6.32
CA GLY A 340 2.59 61.27 7.36
C GLY A 340 2.17 60.46 8.57
N PHE A 341 2.01 59.14 8.40
CA PHE A 341 1.52 58.36 9.54
C PHE A 341 1.96 56.91 9.43
N MET A 342 2.13 56.28 10.59
CA MET A 342 2.59 54.90 10.69
C MET A 342 1.88 54.25 11.88
N PHE A 343 2.14 52.98 12.10
CA PHE A 343 1.60 52.31 13.27
C PHE A 343 2.67 51.43 13.90
N PHE A 344 2.50 51.16 15.17
CA PHE A 344 3.27 50.14 15.85
C PHE A 344 2.31 49.07 16.35
N ILE A 345 2.59 47.80 16.05
CA ILE A 345 1.66 46.70 16.33
C ILE A 345 2.31 45.63 17.20
N ILE A 346 1.47 45.00 18.02
CA ILE A 346 1.81 43.78 18.74
C ILE A 346 0.62 42.85 18.56
N ASN A 347 0.79 41.82 17.74
CA ASN A 347 -0.28 40.88 17.41
C ASN A 347 0.10 39.47 17.86
N VAL A 348 -0.84 38.81 18.53
CA VAL A 348 -0.67 37.45 19.02
C VAL A 348 -1.86 36.62 18.57
N ASP A 349 -1.63 35.33 18.39
CA ASP A 349 -2.78 34.44 18.36
C ASP A 349 -3.08 34.01 19.80
N LEU A 350 -4.25 33.39 19.98
CA LEU A 350 -4.73 33.11 21.32
C LEU A 350 -5.08 31.64 21.47
N THR A 351 -4.67 31.05 22.60
CA THR A 351 -5.20 29.77 23.02
C THR A 351 -6.60 29.94 23.58
N GLU A 352 -7.22 28.83 23.94
CA GLU A 352 -8.52 28.95 24.59
C GLU A 352 -8.40 29.71 25.91
N GLU A 353 -7.36 29.43 26.69
CA GLU A 353 -7.10 30.23 27.90
C GLU A 353 -6.73 31.67 27.55
N GLY A 354 -5.89 31.87 26.54
CA GLY A 354 -5.53 33.23 26.18
C GLY A 354 -6.75 34.10 25.93
N LEU A 355 -7.75 33.53 25.23
CA LEU A 355 -8.98 34.26 24.96
C LEU A 355 -9.64 34.75 26.25
N LEU A 356 -9.45 34.04 27.36
CA LEU A 356 -10.05 34.43 28.62
C LEU A 356 -9.18 35.39 29.41
N HIS A 357 -7.98 35.69 28.92
CA HIS A 357 -7.01 36.46 29.68
C HIS A 357 -6.45 37.61 28.85
N VAL A 358 -7.25 38.14 27.94
CA VAL A 358 -6.77 39.20 27.07
C VAL A 358 -6.31 40.40 27.89
N GLU A 359 -7.04 40.72 28.95
CA GLU A 359 -6.62 41.81 29.83
C GLU A 359 -5.21 41.61 30.33
N ASP A 360 -4.89 40.41 30.79
CA ASP A 360 -3.56 40.18 31.35
C ASP A 360 -2.51 40.08 30.27
N ILE A 361 -2.86 39.52 29.11
CA ILE A 361 -1.91 39.50 28.00
C ILE A 361 -1.41 40.89 27.71
N ILE A 362 -2.33 41.87 27.74
CA ILE A 362 -1.94 43.23 27.40
C ILE A 362 -1.15 43.84 28.55
N LEU A 363 -1.48 43.51 29.79
CA LEU A 363 -0.69 43.97 30.91
C LEU A 363 0.75 43.53 30.74
N HIS A 364 0.95 42.24 30.41
CA HIS A 364 2.29 41.73 30.15
C HIS A 364 2.97 42.49 29.02
N MET A 365 2.19 42.91 28.02
CA MET A 365 2.77 43.74 26.97
C MET A 365 3.35 45.03 27.53
N PHE A 366 2.54 45.76 28.31
CA PHE A 366 3.02 47.04 28.84
C PHE A 366 4.11 46.85 29.89
N GLN A 367 4.12 45.72 30.59
CA GLN A 367 5.25 45.42 31.46
C GLN A 367 6.55 45.33 30.67
N TYR A 368 6.54 44.63 29.53
CA TYR A 368 7.75 44.53 28.72
C TYR A 368 8.14 45.88 28.14
N ILE A 369 7.15 46.68 27.73
CA ILE A 369 7.44 48.04 27.28
C ILE A 369 8.05 48.85 28.40
N GLN A 370 7.52 48.72 29.62
CA GLN A 370 8.05 49.44 30.76
C GLN A 370 9.49 49.05 31.07
N LYS A 371 9.83 47.77 30.94
CA LYS A 371 11.22 47.39 31.18
C LYS A 371 12.14 48.02 30.14
N LEU A 372 11.69 48.14 28.90
CA LEU A 372 12.52 48.83 27.91
C LEU A 372 12.71 50.29 28.28
N ARG A 373 11.69 50.91 28.88
CA ARG A 373 11.83 52.28 29.34
C ARG A 373 12.85 52.37 30.47
N ALA A 374 12.78 51.43 31.41
CA ALA A 374 13.69 51.44 32.56
C ALA A 374 15.14 51.22 32.13
N GLU A 375 15.43 50.13 31.43
CA GLU A 375 16.78 49.93 30.91
C GLU A 375 17.25 51.08 30.03
N GLY A 376 16.34 51.75 29.33
CA GLY A 376 16.72 52.67 28.28
C GLY A 376 17.38 51.98 27.09
N PRO A 377 17.59 52.73 26.01
CA PRO A 377 18.13 52.10 24.78
C PRO A 377 19.49 51.47 25.01
N GLN A 378 19.79 50.45 24.20
CA GLN A 378 20.99 49.61 24.32
C GLN A 378 21.76 49.61 22.99
N GLU A 379 22.84 50.39 22.92
CA GLU A 379 23.55 50.51 21.65
C GLU A 379 24.11 49.16 21.20
N TRP A 380 24.48 48.28 22.12
CA TRP A 380 25.05 47.00 21.71
C TRP A 380 24.04 46.20 20.92
N VAL A 381 22.75 46.33 21.27
CA VAL A 381 21.69 45.70 20.49
C VAL A 381 21.71 46.24 19.07
N PHE A 382 21.57 47.56 18.94
CA PHE A 382 21.62 48.22 17.63
C PHE A 382 22.90 47.88 16.89
N GLN A 383 24.03 47.86 17.59
CA GLN A 383 25.28 47.52 16.90
C GLN A 383 25.23 46.10 16.37
N GLU A 384 24.56 45.19 17.10
CA GLU A 384 24.46 43.82 16.61
C GLU A 384 23.60 43.77 15.35
N LEU A 385 22.48 44.50 15.34
CA LEU A 385 21.63 44.55 14.15
C LEU A 385 22.41 45.09 12.96
N LYS A 386 23.07 46.24 13.16
CA LYS A 386 23.91 46.84 12.14
C LYS A 386 24.85 45.82 11.52
N ASP A 387 25.53 45.06 12.36
CA ASP A 387 26.59 44.18 11.87
C ASP A 387 26.00 42.98 11.15
N LEU A 388 24.85 42.47 11.63
CA LEU A 388 24.19 41.36 10.96
C LEU A 388 23.62 41.81 9.61
N ASN A 389 22.95 42.95 9.58
CA ASN A 389 22.46 43.47 8.30
C ASN A 389 23.60 43.64 7.32
N ALA A 390 24.75 44.11 7.81
CA ALA A 390 25.89 44.31 6.93
C ALA A 390 26.30 42.99 6.30
N VAL A 391 26.39 41.93 7.11
CA VAL A 391 26.75 40.64 6.56
C VAL A 391 25.68 40.15 5.58
N ALA A 392 24.41 40.30 5.96
CA ALA A 392 23.32 39.91 5.07
C ALA A 392 23.41 40.62 3.73
N PHE A 393 23.68 41.93 3.75
CA PHE A 393 23.79 42.63 2.48
C PHE A 393 24.98 42.12 1.68
N ARG A 394 26.10 41.91 2.33
CA ARG A 394 27.29 41.53 1.60
C ARG A 394 27.11 40.21 0.86
N PHE A 395 26.45 39.24 1.49
CA PHE A 395 26.30 37.91 0.91
C PHE A 395 24.89 37.66 0.40
N LYS A 396 24.15 38.73 0.13
CA LYS A 396 22.78 38.60 -0.35
C LYS A 396 22.73 37.76 -1.63
N ASP A 397 21.81 36.80 -1.67
CA ASP A 397 21.66 35.98 -2.87
C ASP A 397 21.29 36.86 -4.08
N LYS A 398 21.76 36.46 -5.26
CA LYS A 398 21.39 37.17 -6.48
C LYS A 398 19.91 36.96 -6.80
N GLU A 399 19.18 38.06 -7.01
CA GLU A 399 17.73 38.00 -7.21
C GLU A 399 17.38 37.62 -8.65
N ARG A 400 16.15 37.17 -8.83
CA ARG A 400 15.61 37.03 -10.17
C ARG A 400 15.31 38.42 -10.74
N PRO A 401 15.60 38.63 -12.02
CA PRO A 401 15.37 39.98 -12.61
C PRO A 401 14.00 40.59 -12.34
N ARG A 402 12.92 39.84 -12.59
CA ARG A 402 11.59 40.45 -12.53
C ARG A 402 11.32 41.04 -11.16
N GLY A 403 11.61 40.28 -10.11
CA GLY A 403 11.35 40.77 -8.77
C GLY A 403 12.31 41.89 -8.34
N TYR A 404 13.56 41.81 -8.81
CA TYR A 404 14.57 42.81 -8.48
C TYR A 404 14.21 44.18 -9.05
N THR A 405 13.87 44.24 -10.35
CA THR A 405 13.54 45.53 -10.95
C THR A 405 12.31 46.15 -10.28
N SER A 406 11.31 45.31 -9.97
CA SER A 406 10.11 45.84 -9.33
C SER A 406 10.41 46.36 -7.93
N LYS A 407 11.23 45.64 -7.17
CA LYS A 407 11.58 46.06 -5.82
C LYS A 407 12.28 47.42 -5.86
N ILE A 408 13.33 47.52 -6.69
CA ILE A 408 14.15 48.73 -6.76
C ILE A 408 13.31 49.92 -7.21
N ALA A 409 12.51 49.73 -8.27
CA ALA A 409 11.68 50.83 -8.75
C ALA A 409 10.79 51.39 -7.65
N GLY A 410 10.42 50.58 -6.67
CA GLY A 410 9.61 51.09 -5.59
C GLY A 410 10.40 51.97 -4.64
N ILE A 411 11.66 51.62 -4.39
CA ILE A 411 12.43 52.35 -3.38
C ILE A 411 13.25 53.50 -3.96
N LEU A 412 13.39 53.58 -5.29
CA LEU A 412 14.08 54.74 -5.88
C LEU A 412 13.44 56.04 -5.43
N HIS A 413 12.14 56.01 -5.09
CA HIS A 413 11.45 57.19 -4.58
C HIS A 413 11.88 57.60 -3.19
N TYR A 414 12.66 56.78 -2.48
CA TYR A 414 12.92 57.02 -1.07
C TYR A 414 14.37 57.27 -0.73
N TYR A 415 15.30 56.90 -1.61
CA TYR A 415 16.72 56.96 -1.31
C TYR A 415 17.48 57.54 -2.50
N PRO A 416 18.63 58.16 -2.24
CA PRO A 416 19.45 58.68 -3.35
C PRO A 416 19.97 57.55 -4.22
N LEU A 417 20.29 57.89 -5.45
CA LEU A 417 20.65 56.85 -6.41
C LEU A 417 21.85 56.04 -5.94
N GLU A 418 22.91 56.71 -5.46
CA GLU A 418 24.15 55.97 -5.17
C GLU A 418 23.97 54.97 -4.04
N GLU A 419 22.89 55.09 -3.28
CA GLU A 419 22.68 54.31 -2.07
C GLU A 419 21.39 53.49 -2.10
N VAL A 420 20.74 53.38 -3.26
CA VAL A 420 19.43 52.72 -3.31
C VAL A 420 19.57 51.22 -3.01
N LEU A 421 20.69 50.61 -3.40
CA LEU A 421 20.88 49.20 -3.09
C LEU A 421 21.13 48.97 -1.60
N THR A 422 21.68 49.95 -0.90
CA THR A 422 22.10 49.72 0.48
C THR A 422 21.16 50.33 1.52
N ALA A 423 20.27 51.23 1.14
CA ALA A 423 19.58 52.03 2.15
C ALA A 423 18.77 51.15 3.10
N GLU A 424 18.20 50.05 2.60
CA GLU A 424 17.34 49.23 3.45
C GLU A 424 18.12 48.27 4.31
N TYR A 425 19.43 48.14 4.10
CA TYR A 425 20.27 47.20 4.83
C TYR A 425 21.22 47.86 5.80
N LEU A 426 21.91 48.95 5.40
CA LEU A 426 23.07 49.46 6.12
C LEU A 426 22.67 50.58 7.08
N LEU A 427 22.52 50.23 8.37
CA LEU A 427 22.23 51.21 9.41
C LEU A 427 23.42 52.15 9.64
N GLU A 428 23.11 53.39 10.02
CA GLU A 428 24.18 54.36 10.28
C GLU A 428 24.44 54.44 11.78
N GLU A 429 24.12 55.57 12.42
CA GLU A 429 24.48 55.81 13.80
C GLU A 429 23.27 55.63 14.70
N PHE A 430 23.56 55.25 15.95
CA PHE A 430 22.55 55.01 16.96
C PHE A 430 21.87 56.32 17.35
N ARG A 431 20.56 56.32 17.44
CA ARG A 431 19.80 57.52 17.80
C ARG A 431 18.87 57.21 18.95
N PRO A 432 19.41 57.00 20.16
CA PRO A 432 18.55 56.66 21.31
C PRO A 432 17.44 57.65 21.56
N ASP A 433 17.59 58.91 21.14
CA ASP A 433 16.52 59.89 21.32
C ASP A 433 15.28 59.49 20.52
N LEU A 434 15.46 59.09 19.26
CA LEU A 434 14.34 58.61 18.46
C LEU A 434 13.68 57.37 19.08
N ILE A 435 14.49 56.45 19.61
CA ILE A 435 13.92 55.28 20.25
C ILE A 435 13.09 55.68 21.46
N GLU A 436 13.57 56.62 22.26
CA GLU A 436 12.77 57.04 23.39
C GLU A 436 11.52 57.78 22.94
N MET A 437 11.60 58.48 21.81
CA MET A 437 10.44 59.18 21.29
C MET A 437 9.34 58.21 20.88
N VAL A 438 9.70 57.18 20.09
CA VAL A 438 8.72 56.20 19.64
C VAL A 438 8.16 55.45 20.83
N LEU A 439 9.05 54.95 21.69
CA LEU A 439 8.64 54.23 22.88
C LEU A 439 7.63 55.03 23.69
N ASP A 440 7.73 56.35 23.66
CA ASP A 440 6.80 57.18 24.41
C ASP A 440 5.39 57.10 23.86
N LYS A 441 5.21 56.68 22.60
CA LYS A 441 3.87 56.52 22.05
C LYS A 441 3.21 55.22 22.49
N LEU A 442 4.00 54.27 22.99
CA LEU A 442 3.50 52.92 23.30
C LEU A 442 2.97 52.89 24.73
N ARG A 443 1.84 53.57 24.91
CA ARG A 443 1.24 53.74 26.23
C ARG A 443 -0.24 53.39 26.20
N PRO A 444 -0.77 52.93 27.32
CA PRO A 444 -2.18 52.54 27.37
C PRO A 444 -3.14 53.59 26.82
N GLU A 445 -2.84 54.87 27.00
CA GLU A 445 -3.80 55.87 26.58
C GLU A 445 -3.87 56.02 25.08
N ASN A 446 -2.94 55.41 24.33
CA ASN A 446 -2.96 55.48 22.87
C ASN A 446 -3.33 54.15 22.21
N VAL A 447 -3.92 53.22 22.93
CA VAL A 447 -3.97 51.86 22.42
C VAL A 447 -5.31 51.61 21.74
N ARG A 448 -5.26 50.75 20.72
CA ARG A 448 -6.44 50.16 20.10
C ARG A 448 -6.33 48.65 20.24
N VAL A 449 -7.42 48.00 20.65
CA VAL A 449 -7.42 46.57 20.90
C VAL A 449 -8.53 45.90 20.10
N ALA A 450 -8.17 44.88 19.31
CA ALA A 450 -9.14 44.07 18.58
C ALA A 450 -8.94 42.60 18.92
N ILE A 451 -10.04 41.94 19.30
CA ILE A 451 -10.09 40.51 19.57
C ILE A 451 -10.91 39.85 18.47
N VAL A 452 -10.38 38.80 17.86
CA VAL A 452 -11.09 38.03 16.86
C VAL A 452 -11.38 36.66 17.43
N SER A 453 -12.66 36.30 17.53
CA SER A 453 -13.06 35.00 18.05
C SER A 453 -14.50 34.71 17.65
N LYS A 454 -14.76 33.46 17.23
CA LYS A 454 -16.13 33.04 16.92
C LYS A 454 -17.04 33.12 18.14
N SER A 455 -16.47 33.20 19.36
CA SER A 455 -17.28 33.36 20.56
C SER A 455 -18.10 34.64 20.59
N PHE A 456 -17.79 35.59 19.71
CA PHE A 456 -18.59 36.79 19.62
C PHE A 456 -19.76 36.64 18.68
N GLU A 457 -19.84 35.51 17.98
CA GLU A 457 -20.97 35.23 17.10
C GLU A 457 -22.28 35.46 17.85
N GLY A 458 -23.12 36.36 17.32
CA GLY A 458 -24.40 36.63 17.92
C GLY A 458 -24.36 37.65 19.05
N LYS A 459 -23.19 38.23 19.29
CA LYS A 459 -22.91 39.20 20.34
C LYS A 459 -22.51 40.55 19.77
N THR A 460 -22.62 40.72 18.46
CA THR A 460 -22.16 41.94 17.81
C THR A 460 -23.35 42.78 17.38
N ASP A 461 -23.07 44.04 17.08
CA ASP A 461 -24.13 44.96 16.69
C ASP A 461 -23.75 45.84 15.49
N ARG A 462 -22.62 45.61 14.84
CA ARG A 462 -22.20 46.45 13.73
C ARG A 462 -21.84 45.59 12.52
N THR A 463 -21.82 46.25 11.37
CA THR A 463 -21.54 45.58 10.09
C THR A 463 -20.64 46.48 9.26
N GLU A 464 -19.45 46.01 8.94
CA GLU A 464 -18.60 46.75 8.02
C GLU A 464 -19.17 46.66 6.61
N GLU A 465 -19.12 47.79 5.91
CA GLU A 465 -19.88 47.94 4.66
C GLU A 465 -19.35 47.04 3.54
N TRP A 466 -18.04 47.04 3.33
CA TRP A 466 -17.47 46.45 2.12
C TRP A 466 -17.40 44.94 2.16
N TYR A 467 -17.14 44.34 3.33
CA TYR A 467 -16.98 42.90 3.47
C TYR A 467 -18.08 42.25 4.28
N GLY A 468 -18.88 43.03 4.99
CA GLY A 468 -19.95 42.51 5.81
C GLY A 468 -19.55 42.07 7.21
N THR A 469 -18.28 42.24 7.57
CA THR A 469 -17.76 41.80 8.86
C THR A 469 -18.68 42.21 10.01
N GLN A 470 -18.99 41.26 10.88
CA GLN A 470 -19.79 41.47 12.08
C GLN A 470 -18.87 41.82 13.24
N TYR A 471 -19.10 42.96 13.88
CA TYR A 471 -18.27 43.33 15.01
C TYR A 471 -19.04 44.22 15.96
N LYS A 472 -18.38 44.56 17.05
CA LYS A 472 -18.91 45.37 18.11
C LYS A 472 -17.77 46.26 18.58
N GLN A 473 -18.09 47.48 18.96
CA GLN A 473 -17.07 48.42 19.39
C GLN A 473 -17.44 48.95 20.76
N GLU A 474 -16.44 49.11 21.62
CA GLU A 474 -16.76 49.58 22.95
C GLU A 474 -15.51 50.27 23.47
N ALA A 475 -15.67 51.13 24.46
CA ALA A 475 -14.52 51.85 24.98
C ALA A 475 -13.86 51.00 26.05
N ILE A 476 -12.53 51.07 26.12
CA ILE A 476 -11.85 50.36 27.19
C ILE A 476 -12.10 51.11 28.50
N PRO A 477 -12.59 50.43 29.55
CA PRO A 477 -12.92 51.15 30.79
C PRO A 477 -11.70 51.81 31.38
N ASP A 478 -11.87 53.03 31.90
CA ASP A 478 -10.70 53.72 32.40
C ASP A 478 -10.05 52.98 33.57
N GLU A 479 -10.81 52.15 34.30
CA GLU A 479 -10.15 51.38 35.34
C GLU A 479 -9.15 50.39 34.73
N VAL A 480 -9.39 49.97 33.48
CA VAL A 480 -8.47 49.03 32.84
C VAL A 480 -7.29 49.78 32.24
N ILE A 481 -7.52 50.96 31.68
CA ILE A 481 -6.40 51.77 31.21
C ILE A 481 -5.42 52.00 32.35
N LYS A 482 -5.97 52.35 33.50
CA LYS A 482 -5.13 52.71 34.64
C LYS A 482 -4.27 51.52 35.08
N LYS A 483 -4.88 50.33 35.24
CA LYS A 483 -4.11 49.15 35.63
C LYS A 483 -2.96 48.92 34.68
N TRP A 484 -3.18 49.16 33.38
CA TRP A 484 -2.10 49.00 32.41
C TRP A 484 -1.04 50.09 32.58
N GLN A 485 -1.48 51.32 32.88
CA GLN A 485 -0.53 52.41 33.12
C GLN A 485 0.36 52.15 34.32
N ASN A 486 -0.12 51.38 35.30
CA ASN A 486 0.61 51.09 36.53
C ASN A 486 1.35 49.77 36.46
N ALA A 487 1.65 49.30 35.25
CA ALA A 487 2.33 48.02 35.09
C ALA A 487 3.68 48.01 35.81
N ASP A 488 3.81 47.11 36.78
CA ASP A 488 5.07 46.90 37.46
C ASP A 488 6.09 46.24 36.55
N LEU A 489 7.34 46.23 36.98
CA LEU A 489 8.32 45.43 36.26
C LEU A 489 8.11 43.96 36.60
N ASN A 490 8.34 43.10 35.61
CA ASN A 490 8.10 41.67 35.71
C ASN A 490 9.43 40.95 35.58
N GLY A 491 9.87 40.31 36.66
CA GLY A 491 11.13 39.58 36.63
C GLY A 491 11.31 38.60 35.48
N LYS A 492 10.22 38.10 34.89
CA LYS A 492 10.34 37.16 33.80
C LYS A 492 10.85 37.79 32.50
N PHE A 493 10.89 39.12 32.40
CA PHE A 493 11.32 39.79 31.17
C PHE A 493 12.76 40.28 31.29
N LYS A 494 13.57 39.95 30.28
CA LYS A 494 14.99 40.26 30.23
C LYS A 494 15.40 40.49 28.78
N LEU A 495 16.26 41.48 28.55
CA LEU A 495 16.72 41.73 27.18
C LEU A 495 17.40 40.48 26.61
N PRO A 496 17.42 40.33 25.29
CA PRO A 496 18.15 39.21 24.70
C PRO A 496 19.60 39.18 25.13
N THR A 497 20.20 38.01 25.08
CA THR A 497 21.64 37.93 25.23
C THR A 497 22.33 38.05 23.88
N LYS A 498 23.65 38.24 23.91
CA LYS A 498 24.42 38.38 22.69
C LYS A 498 24.21 37.14 21.81
N ASN A 499 23.82 37.37 20.55
CA ASN A 499 23.50 36.27 19.65
C ASN A 499 24.70 35.34 19.43
N GLU A 500 24.61 34.11 19.92
CA GLU A 500 25.77 33.21 19.81
C GLU A 500 25.89 32.57 18.45
N PHE A 501 24.95 32.80 17.55
CA PHE A 501 24.96 32.16 16.24
C PHE A 501 25.55 33.05 15.16
N ILE A 502 25.96 34.27 15.50
CA ILE A 502 26.55 35.19 14.54
C ILE A 502 27.68 34.51 13.79
N PRO A 503 27.63 34.46 12.47
CA PRO A 503 28.66 33.74 11.71
C PRO A 503 29.94 34.54 11.62
N THR A 504 31.07 33.83 11.62
CA THR A 504 32.37 34.48 11.59
C THR A 504 33.36 33.87 10.61
N ASN A 505 33.16 32.64 10.13
CA ASN A 505 34.05 32.08 9.12
C ASN A 505 33.35 32.14 7.76
N PHE A 506 33.72 33.14 6.95
CA PHE A 506 33.17 33.32 5.62
C PHE A 506 34.10 32.81 4.51
N GLU A 507 35.18 32.15 4.89
CA GLU A 507 36.05 31.50 3.92
C GLU A 507 35.28 30.66 2.92
N ILE A 508 35.61 30.80 1.63
CA ILE A 508 35.04 29.96 0.59
C ILE A 508 36.01 28.84 0.29
N LEU A 509 35.65 27.63 0.66
CA LEU A 509 36.58 26.51 0.47
C LEU A 509 36.90 26.34 -1.02
N PRO A 510 38.15 26.03 -1.36
CA PRO A 510 38.53 25.95 -2.78
C PRO A 510 37.90 24.76 -3.46
N LEU A 511 37.52 24.94 -4.72
CA LEU A 511 36.97 23.81 -5.46
C LEU A 511 37.89 22.61 -5.44
N GLU A 512 37.48 21.54 -4.74
CA GLU A 512 38.19 20.28 -4.76
C GLU A 512 38.47 19.86 -6.20
N LYS A 513 39.50 19.06 -6.43
CA LYS A 513 39.86 18.82 -7.83
C LYS A 513 38.91 17.85 -8.52
N GLU A 514 38.16 17.05 -7.78
CA GLU A 514 37.17 16.17 -8.39
C GLU A 514 35.74 16.61 -8.07
N ALA A 515 35.53 17.90 -7.87
CA ALA A 515 34.19 18.44 -7.83
C ALA A 515 33.44 18.09 -9.12
N THR A 516 32.11 18.01 -9.00
CA THR A 516 31.18 17.65 -10.07
C THR A 516 30.38 18.86 -10.50
N PRO A 517 29.96 18.94 -11.76
CA PRO A 517 28.98 19.96 -12.12
C PRO A 517 27.61 19.67 -11.54
N TYR A 518 27.26 18.40 -11.37
CA TYR A 518 25.99 17.98 -10.83
C TYR A 518 26.21 17.19 -9.53
N PRO A 519 25.16 16.98 -8.74
CA PRO A 519 25.36 16.25 -7.48
C PRO A 519 25.80 14.82 -7.76
N ALA A 520 26.65 14.29 -6.89
CA ALA A 520 27.22 12.96 -7.07
C ALA A 520 26.80 12.08 -5.91
N LEU A 521 26.40 10.84 -6.23
CA LEU A 521 26.04 9.89 -5.20
C LEU A 521 27.29 9.42 -4.48
N ILE A 522 27.63 10.04 -3.34
CA ILE A 522 28.89 9.74 -2.68
C ILE A 522 28.70 8.82 -1.49
N LYS A 523 27.52 8.27 -1.30
CA LYS A 523 27.33 7.30 -0.23
C LYS A 523 26.01 6.61 -0.50
N ASP A 524 26.00 5.28 -0.35
CA ASP A 524 24.85 4.50 -0.81
C ASP A 524 24.80 3.22 0.02
N THR A 525 24.30 3.34 1.23
CA THR A 525 24.20 2.22 2.14
C THR A 525 22.72 1.86 2.31
N ALA A 526 22.48 0.80 3.07
CA ALA A 526 21.10 0.42 3.35
C ALA A 526 20.38 1.54 4.04
N MET A 527 21.09 2.41 4.73
CA MET A 527 20.42 3.46 5.45
C MET A 527 20.51 4.83 4.79
N SER A 528 21.53 5.11 4.00
CA SER A 528 21.71 6.46 3.48
C SER A 528 22.06 6.44 2.00
N LYS A 529 21.30 7.21 1.21
CA LYS A 529 21.74 7.71 -0.08
C LYS A 529 22.13 9.17 0.12
N LEU A 530 23.39 9.51 -0.16
CA LEU A 530 23.92 10.85 0.09
C LEU A 530 24.36 11.46 -1.23
N TRP A 531 23.65 12.50 -1.65
CA TRP A 531 23.99 13.27 -2.84
C TRP A 531 24.73 14.53 -2.43
N PHE A 532 25.87 14.80 -3.09
CA PHE A 532 26.76 15.88 -2.71
C PHE A 532 27.18 16.66 -3.94
N LYS A 533 27.23 17.99 -3.80
CA LYS A 533 27.85 18.86 -4.79
C LYS A 533 28.44 20.07 -4.10
N GLN A 534 29.71 20.35 -4.40
CA GLN A 534 30.32 21.58 -3.93
C GLN A 534 29.88 22.73 -4.81
N ASP A 535 29.46 23.84 -4.19
CA ASP A 535 29.03 24.99 -4.96
C ASP A 535 30.15 25.45 -5.90
N ASP A 536 29.82 25.64 -7.19
CA ASP A 536 30.79 26.17 -8.14
C ASP A 536 30.21 27.31 -8.98
N LYS A 537 29.11 27.94 -8.57
CA LYS A 537 28.59 29.07 -9.33
C LYS A 537 28.59 30.36 -8.49
N PHE A 538 28.19 30.25 -7.20
CA PHE A 538 27.83 31.42 -6.43
C PHE A 538 28.87 31.85 -5.42
N PHE A 539 29.62 30.90 -4.84
CA PHE A 539 30.76 31.23 -3.99
C PHE A 539 30.35 32.20 -2.88
N LEU A 540 29.24 31.93 -2.27
CA LEU A 540 28.84 32.54 -1.02
C LEU A 540 29.04 31.56 0.12
N PRO A 541 29.31 32.04 1.35
CA PRO A 541 29.59 31.12 2.47
C PRO A 541 28.31 30.55 3.09
N LYS A 542 27.55 29.84 2.25
CA LYS A 542 26.27 29.27 2.63
C LYS A 542 26.21 27.83 2.15
N ALA A 543 25.32 27.04 2.78
CA ALA A 543 25.08 25.68 2.32
C ALA A 543 23.61 25.30 2.55
N ASN A 544 23.13 24.41 1.69
CA ASN A 544 21.81 23.82 1.82
C ASN A 544 21.96 22.35 2.12
N LEU A 545 21.22 21.88 3.13
CA LEU A 545 21.30 20.50 3.60
C LEU A 545 19.89 19.93 3.62
N ASN A 546 19.64 18.95 2.76
CA ASN A 546 18.29 18.42 2.51
C ASN A 546 18.22 16.94 2.87
N PHE A 547 17.28 16.58 3.75
CA PHE A 547 17.12 15.19 4.20
C PHE A 547 15.66 14.75 4.08
N GLU A 548 15.43 13.68 3.30
CA GLU A 548 14.18 12.93 3.36
C GLU A 548 14.37 11.75 4.30
N PHE A 549 13.56 11.68 5.35
CA PHE A 549 13.51 10.53 6.24
C PHE A 549 12.32 9.70 5.81
N PHE A 550 12.57 8.57 5.16
CA PHE A 550 11.49 7.71 4.72
C PHE A 550 11.16 6.72 5.83
N SER A 551 9.86 6.57 6.12
CA SER A 551 9.36 5.57 7.08
C SER A 551 7.94 5.17 6.76
N PRO A 552 7.63 3.87 6.71
CA PRO A 552 6.24 3.43 6.40
C PRO A 552 5.23 3.88 7.42
N PHE A 553 5.65 4.33 8.59
CA PHE A 553 4.71 4.62 9.64
C PHE A 553 4.31 6.08 9.71
N ALA A 554 4.83 6.90 8.80
CA ALA A 554 4.48 8.30 8.76
C ALA A 554 3.09 8.51 8.20
N TYR A 555 2.60 7.58 7.38
CA TYR A 555 1.37 7.80 6.63
C TYR A 555 0.52 6.54 6.50
N VAL A 556 0.73 5.55 7.35
CA VAL A 556 0.10 4.24 7.15
C VAL A 556 -1.42 4.33 7.34
N ASP A 557 -1.88 5.20 8.22
CA ASP A 557 -3.30 5.43 8.45
C ASP A 557 -3.46 6.85 8.96
N PRO A 558 -4.70 7.37 8.99
CA PRO A 558 -4.90 8.76 9.43
C PRO A 558 -4.36 9.04 10.83
N LEU A 559 -4.51 8.09 11.76
CA LEU A 559 -3.99 8.33 13.10
C LEU A 559 -2.48 8.54 13.08
N HIS A 560 -1.76 7.76 12.26
CA HIS A 560 -0.32 7.90 12.22
C HIS A 560 0.10 9.14 11.48
N SER A 561 -0.72 9.58 10.52
CA SER A 561 -0.36 10.82 9.85
C SER A 561 -0.52 12.00 10.80
N ASN A 562 -1.63 12.04 11.57
CA ASN A 562 -1.78 13.04 12.63
C ASN A 562 -0.60 13.02 13.58
N MET A 563 -0.05 11.85 13.84
CA MET A 563 0.96 11.79 14.87
C MET A 563 2.30 12.24 14.34
N ALA A 564 2.59 11.91 13.08
CA ALA A 564 3.77 12.47 12.45
C ALA A 564 3.72 13.99 12.47
N TYR A 565 2.55 14.55 12.17
CA TYR A 565 2.40 16.00 12.14
C TYR A 565 2.64 16.60 13.52
N LEU A 566 1.94 16.08 14.52
CA LEU A 566 2.03 16.64 15.87
C LEU A 566 3.45 16.51 16.42
N TYR A 567 4.12 15.42 16.09
CA TYR A 567 5.50 15.23 16.53
C TYR A 567 6.38 16.38 16.04
N LEU A 568 6.34 16.68 14.74
CA LEU A 568 7.22 17.71 14.20
C LEU A 568 6.79 19.12 14.64
N GLU A 569 5.49 19.37 14.72
CA GLU A 569 5.02 20.64 15.28
C GLU A 569 5.51 20.82 16.71
N LEU A 570 5.33 19.78 17.55
CA LEU A 570 5.77 19.89 18.93
C LEU A 570 7.28 20.06 19.01
N LEU A 571 8.01 19.43 18.09
CA LEU A 571 9.46 19.52 18.14
C LEU A 571 9.91 20.94 17.80
N LYS A 572 9.34 21.51 16.73
CA LYS A 572 9.65 22.89 16.37
C LYS A 572 9.22 23.85 17.48
N ASP A 573 8.02 23.67 18.03
CA ASP A 573 7.60 24.48 19.17
C ASP A 573 8.65 24.48 20.27
N SER A 574 9.24 23.32 20.53
CA SER A 574 10.23 23.13 21.58
C SER A 574 11.56 23.82 21.25
N LEU A 575 12.01 23.73 20.00
CA LEU A 575 13.29 24.28 19.56
C LEU A 575 13.25 25.78 19.31
N ASN A 576 12.07 26.39 19.29
CA ASN A 576 11.94 27.75 18.75
C ASN A 576 12.79 28.76 19.52
N GLU A 577 12.74 28.79 20.86
CA GLU A 577 13.57 29.79 21.53
C GLU A 577 15.04 29.64 21.18
N TYR A 578 15.51 28.41 21.08
CA TYR A 578 16.92 28.22 20.76
C TYR A 578 17.20 28.57 19.30
N ALA A 579 16.30 28.25 18.38
CA ALA A 579 16.58 28.45 16.96
C ALA A 579 16.32 29.88 16.48
N TYR A 580 15.69 30.73 17.29
CA TYR A 580 15.41 32.09 16.87
C TYR A 580 16.71 32.87 16.66
N ALA A 581 17.63 32.80 17.62
CA ALA A 581 18.94 33.40 17.42
C ALA A 581 19.55 32.98 16.08
N ALA A 582 19.54 31.69 15.78
CA ALA A 582 20.09 31.21 14.51
C ALA A 582 19.36 31.85 13.34
N GLU A 583 18.03 31.87 13.37
CA GLU A 583 17.27 32.49 12.29
C GLU A 583 17.71 33.93 12.08
N LEU A 584 17.90 34.68 13.17
CA LEU A 584 18.34 36.07 13.10
C LEU A 584 19.74 36.19 12.49
N ALA A 585 20.57 35.18 12.67
CA ALA A 585 21.92 35.20 12.10
C ALA A 585 22.00 34.49 10.74
N GLY A 586 20.89 34.38 10.01
CA GLY A 586 20.97 33.79 8.67
C GLY A 586 21.07 32.28 8.63
N LEU A 587 20.69 31.60 9.70
CA LEU A 587 20.77 30.14 9.79
C LEU A 587 19.39 29.63 10.13
N SER A 588 18.70 29.01 9.16
CA SER A 588 17.31 28.63 9.36
C SER A 588 17.11 27.18 8.94
N TYR A 589 16.00 26.60 9.40
CA TYR A 589 15.65 25.24 9.04
C TYR A 589 14.14 25.11 8.95
N ASP A 590 13.72 24.11 8.19
CA ASP A 590 12.33 23.73 8.12
C ASP A 590 12.21 22.23 8.32
N LEU A 591 11.18 21.82 9.03
CA LEU A 591 10.97 20.43 9.43
C LEU A 591 9.49 20.12 9.23
N GLN A 592 9.16 19.24 8.30
CA GLN A 592 7.76 18.94 8.06
C GLN A 592 7.49 17.51 7.63
N ASN A 593 6.39 16.96 8.13
CA ASN A 593 5.98 15.61 7.80
C ASN A 593 5.51 15.54 6.35
N THR A 594 5.77 14.40 5.72
CA THR A 594 5.37 14.16 4.34
C THR A 594 4.61 12.85 4.28
N ILE A 595 4.05 12.53 3.11
CA ILE A 595 3.38 11.26 2.97
C ILE A 595 4.34 10.06 2.97
N TYR A 596 5.65 10.31 2.94
CA TYR A 596 6.64 9.24 3.00
C TYR A 596 7.48 9.27 4.26
N GLY A 597 7.30 10.29 5.10
CA GLY A 597 8.12 10.39 6.29
C GLY A 597 8.31 11.83 6.74
N MET A 598 9.56 12.27 6.79
CA MET A 598 9.89 13.60 7.29
C MET A 598 10.87 14.26 6.34
N TYR A 599 10.76 15.57 6.24
CA TYR A 599 11.68 16.40 5.48
C TYR A 599 12.33 17.40 6.42
N LEU A 600 13.65 17.51 6.34
CA LEU A 600 14.40 18.48 7.13
C LEU A 600 15.33 19.22 6.20
N SER A 601 15.30 20.54 6.28
CA SER A 601 16.15 21.39 5.47
C SER A 601 16.82 22.40 6.39
N VAL A 602 18.13 22.49 6.30
CA VAL A 602 18.88 23.55 6.96
C VAL A 602 19.61 24.34 5.89
N LYS A 603 19.40 25.65 5.88
CA LYS A 603 19.95 26.53 4.87
C LYS A 603 20.60 27.72 5.56
N GLY A 604 21.60 28.32 4.90
CA GLY A 604 22.15 29.56 5.39
C GLY A 604 23.66 29.50 5.50
N TYR A 605 24.21 30.44 6.26
CA TYR A 605 25.66 30.48 6.47
C TYR A 605 26.16 29.16 7.02
N ASN A 606 27.16 28.59 6.35
CA ASN A 606 27.63 27.25 6.70
C ASN A 606 28.40 27.21 8.01
N ASP A 607 28.88 28.35 8.50
CA ASP A 607 29.77 28.38 9.65
C ASP A 607 29.22 27.58 10.81
N LYS A 608 28.09 28.00 11.34
CA LYS A 608 27.48 27.39 12.52
C LYS A 608 26.49 26.29 12.18
N GLN A 609 26.32 25.92 10.90
CA GLN A 609 25.31 24.92 10.55
C GLN A 609 25.42 23.65 11.38
N PRO A 610 26.58 23.02 11.50
CA PRO A 610 26.66 21.77 12.24
C PRO A 610 26.12 21.87 13.66
N ILE A 611 26.29 23.02 14.33
CA ILE A 611 25.74 23.15 15.66
C ILE A 611 24.22 22.97 15.60
N LEU A 612 23.56 23.75 14.75
CA LEU A 612 22.10 23.67 14.64
C LEU A 612 21.64 22.28 14.22
N LEU A 613 22.31 21.68 13.23
CA LEU A 613 21.88 20.39 12.72
C LEU A 613 21.95 19.31 13.79
N LYS A 614 23.06 19.27 14.54
CA LYS A 614 23.17 18.27 15.59
C LYS A 614 22.10 18.49 16.65
N LYS A 615 21.86 19.74 17.04
CA LYS A 615 20.79 20.03 17.98
C LYS A 615 19.46 19.46 17.48
N ILE A 616 19.14 19.65 16.20
CA ILE A 616 17.84 19.20 15.71
C ILE A 616 17.77 17.68 15.73
N ILE A 617 18.75 17.01 15.11
CA ILE A 617 18.73 15.56 15.06
C ILE A 617 18.68 14.95 16.45
N GLU A 618 19.38 15.63 17.36
CA GLU A 618 19.44 15.26 18.76
C GLU A 618 18.10 15.45 19.46
N LYS A 619 17.33 16.49 19.12
CA LYS A 619 16.08 16.61 19.82
C LYS A 619 15.04 15.68 19.22
N MET A 620 15.15 15.40 17.91
CA MET A 620 14.30 14.41 17.29
C MET A 620 14.38 13.08 18.03
N ALA A 621 15.61 12.63 18.29
CA ALA A 621 15.83 11.26 18.74
C ALA A 621 15.63 11.10 20.24
N THR A 622 15.54 12.19 21.00
CA THR A 622 15.38 12.10 22.45
C THR A 622 14.23 12.98 22.93
N PHE A 623 13.21 13.18 22.11
CA PHE A 623 12.22 14.21 22.39
C PHE A 623 11.38 13.84 23.60
N GLU A 624 11.12 14.83 24.46
CA GLU A 624 10.24 14.67 25.61
C GLU A 624 9.09 15.66 25.49
N ILE A 625 7.90 15.12 25.25
CA ILE A 625 6.74 15.95 25.01
C ILE A 625 6.31 16.63 26.30
N ASP A 626 6.07 17.95 26.22
CA ASP A 626 5.45 18.70 27.30
C ASP A 626 3.94 18.63 27.13
N GLU A 627 3.25 18.12 28.14
CA GLU A 627 1.84 17.81 27.99
C GLU A 627 1.03 19.05 27.64
N LYS A 628 1.35 20.20 28.25
CA LYS A 628 0.59 21.42 27.98
C LYS A 628 0.76 21.87 26.53
N ARG A 629 1.98 21.77 26.00
CA ARG A 629 2.20 22.04 24.57
C ARG A 629 1.39 21.08 23.71
N PHE A 630 1.38 19.80 24.08
CA PHE A 630 0.67 18.79 23.30
C PHE A 630 -0.81 19.11 23.21
N GLU A 631 -1.41 19.50 24.33
CA GLU A 631 -2.83 19.84 24.28
C GLU A 631 -3.05 21.06 23.39
N ILE A 632 -2.21 22.10 23.57
CA ILE A 632 -2.43 23.34 22.84
C ILE A 632 -2.23 23.14 21.35
N ILE A 633 -1.19 22.41 20.97
CA ILE A 633 -0.93 22.21 19.55
C ILE A 633 -1.96 21.29 18.93
N LYS A 634 -2.44 20.28 19.68
CA LYS A 634 -3.49 19.40 19.17
C LYS A 634 -4.77 20.19 18.88
N GLU A 635 -5.21 21.04 19.82
CA GLU A 635 -6.39 21.88 19.58
C GLU A 635 -6.21 22.76 18.34
N ALA A 636 -5.01 23.35 18.17
CA ALA A 636 -4.80 24.21 17.01
C ALA A 636 -4.86 23.42 15.71
N TYR A 637 -4.24 22.22 15.69
CA TYR A 637 -4.32 21.34 14.54
C TYR A 637 -5.77 20.99 14.21
N MET A 638 -6.57 20.72 15.24
CA MET A 638 -7.98 20.44 15.05
C MET A 638 -8.62 21.58 14.27
N ARG A 639 -8.46 22.81 14.77
CA ARG A 639 -9.04 23.97 14.10
C ARG A 639 -8.49 24.09 12.69
N SER A 640 -7.21 23.83 12.52
CA SER A 640 -6.61 23.91 11.20
C SER A 640 -7.31 23.00 10.19
N LEU A 641 -7.70 21.80 10.61
CA LEU A 641 -8.35 20.88 9.68
C LEU A 641 -9.75 21.37 9.34
N ASN A 642 -10.49 21.84 10.33
CA ASN A 642 -11.81 22.40 10.08
C ASN A 642 -11.72 23.63 9.20
N ASN A 643 -10.69 24.46 9.41
CA ASN A 643 -10.69 25.74 8.74
C ASN A 643 -10.52 25.59 7.25
N PHE A 644 -10.18 24.38 6.78
CA PHE A 644 -10.08 24.17 5.35
C PHE A 644 -11.41 24.42 4.65
N ARG A 645 -12.52 24.27 5.36
CA ARG A 645 -13.82 24.56 4.76
C ARG A 645 -13.87 25.98 4.20
N ALA A 646 -13.12 26.92 4.79
CA ALA A 646 -13.16 28.31 4.37
C ALA A 646 -12.16 28.65 3.27
N GLU A 647 -11.37 27.68 2.81
CA GLU A 647 -10.51 27.94 1.68
C GLU A 647 -11.34 28.23 0.43
N GLN A 648 -10.66 28.63 -0.61
CA GLN A 648 -11.28 29.10 -1.85
C GLN A 648 -11.67 27.95 -2.77
N PRO A 649 -12.75 28.12 -3.54
CA PRO A 649 -13.22 27.03 -4.41
C PRO A 649 -12.15 26.41 -5.30
N HIS A 650 -11.31 27.20 -5.95
CA HIS A 650 -10.31 26.58 -6.82
C HIS A 650 -9.28 25.81 -6.01
N GLN A 651 -9.03 26.24 -4.77
CA GLN A 651 -8.20 25.46 -3.87
C GLN A 651 -8.85 24.12 -3.52
N HIS A 652 -10.13 24.15 -3.13
CA HIS A 652 -10.88 22.92 -2.94
C HIS A 652 -10.83 22.03 -4.18
N ALA A 653 -10.88 22.62 -5.37
CA ALA A 653 -10.85 21.80 -6.57
C ALA A 653 -9.55 21.02 -6.68
N MET A 654 -8.42 21.72 -6.53
CA MET A 654 -7.11 21.07 -6.64
C MET A 654 -6.89 20.02 -5.56
N TYR A 655 -7.47 20.21 -4.37
CA TYR A 655 -7.34 19.23 -3.29
C TYR A 655 -8.12 17.96 -3.61
N TYR A 656 -9.36 18.08 -4.07
CA TYR A 656 -10.13 16.89 -4.45
C TYR A 656 -9.44 16.14 -5.59
N LEU A 657 -8.90 16.85 -6.58
CA LEU A 657 -8.25 16.15 -7.68
C LEU A 657 -7.08 15.31 -7.17
N ARG A 658 -6.25 15.91 -6.31
CA ARG A 658 -5.12 15.20 -5.74
C ARG A 658 -5.58 13.97 -4.94
N LEU A 659 -6.69 14.10 -4.22
CA LEU A 659 -7.24 12.94 -3.54
C LEU A 659 -7.67 11.86 -4.53
N LEU A 660 -8.31 12.26 -5.64
CA LEU A 660 -8.86 11.29 -6.57
C LEU A 660 -7.76 10.53 -7.30
N MET A 661 -6.67 11.19 -7.65
CA MET A 661 -5.74 10.62 -8.61
C MET A 661 -4.56 9.93 -7.94
N THR A 662 -4.50 9.89 -6.62
CA THR A 662 -3.37 9.30 -5.91
C THR A 662 -3.82 8.01 -5.23
N GLU A 663 -2.94 7.02 -5.30
CA GLU A 663 -3.19 5.73 -4.67
C GLU A 663 -3.75 5.88 -3.27
N VAL A 664 -2.98 6.44 -2.36
CA VAL A 664 -3.40 6.61 -0.97
C VAL A 664 -3.42 8.10 -0.65
N ALA A 665 -4.47 8.55 0.05
CA ALA A 665 -4.53 9.93 0.51
C ALA A 665 -5.65 10.13 1.52
N TRP A 666 -5.31 10.48 2.76
CA TRP A 666 -6.32 10.71 3.77
C TRP A 666 -6.91 12.11 3.67
N THR A 667 -8.23 12.20 3.74
CA THR A 667 -8.97 13.45 3.70
C THR A 667 -8.96 14.16 5.05
N LYS A 668 -9.38 15.43 5.03
CA LYS A 668 -9.38 16.20 6.26
C LYS A 668 -10.37 15.62 7.26
N ASP A 669 -11.52 15.12 6.80
CA ASP A 669 -12.46 14.51 7.75
C ASP A 669 -11.88 13.25 8.37
N GLU A 670 -11.17 12.44 7.59
CA GLU A 670 -10.52 11.27 8.16
C GLU A 670 -9.45 11.67 9.16
N LEU A 671 -8.60 12.63 8.79
CA LEU A 671 -7.59 13.09 9.74
C LEU A 671 -8.23 13.67 10.98
N LYS A 672 -9.35 14.37 10.81
CA LYS A 672 -9.97 15.11 11.91
C LYS A 672 -10.66 14.17 12.89
N GLU A 673 -11.35 13.16 12.37
CA GLU A 673 -11.88 12.10 13.21
C GLU A 673 -10.80 11.27 13.90
N ALA A 674 -9.72 10.92 13.21
CA ALA A 674 -8.68 10.16 13.89
C ALA A 674 -8.04 10.96 15.03
N LEU A 675 -8.22 12.29 15.03
CA LEU A 675 -7.44 13.15 15.91
C LEU A 675 -7.84 12.96 17.37
N ASP A 676 -9.12 12.77 17.65
CA ASP A 676 -9.52 12.58 19.04
C ASP A 676 -8.84 11.37 19.67
N ASP A 677 -8.36 10.43 18.87
CA ASP A 677 -7.69 9.24 19.38
C ASP A 677 -6.18 9.42 19.58
N VAL A 678 -5.61 10.58 19.27
CA VAL A 678 -4.21 10.79 19.61
C VAL A 678 -4.14 11.20 21.07
N THR A 679 -3.60 10.32 21.90
CA THR A 679 -3.35 10.59 23.30
C THR A 679 -1.87 10.82 23.47
N LEU A 680 -1.51 11.58 24.51
CA LEU A 680 -0.10 11.74 24.86
C LEU A 680 0.63 10.41 24.93
N PRO A 681 0.14 9.42 25.67
CA PRO A 681 0.81 8.11 25.65
C PRO A 681 0.94 7.54 24.26
N ARG A 682 -0.12 7.60 23.46
CA ARG A 682 -0.04 7.05 22.11
C ARG A 682 1.07 7.74 21.32
N LEU A 683 1.15 9.06 21.42
CA LEU A 683 2.20 9.79 20.70
C LEU A 683 3.58 9.40 21.19
N LYS A 684 3.77 9.27 22.51
CA LYS A 684 5.08 8.86 23.04
C LYS A 684 5.50 7.51 22.50
N ALA A 685 4.55 6.56 22.39
CA ALA A 685 4.90 5.27 21.82
C ALA A 685 5.18 5.40 20.32
N PHE A 686 4.49 6.33 19.67
CA PHE A 686 4.61 6.46 18.21
C PHE A 686 6.04 6.80 17.80
N ILE A 687 6.68 7.78 18.48
CA ILE A 687 7.94 8.33 17.95
C ILE A 687 9.05 7.30 17.88
N PRO A 688 9.31 6.49 18.91
CA PRO A 688 10.37 5.48 18.77
C PRO A 688 10.06 4.51 17.66
N GLN A 689 8.78 4.15 17.50
CA GLN A 689 8.38 3.32 16.37
C GLN A 689 8.73 3.98 15.05
N LEU A 690 8.34 5.25 14.90
CA LEU A 690 8.66 5.99 13.69
C LEU A 690 10.16 6.00 13.45
N LEU A 691 10.94 6.27 14.50
CA LEU A 691 12.38 6.38 14.35
C LEU A 691 13.06 5.02 14.23
N SER A 692 12.39 3.94 14.63
CA SER A 692 13.04 2.63 14.78
C SER A 692 13.68 2.15 13.47
N ARG A 693 13.07 2.45 12.33
CA ARG A 693 13.66 2.04 11.06
C ARG A 693 13.44 3.09 10.00
N LEU A 694 14.53 3.47 9.33
CA LEU A 694 14.50 4.62 8.45
C LEU A 694 15.39 4.37 7.25
N HIS A 695 15.16 5.20 6.24
CA HIS A 695 16.10 5.39 5.15
C HIS A 695 16.27 6.91 4.98
N ILE A 696 17.50 7.34 4.71
CA ILE A 696 17.79 8.76 4.62
C ILE A 696 18.36 9.02 3.22
N GLU A 697 17.67 9.86 2.45
CA GLU A 697 18.22 10.37 1.21
C GLU A 697 18.47 11.87 1.38
N ALA A 698 19.68 12.31 1.05
CA ALA A 698 20.08 13.67 1.38
C ALA A 698 20.76 14.34 0.20
N LEU A 699 20.56 15.65 0.10
CA LEU A 699 21.32 16.50 -0.79
C LEU A 699 22.06 17.51 0.06
N LEU A 700 23.39 17.49 0.00
CA LEU A 700 24.23 18.47 0.67
C LEU A 700 24.91 19.30 -0.41
N HIS A 701 24.64 20.61 -0.42
CA HIS A 701 25.00 21.47 -1.55
C HIS A 701 25.41 22.84 -1.05
N GLY A 702 26.65 23.21 -1.29
CA GLY A 702 27.08 24.55 -0.98
C GLY A 702 28.56 24.57 -0.72
N ASN A 703 28.93 25.47 0.19
CA ASN A 703 30.31 25.71 0.58
C ASN A 703 30.82 24.61 1.52
N ILE A 704 30.94 23.40 0.98
CA ILE A 704 31.36 22.24 1.77
C ILE A 704 32.17 21.29 0.90
N THR A 705 33.10 20.58 1.52
CA THR A 705 33.91 19.59 0.83
C THR A 705 33.27 18.21 0.96
N LYS A 706 33.66 17.32 0.04
CA LYS A 706 33.16 15.94 0.07
C LYS A 706 33.36 15.31 1.43
N GLN A 707 34.50 15.56 2.06
CA GLN A 707 34.74 14.96 3.36
C GLN A 707 33.78 15.52 4.39
N ALA A 708 33.55 16.84 4.34
CA ALA A 708 32.60 17.45 5.27
C ALA A 708 31.22 16.85 5.11
N ALA A 709 30.83 16.59 3.86
CA ALA A 709 29.49 16.06 3.61
C ALA A 709 29.34 14.69 4.26
N LEU A 710 30.28 13.78 3.98
CA LEU A 710 30.22 12.49 4.64
C LEU A 710 30.18 12.66 6.15
N GLY A 711 30.89 13.67 6.67
CA GLY A 711 30.90 13.88 8.11
C GLY A 711 29.52 14.24 8.63
N ILE A 712 28.80 15.08 7.88
CA ILE A 712 27.46 15.52 8.28
C ILE A 712 26.49 14.35 8.23
N MET A 713 26.48 13.63 7.11
CA MET A 713 25.67 12.42 7.00
C MET A 713 25.96 11.46 8.14
N GLN A 714 27.23 11.26 8.46
CA GLN A 714 27.61 10.34 9.53
C GLN A 714 27.12 10.83 10.89
N MET A 715 27.24 12.11 11.17
CA MET A 715 26.72 12.62 12.42
C MET A 715 25.22 12.40 12.53
N VAL A 716 24.49 12.59 11.43
CA VAL A 716 23.05 12.31 11.44
C VAL A 716 22.80 10.84 11.74
N GLU A 717 23.37 9.93 10.93
CA GLU A 717 23.22 8.50 11.19
C GLU A 717 23.60 8.16 12.62
N ASP A 718 24.77 8.61 13.09
CA ASP A 718 25.22 8.22 14.42
C ASP A 718 24.24 8.68 15.49
N THR A 719 23.75 9.92 15.39
CA THR A 719 22.85 10.42 16.44
C THR A 719 21.58 9.59 16.51
N LEU A 720 21.05 9.20 15.36
CA LEU A 720 19.83 8.40 15.32
C LEU A 720 20.08 7.02 15.89
N ILE A 721 21.18 6.39 15.46
CA ILE A 721 21.54 5.06 15.91
C ILE A 721 21.74 5.04 17.41
N GLU A 722 22.47 6.03 17.94
CA GLU A 722 22.77 6.02 19.37
C GLU A 722 21.50 6.19 20.21
N HIS A 723 20.65 7.15 19.84
CA HIS A 723 19.52 7.54 20.69
C HIS A 723 18.20 6.90 20.31
N ALA A 724 17.99 6.55 19.05
CA ALA A 724 16.75 5.92 18.64
C ALA A 724 16.95 4.52 18.09
N HIS A 725 18.17 3.99 18.10
CA HIS A 725 18.41 2.61 17.69
C HIS A 725 17.92 2.38 16.26
N THR A 726 17.95 3.42 15.44
CA THR A 726 17.49 3.31 14.07
C THR A 726 18.22 2.18 13.36
N LYS A 727 17.53 1.54 12.43
CA LYS A 727 18.13 0.58 11.52
C LYS A 727 17.51 0.74 10.15
N PRO A 728 18.16 0.22 9.11
CA PRO A 728 17.72 0.52 7.75
C PRO A 728 16.39 -0.13 7.42
N LEU A 729 15.74 0.42 6.40
CA LEU A 729 14.57 -0.23 5.84
C LEU A 729 15.01 -1.21 4.75
N LEU A 730 14.09 -2.06 4.34
CA LEU A 730 14.40 -2.91 3.20
C LEU A 730 14.19 -2.15 1.89
N PRO A 731 14.97 -2.47 0.86
CA PRO A 731 14.69 -1.88 -0.47
C PRO A 731 13.26 -2.08 -0.91
N SER A 732 12.66 -3.24 -0.61
CA SER A 732 11.29 -3.46 -1.05
C SER A 732 10.27 -2.63 -0.29
N GLN A 733 10.64 -1.98 0.82
CA GLN A 733 9.71 -1.11 1.53
C GLN A 733 9.73 0.33 1.05
N LEU A 734 10.67 0.69 0.19
CA LEU A 734 10.81 2.07 -0.27
C LEU A 734 9.92 2.29 -1.48
N VAL A 735 8.63 2.21 -1.24
CA VAL A 735 7.66 2.26 -2.33
C VAL A 735 7.00 3.63 -2.36
N ARG A 736 6.66 4.07 -3.56
CA ARG A 736 6.06 5.36 -3.77
C ARG A 736 4.69 5.18 -4.41
N TYR A 737 3.79 6.13 -4.15
CA TYR A 737 2.42 5.98 -4.61
C TYR A 737 2.31 6.24 -6.10
N ARG A 738 1.40 5.53 -6.75
CA ARG A 738 1.11 5.65 -8.16
C ARG A 738 -0.10 6.57 -8.40
N GLU A 739 -0.30 6.93 -9.66
CA GLU A 739 -1.46 7.71 -10.07
C GLU A 739 -2.49 6.81 -10.74
N VAL A 740 -3.76 7.03 -10.40
CA VAL A 740 -4.86 6.36 -11.07
C VAL A 740 -4.70 6.50 -12.58
N GLN A 741 -4.88 5.40 -13.31
CA GLN A 741 -4.76 5.40 -14.77
C GLN A 741 -6.14 5.42 -15.41
N LEU A 742 -6.47 6.54 -16.06
CA LEU A 742 -7.81 6.73 -16.57
C LEU A 742 -8.03 6.01 -17.90
N PRO A 743 -9.25 5.55 -18.14
CA PRO A 743 -9.53 4.79 -19.36
C PRO A 743 -9.60 5.68 -20.59
N ASP A 744 -9.15 5.12 -21.72
CA ASP A 744 -9.35 5.78 -23.01
C ASP A 744 -10.80 6.24 -23.19
N ARG A 745 -10.95 7.51 -23.57
CA ARG A 745 -12.26 8.08 -23.85
C ARG A 745 -13.10 8.22 -22.60
N GLY A 746 -12.50 8.16 -21.42
CA GLY A 746 -13.25 8.35 -20.20
C GLY A 746 -13.45 9.81 -19.86
N TRP A 747 -14.57 10.08 -19.21
CA TRP A 747 -14.84 11.39 -18.62
C TRP A 747 -15.51 11.19 -17.27
N PHE A 748 -14.79 11.52 -16.19
CA PHE A 748 -15.30 11.45 -14.84
C PHE A 748 -15.45 12.85 -14.25
N VAL A 749 -16.47 13.00 -13.42
CA VAL A 749 -16.77 14.26 -12.78
C VAL A 749 -17.00 14.00 -11.31
N TYR A 750 -16.37 14.79 -10.45
CA TYR A 750 -16.54 14.72 -9.01
C TYR A 750 -16.99 16.09 -8.53
N GLN A 751 -18.09 16.13 -7.78
CA GLN A 751 -18.79 17.36 -7.43
C GLN A 751 -18.81 17.53 -5.92
N GLN A 752 -18.48 18.74 -5.45
CA GLN A 752 -18.54 19.08 -4.04
C GLN A 752 -19.06 20.50 -3.90
N ARG A 753 -19.47 20.87 -2.69
CA ARG A 753 -19.90 22.24 -2.41
C ARG A 753 -18.90 22.95 -1.49
N ASN A 754 -18.60 24.21 -1.82
CA ASN A 754 -17.92 25.09 -0.87
C ASN A 754 -18.99 25.85 -0.07
N GLU A 755 -19.01 25.63 1.24
CA GLU A 755 -20.07 26.19 2.07
C GLU A 755 -19.87 27.65 2.44
N VAL A 756 -18.74 28.25 2.07
CA VAL A 756 -18.32 29.54 2.61
C VAL A 756 -18.29 30.62 1.53
N HIS A 757 -17.64 30.33 0.41
CA HIS A 757 -17.55 31.28 -0.70
C HIS A 757 -18.73 31.13 -1.65
N ASN A 758 -19.21 32.25 -2.17
CA ASN A 758 -20.25 32.17 -3.20
C ASN A 758 -19.64 32.29 -4.58
N ASN A 759 -18.47 31.72 -4.78
CA ASN A 759 -18.01 31.36 -6.12
C ASN A 759 -17.86 29.85 -6.22
N SER A 760 -17.71 29.41 -7.46
CA SER A 760 -17.48 28.01 -7.74
C SER A 760 -16.07 27.88 -8.30
N GLY A 761 -15.55 26.66 -8.21
CA GLY A 761 -14.26 26.35 -8.77
C GLY A 761 -14.34 25.09 -9.61
N ILE A 762 -13.38 24.97 -10.52
CA ILE A 762 -13.29 23.82 -11.39
C ILE A 762 -11.82 23.59 -11.68
N GLU A 763 -11.37 22.33 -11.59
CA GLU A 763 -10.14 21.90 -12.24
C GLU A 763 -10.51 20.85 -13.28
N ILE A 764 -9.93 20.98 -14.47
CA ILE A 764 -10.12 20.03 -15.56
C ILE A 764 -8.76 19.45 -15.89
N TYR A 765 -8.65 18.13 -15.80
CA TYR A 765 -7.39 17.43 -16.00
C TYR A 765 -7.54 16.50 -17.20
N TYR A 766 -6.74 16.75 -18.24
CA TYR A 766 -6.56 15.87 -19.38
C TYR A 766 -5.27 15.10 -19.14
N GLN A 767 -5.39 13.94 -18.50
CA GLN A 767 -4.21 13.13 -18.25
C GLN A 767 -3.67 12.60 -19.58
N THR A 768 -2.36 12.75 -19.81
CA THR A 768 -1.82 12.23 -21.05
C THR A 768 -1.12 10.88 -20.85
N ASP A 769 0.13 10.89 -20.41
CA ASP A 769 0.86 9.64 -20.26
C ASP A 769 1.98 9.85 -19.25
N MET A 770 2.74 8.79 -19.04
CA MET A 770 3.85 8.86 -18.11
C MET A 770 4.89 9.86 -18.62
N GLN A 771 5.57 10.52 -17.69
CA GLN A 771 6.64 11.42 -18.07
C GLN A 771 7.71 10.67 -18.83
N SER A 772 8.24 11.34 -19.85
CA SER A 772 9.34 10.91 -20.71
C SER A 772 9.69 12.10 -21.58
N THR A 773 10.92 12.09 -22.11
CA THR A 773 11.36 13.23 -22.91
C THR A 773 10.31 13.70 -23.93
N SER A 774 9.82 12.78 -24.76
CA SER A 774 8.88 13.17 -25.81
C SER A 774 7.56 13.65 -25.20
N GLU A 775 6.96 12.85 -24.32
CA GLU A 775 5.65 13.24 -23.79
C GLU A 775 5.76 14.55 -23.01
N ASN A 776 6.87 14.73 -22.27
CA ASN A 776 7.11 15.97 -21.55
C ASN A 776 7.11 17.18 -22.47
N MET A 777 7.75 17.06 -23.64
CA MET A 777 7.89 18.23 -24.48
C MET A 777 6.67 18.45 -25.38
N PHE A 778 5.94 17.39 -25.75
CA PHE A 778 4.63 17.61 -26.37
C PHE A 778 3.77 18.46 -25.46
N LEU A 779 3.63 18.01 -24.21
CA LEU A 779 2.75 18.68 -23.26
C LEU A 779 3.24 20.10 -22.98
N GLU A 780 4.55 20.28 -22.82
CA GLU A 780 5.06 21.62 -22.51
C GLU A 780 4.94 22.57 -23.70
N LEU A 781 5.26 22.11 -24.91
CA LEU A 781 5.08 22.92 -26.11
C LEU A 781 3.61 23.29 -26.29
N PHE A 782 2.71 22.31 -26.15
CA PHE A 782 1.29 22.64 -26.26
C PHE A 782 0.89 23.65 -25.20
N ALA A 783 1.35 23.47 -23.96
CA ALA A 783 1.05 24.43 -22.90
C ALA A 783 1.53 25.83 -23.32
N GLN A 784 2.77 25.92 -23.81
CA GLN A 784 3.34 27.18 -24.23
C GLN A 784 2.51 27.85 -25.32
N ILE A 785 1.94 27.05 -26.23
CA ILE A 785 1.17 27.60 -27.34
C ILE A 785 -0.22 28.08 -26.89
N ILE A 786 -0.82 27.47 -25.87
CA ILE A 786 -2.17 27.87 -25.49
C ILE A 786 -2.18 28.81 -24.30
N SER A 787 -1.03 29.02 -23.67
CA SER A 787 -0.96 29.79 -22.44
C SER A 787 -1.65 31.14 -22.59
N GLU A 788 -1.12 32.01 -23.47
CA GLU A 788 -1.68 33.36 -23.61
C GLU A 788 -3.08 33.32 -24.20
N PRO A 789 -3.35 32.62 -25.29
CA PRO A 789 -4.73 32.50 -25.79
C PRO A 789 -5.75 32.03 -24.75
N ALA A 790 -5.35 31.13 -23.84
CA ALA A 790 -6.26 30.66 -22.80
C ALA A 790 -6.61 31.80 -21.85
N PHE A 791 -5.58 32.52 -21.37
CA PHE A 791 -5.83 33.66 -20.48
C PHE A 791 -6.67 34.71 -21.19
N ASN A 792 -6.31 35.04 -22.43
CA ASN A 792 -7.01 36.08 -23.17
C ASN A 792 -8.46 35.70 -23.45
N THR A 793 -8.71 34.43 -23.82
CA THR A 793 -10.07 34.01 -24.12
C THR A 793 -10.90 33.86 -22.85
N LEU A 794 -10.41 33.09 -21.87
CA LEU A 794 -11.27 32.73 -20.74
C LEU A 794 -11.35 33.83 -19.70
N ARG A 795 -10.30 34.67 -19.59
CA ARG A 795 -10.41 35.79 -18.69
C ARG A 795 -10.71 37.11 -19.43
N THR A 796 -9.74 37.62 -20.19
CA THR A 796 -9.88 38.96 -20.78
C THR A 796 -11.16 39.09 -21.61
N LYS A 797 -11.41 38.15 -22.53
CA LYS A 797 -12.58 38.30 -23.41
C LYS A 797 -13.88 37.80 -22.76
N GLU A 798 -13.97 36.52 -22.39
CA GLU A 798 -15.24 36.04 -21.82
C GLU A 798 -15.41 36.40 -20.35
N GLN A 799 -14.34 36.83 -19.67
CA GLN A 799 -14.40 37.27 -18.28
C GLN A 799 -15.08 36.22 -17.39
N LEU A 800 -14.57 34.98 -17.46
CA LEU A 800 -15.18 33.93 -16.66
C LEU A 800 -14.87 34.14 -15.19
N GLY A 801 -13.72 34.73 -14.89
CA GLY A 801 -13.39 35.09 -13.53
C GLY A 801 -11.99 35.63 -13.47
N TYR A 802 -11.59 36.00 -12.25
CA TYR A 802 -10.28 36.58 -12.03
C TYR A 802 -9.19 35.53 -12.14
N ILE A 803 -9.41 34.37 -11.52
CA ILE A 803 -8.43 33.28 -11.52
C ILE A 803 -8.70 32.41 -12.73
N VAL A 804 -7.79 32.43 -13.69
CA VAL A 804 -7.81 31.55 -14.86
C VAL A 804 -6.38 31.07 -15.08
N PHE A 805 -6.21 29.76 -15.19
CA PHE A 805 -4.88 29.17 -15.27
C PHE A 805 -4.92 27.95 -16.17
N SER A 806 -3.89 27.81 -16.97
CA SER A 806 -3.73 26.62 -17.80
C SER A 806 -2.27 26.21 -17.72
N GLY A 807 -2.02 24.93 -17.86
CA GLY A 807 -0.66 24.45 -17.87
C GLY A 807 -0.54 22.98 -17.58
N PRO A 808 0.71 22.53 -17.47
CA PRO A 808 0.94 21.13 -17.13
C PRO A 808 0.58 20.81 -15.68
N ARG A 809 0.32 19.52 -15.47
CA ARG A 809 0.18 18.94 -14.15
C ARG A 809 1.08 17.72 -14.09
N ARG A 810 1.92 17.66 -13.05
CA ARG A 810 2.85 16.57 -12.85
C ARG A 810 2.61 16.01 -11.46
N ALA A 811 2.34 14.72 -11.38
CA ALA A 811 2.21 14.04 -10.10
C ALA A 811 2.57 12.58 -10.28
N ASN A 812 3.45 12.09 -9.41
CA ASN A 812 3.79 10.68 -9.34
C ASN A 812 4.26 10.11 -10.67
N GLY A 813 5.01 10.90 -11.44
CA GLY A 813 5.55 10.44 -12.71
C GLY A 813 4.58 10.48 -13.88
N ILE A 814 3.32 10.84 -13.65
CA ILE A 814 2.37 10.97 -14.72
C ILE A 814 2.18 12.47 -14.96
N GLN A 815 1.51 12.82 -16.04
CA GLN A 815 1.33 14.22 -16.35
C GLN A 815 0.08 14.39 -17.18
N GLY A 816 -0.30 15.66 -17.36
CA GLY A 816 -1.40 16.00 -18.24
C GLY A 816 -1.53 17.51 -18.33
N LEU A 817 -2.55 17.93 -19.06
CA LEU A 817 -2.91 19.34 -19.22
C LEU A 817 -4.04 19.66 -18.27
N ARG A 818 -3.94 20.82 -17.60
CA ARG A 818 -4.97 21.20 -16.64
C ARG A 818 -5.42 22.66 -16.70
N PHE A 819 -6.72 22.85 -16.52
CA PHE A 819 -7.34 24.17 -16.50
C PHE A 819 -7.94 24.39 -15.12
N ILE A 820 -7.66 25.56 -14.52
CA ILE A 820 -8.24 25.93 -13.23
C ILE A 820 -8.93 27.27 -13.38
N ILE A 821 -10.17 27.35 -12.93
CA ILE A 821 -10.98 28.56 -13.04
C ILE A 821 -11.84 28.70 -11.80
N GLN A 822 -11.92 29.92 -11.27
CA GLN A 822 -12.84 30.25 -10.20
C GLN A 822 -13.78 31.31 -10.74
N SER A 823 -15.09 31.09 -10.58
CA SER A 823 -16.08 31.89 -11.29
C SER A 823 -17.39 31.95 -10.51
N GLU A 824 -18.27 32.78 -11.04
CA GLU A 824 -19.62 32.93 -10.56
C GLU A 824 -20.48 32.04 -11.47
N LYS A 825 -19.93 31.63 -12.62
CA LYS A 825 -20.72 30.78 -13.50
C LYS A 825 -20.65 29.34 -12.96
N PRO A 826 -21.65 28.51 -13.31
CA PRO A 826 -21.70 27.12 -12.88
C PRO A 826 -20.49 26.34 -13.40
N PRO A 827 -20.11 25.26 -12.70
CA PRO A 827 -18.96 24.43 -13.09
C PRO A 827 -19.13 23.79 -14.46
N HIS A 828 -20.36 23.47 -14.83
CA HIS A 828 -20.63 22.85 -16.12
C HIS A 828 -20.55 23.87 -17.24
N TYR A 829 -20.99 25.11 -16.98
CA TYR A 829 -20.79 26.17 -17.97
C TYR A 829 -19.31 26.37 -18.25
N LEU A 830 -18.50 26.46 -17.20
CA LEU A 830 -17.06 26.57 -17.38
C LEU A 830 -16.53 25.44 -18.23
N GLU A 831 -17.01 24.22 -18.00
CA GLU A 831 -16.59 23.07 -18.80
C GLU A 831 -16.74 23.36 -20.30
N SER A 832 -17.93 23.76 -20.73
CA SER A 832 -18.15 23.95 -22.16
C SER A 832 -17.33 25.11 -22.71
N ARG A 833 -17.08 26.16 -21.91
CA ARG A 833 -16.26 27.25 -22.41
C ARG A 833 -14.82 26.81 -22.61
N VAL A 834 -14.31 25.96 -21.72
CA VAL A 834 -12.96 25.43 -21.94
C VAL A 834 -12.94 24.52 -23.17
N GLU A 835 -14.00 23.71 -23.35
CA GLU A 835 -14.07 22.84 -24.52
C GLU A 835 -14.14 23.65 -25.80
N ALA A 836 -14.98 24.70 -25.79
CA ALA A 836 -15.02 25.64 -26.90
C ALA A 836 -13.62 26.18 -27.19
N PHE A 837 -12.92 26.63 -26.13
CA PHE A 837 -11.60 27.21 -26.34
C PHE A 837 -10.65 26.22 -26.99
N LEU A 838 -10.76 24.94 -26.65
CA LEU A 838 -9.84 23.95 -27.19
C LEU A 838 -10.03 23.80 -28.70
N ILE A 839 -11.29 23.83 -29.15
CA ILE A 839 -11.58 23.78 -30.58
C ILE A 839 -10.94 24.95 -31.31
N THR A 840 -11.26 26.18 -30.88
CA THR A 840 -10.63 27.35 -31.50
C THR A 840 -9.10 27.24 -31.49
N MET A 841 -8.52 26.66 -30.45
CA MET A 841 -7.08 26.44 -30.47
C MET A 841 -6.65 25.49 -31.58
N GLU A 842 -7.51 24.54 -31.94
CA GLU A 842 -7.15 23.61 -33.00
C GLU A 842 -6.99 24.35 -34.31
N LYS A 843 -7.93 25.26 -34.60
CA LYS A 843 -7.81 26.08 -35.79
C LYS A 843 -6.55 26.95 -35.73
N SER A 844 -6.38 27.69 -34.63
CA SER A 844 -5.21 28.54 -34.48
C SER A 844 -3.92 27.79 -34.76
N ILE A 845 -3.83 26.54 -34.35
CA ILE A 845 -2.55 25.86 -34.49
C ILE A 845 -2.29 25.50 -35.94
N GLU A 846 -3.32 25.02 -36.65
CA GLU A 846 -3.17 24.83 -38.10
C GLU A 846 -2.98 26.14 -38.85
N ASP A 847 -3.73 27.18 -38.51
CA ASP A 847 -3.47 28.45 -39.17
C ASP A 847 -2.10 29.02 -38.84
N MET A 848 -1.49 28.58 -37.75
CA MET A 848 -0.25 29.21 -37.30
C MET A 848 0.86 29.06 -38.32
N THR A 849 1.59 30.14 -38.55
CA THR A 849 2.72 30.13 -39.46
C THR A 849 3.89 29.37 -38.86
N GLU A 850 4.84 29.01 -39.72
CA GLU A 850 5.99 28.27 -39.23
C GLU A 850 6.90 29.16 -38.39
N GLU A 851 6.85 30.46 -38.62
CA GLU A 851 7.70 31.33 -37.82
C GLU A 851 7.09 31.54 -36.44
N ALA A 852 5.76 31.60 -36.35
CA ALA A 852 5.10 31.64 -35.05
C ALA A 852 5.41 30.38 -34.25
N PHE A 853 5.16 29.22 -34.85
CA PHE A 853 5.51 27.96 -34.20
C PHE A 853 6.94 28.03 -33.67
N GLN A 854 7.89 28.50 -34.49
CA GLN A 854 9.28 28.49 -34.03
C GLN A 854 9.51 29.49 -32.90
N LYS A 855 8.73 30.58 -32.86
CA LYS A 855 8.79 31.50 -31.73
C LYS A 855 8.44 30.78 -30.43
N HIS A 856 7.37 29.99 -30.45
CA HIS A 856 6.97 29.24 -29.27
C HIS A 856 8.04 28.25 -28.85
N ILE A 857 8.67 27.56 -29.81
CA ILE A 857 9.77 26.66 -29.44
C ILE A 857 10.85 27.44 -28.73
N GLN A 858 11.24 28.59 -29.29
CA GLN A 858 12.29 29.39 -28.67
C GLN A 858 11.88 29.90 -27.29
N ALA A 859 10.63 30.33 -27.14
CA ALA A 859 10.19 30.83 -25.83
C ALA A 859 10.30 29.75 -24.76
N LEU A 860 9.76 28.55 -25.05
CA LEU A 860 9.91 27.45 -24.10
C LEU A 860 11.37 27.09 -23.88
N ALA A 861 12.22 27.22 -24.90
CA ALA A 861 13.62 26.88 -24.71
C ALA A 861 14.29 27.84 -23.75
N ILE A 862 13.99 29.13 -23.87
CA ILE A 862 14.56 30.10 -22.93
C ILE A 862 14.08 29.82 -21.52
N ARG A 863 12.78 29.54 -21.36
CA ARG A 863 12.25 29.27 -20.03
C ARG A 863 12.94 28.07 -19.41
N ARG A 864 13.05 26.98 -20.17
CA ARG A 864 13.60 25.76 -19.60
C ARG A 864 15.08 25.91 -19.28
N LEU A 865 15.81 26.70 -20.06
CA LEU A 865 17.25 26.79 -19.90
C LEU A 865 17.70 27.94 -19.01
N ASP A 866 16.79 28.79 -18.58
CA ASP A 866 17.11 29.86 -17.63
C ASP A 866 17.91 29.31 -16.45
N LYS A 867 19.16 29.81 -16.21
CA LYS A 867 19.93 29.22 -15.11
C LYS A 867 19.53 29.79 -13.74
N PRO A 868 19.69 28.99 -12.69
CA PRO A 868 19.39 29.47 -11.34
C PRO A 868 20.34 30.57 -10.94
N LYS A 869 19.80 31.55 -10.21
CA LYS A 869 20.58 32.70 -9.81
C LYS A 869 21.20 32.55 -8.43
N LYS A 870 20.63 31.71 -7.55
CA LYS A 870 21.12 31.56 -6.19
C LYS A 870 21.16 30.09 -5.82
N LEU A 871 21.95 29.78 -4.79
CA LEU A 871 22.17 28.39 -4.36
C LEU A 871 20.85 27.66 -4.12
N SER A 872 19.93 28.28 -3.36
CA SER A 872 18.66 27.63 -3.06
C SER A 872 17.91 27.21 -4.30
N ALA A 873 17.96 28.03 -5.36
CA ALA A 873 17.25 27.68 -6.58
C ALA A 873 17.89 26.48 -7.26
N GLU A 874 19.22 26.47 -7.36
CA GLU A 874 19.88 25.29 -7.91
C GLU A 874 19.60 24.07 -7.04
N SER A 875 19.77 24.21 -5.73
CA SER A 875 19.46 23.13 -4.80
C SER A 875 18.09 22.52 -5.08
N ALA A 876 17.09 23.38 -5.22
CA ALA A 876 15.72 22.91 -5.43
C ALA A 876 15.58 22.18 -6.75
N LYS A 877 16.25 22.65 -7.80
CA LYS A 877 16.23 21.90 -9.06
C LYS A 877 16.70 20.47 -8.84
N TYR A 878 17.84 20.32 -8.14
CA TYR A 878 18.37 18.99 -7.87
C TYR A 878 17.43 18.20 -6.98
N TRP A 879 16.97 18.80 -5.87
CA TRP A 879 16.09 18.10 -4.94
C TRP A 879 14.86 17.54 -5.65
N GLY A 880 14.39 18.25 -6.68
CA GLY A 880 13.24 17.78 -7.42
C GLY A 880 13.55 16.51 -8.17
N GLU A 881 14.75 16.42 -8.73
CA GLU A 881 15.19 15.18 -9.36
C GLU A 881 15.33 14.08 -8.33
N ILE A 882 15.67 14.42 -7.09
CA ILE A 882 15.94 13.38 -6.10
C ILE A 882 14.64 12.84 -5.50
N ILE A 883 13.73 13.71 -5.06
CA ILE A 883 12.57 13.12 -4.40
C ILE A 883 11.68 12.45 -5.44
N SER A 884 11.69 12.95 -6.66
CA SER A 884 10.89 12.30 -7.68
C SER A 884 11.52 11.00 -8.17
N GLN A 885 12.72 10.67 -7.67
CA GLN A 885 13.36 9.40 -7.94
C GLN A 885 13.72 9.27 -9.41
N GLN A 886 13.83 10.38 -10.13
CA GLN A 886 14.22 10.35 -11.53
C GLN A 886 15.68 10.69 -11.73
N TYR A 887 16.26 11.53 -10.88
CA TYR A 887 17.70 11.73 -10.85
C TYR A 887 18.26 12.14 -12.21
N ASN A 888 17.53 13.02 -12.91
CA ASN A 888 17.91 13.44 -14.26
C ASN A 888 18.46 14.86 -14.19
N PHE A 889 19.70 14.97 -13.69
CA PHE A 889 20.26 16.29 -13.43
C PHE A 889 20.58 17.08 -14.68
N ASP A 890 20.73 16.42 -15.83
CA ASP A 890 20.98 17.08 -17.11
C ASP A 890 19.72 17.19 -17.97
N ARG A 891 18.55 17.12 -17.33
CA ARG A 891 17.29 17.05 -18.05
C ARG A 891 17.13 18.23 -19.01
N ASP A 892 17.41 19.45 -18.56
CA ASP A 892 17.06 20.62 -19.37
C ASP A 892 17.75 20.58 -20.72
N ASN A 893 19.02 20.24 -20.76
CA ASN A 893 19.71 20.23 -22.04
C ASN A 893 19.10 19.20 -22.99
N THR A 894 19.02 17.95 -22.55
CA THR A 894 18.48 16.91 -23.42
C THR A 894 17.05 17.22 -23.83
N GLU A 895 16.23 17.68 -22.87
CA GLU A 895 14.83 17.92 -23.20
C GLU A 895 14.66 19.11 -24.15
N VAL A 896 15.51 20.14 -24.02
CA VAL A 896 15.43 21.26 -24.94
C VAL A 896 15.93 20.85 -26.32
N ALA A 897 17.04 20.10 -26.37
CA ALA A 897 17.48 19.53 -27.64
C ALA A 897 16.32 18.85 -28.37
N TYR A 898 15.64 17.93 -27.68
CA TYR A 898 14.50 17.27 -28.31
C TYR A 898 13.40 18.26 -28.69
N LEU A 899 13.17 19.27 -27.83
CA LEU A 899 12.13 20.24 -28.10
C LEU A 899 12.31 20.88 -29.46
N LYS A 900 13.57 21.16 -29.83
CA LYS A 900 13.84 21.92 -31.04
C LYS A 900 13.52 21.13 -32.30
N THR A 901 13.58 19.81 -32.23
CA THR A 901 13.23 18.99 -33.38
C THR A 901 11.72 18.81 -33.56
N LEU A 902 10.90 19.25 -32.62
CA LEU A 902 9.46 19.07 -32.77
C LEU A 902 8.93 19.95 -33.88
N THR A 903 7.99 19.40 -34.65
CA THR A 903 7.35 20.10 -35.76
C THR A 903 5.91 20.43 -35.42
N LYS A 904 5.35 21.39 -36.15
CA LYS A 904 3.96 21.76 -35.89
C LYS A 904 3.03 20.58 -36.09
N GLU A 905 3.40 19.64 -36.98
CA GLU A 905 2.52 18.50 -37.20
C GLU A 905 2.61 17.48 -36.06
N ASP A 906 3.80 17.31 -35.48
CA ASP A 906 3.91 16.54 -34.24
C ASP A 906 2.89 17.02 -33.21
N ILE A 907 2.81 18.33 -33.01
CA ILE A 907 1.94 18.84 -31.96
C ILE A 907 0.48 18.63 -32.33
N ILE A 908 0.15 18.78 -33.62
CA ILE A 908 -1.24 18.54 -34.04
C ILE A 908 -1.59 17.07 -33.83
N LYS A 909 -0.69 16.17 -34.20
CA LYS A 909 -0.94 14.76 -34.01
C LYS A 909 -1.13 14.45 -32.52
N PHE A 910 -0.28 15.02 -31.67
CA PHE A 910 -0.38 14.81 -30.23
C PHE A 910 -1.71 15.31 -29.69
N TYR A 911 -2.17 16.47 -30.18
CA TYR A 911 -3.45 17.01 -29.73
C TYR A 911 -4.60 16.09 -30.16
N LYS A 912 -4.64 15.71 -31.43
CA LYS A 912 -5.76 14.89 -31.88
C LYS A 912 -5.72 13.49 -31.30
N GLU A 913 -4.55 13.01 -30.88
CA GLU A 913 -4.53 11.71 -30.23
C GLU A 913 -4.88 11.80 -28.74
N MET A 914 -4.40 12.82 -28.02
CA MET A 914 -4.55 12.87 -26.56
C MET A 914 -5.58 13.86 -26.03
N LEU A 915 -5.87 14.95 -26.73
CA LEU A 915 -6.58 16.07 -26.09
C LEU A 915 -7.93 16.40 -26.70
N ALA A 916 -8.08 16.26 -28.01
CA ALA A 916 -9.30 16.66 -28.71
C ALA A 916 -10.53 15.94 -28.17
N VAL A 917 -11.68 16.60 -28.31
CA VAL A 917 -12.93 16.04 -27.78
C VAL A 917 -13.23 14.67 -28.39
N ASP A 918 -12.72 14.39 -29.59
CA ASP A 918 -12.87 13.09 -30.23
C ASP A 918 -11.57 12.27 -30.19
N ALA A 919 -10.58 12.70 -29.42
CA ALA A 919 -9.33 11.96 -29.37
C ALA A 919 -9.57 10.53 -28.88
N PRO A 920 -8.91 9.53 -29.47
CA PRO A 920 -9.07 8.16 -28.99
C PRO A 920 -8.47 7.91 -27.60
N ARG A 921 -7.45 8.66 -27.19
CA ARG A 921 -6.81 8.46 -25.90
C ARG A 921 -7.05 9.63 -24.94
N ARG A 922 -8.16 10.32 -25.11
CA ARG A 922 -8.51 11.38 -24.19
C ARG A 922 -8.84 10.78 -22.83
N HIS A 923 -8.28 11.37 -21.77
CA HIS A 923 -8.45 10.90 -20.40
C HIS A 923 -8.83 12.10 -19.54
N LYS A 924 -10.12 12.29 -19.29
CA LYS A 924 -10.59 13.54 -18.72
C LYS A 924 -11.27 13.28 -17.39
N VAL A 925 -10.78 13.95 -16.36
CA VAL A 925 -11.45 14.02 -15.07
C VAL A 925 -11.62 15.49 -14.69
N SER A 926 -12.74 15.80 -14.02
CA SER A 926 -13.13 17.17 -13.67
C SER A 926 -13.63 17.23 -12.25
N VAL A 927 -13.14 18.20 -11.47
CA VAL A 927 -13.62 18.47 -10.12
C VAL A 927 -14.44 19.75 -10.18
N HIS A 928 -15.68 19.68 -9.73
CA HIS A 928 -16.63 20.78 -9.74
C HIS A 928 -16.93 21.16 -8.29
N VAL A 929 -16.49 22.34 -7.89
CA VAL A 929 -16.82 22.84 -6.56
C VAL A 929 -17.89 23.90 -6.74
N LEU A 930 -19.07 23.61 -6.22
CA LEU A 930 -20.19 24.53 -6.31
C LEU A 930 -20.07 25.63 -5.27
N ALA A 931 -20.50 26.83 -5.66
CA ALA A 931 -20.67 27.94 -4.73
C ALA A 931 -21.67 27.60 -3.64
N ARG A 932 -21.63 28.41 -2.58
CA ARG A 932 -22.42 28.12 -1.38
C ARG A 932 -23.91 27.99 -1.71
N GLU A 933 -24.43 28.95 -2.48
CA GLU A 933 -25.83 28.95 -2.85
C GLU A 933 -26.01 28.52 -4.31
N MET A 934 -25.15 27.62 -4.78
CA MET A 934 -25.23 27.14 -6.15
C MET A 934 -26.20 25.97 -6.26
N ASP A 935 -26.73 25.77 -7.46
CA ASP A 935 -27.69 24.69 -7.70
C ASP A 935 -27.02 23.52 -8.40
N ASN A 950 -21.30 36.58 -31.35
CA ASN A 950 -21.66 35.84 -30.16
C ASN A 950 -20.41 35.18 -29.53
N LEU A 951 -20.56 33.91 -29.11
CA LEU A 951 -19.48 33.13 -28.52
C LEU A 951 -19.23 31.87 -29.36
N SER A 952 -17.97 31.45 -29.43
CA SER A 952 -17.65 30.22 -30.16
C SER A 952 -18.43 29.04 -29.59
N GLN A 953 -18.87 28.16 -30.48
CA GLN A 953 -19.80 27.10 -30.11
C GLN A 953 -19.07 26.01 -29.35
N ALA A 954 -19.62 25.61 -28.20
CA ALA A 954 -19.06 24.48 -27.46
C ALA A 954 -19.41 23.16 -28.15
N PRO A 955 -18.49 22.20 -28.19
CA PRO A 955 -18.83 20.87 -28.73
C PRO A 955 -19.84 20.16 -27.84
N ALA A 956 -20.34 19.05 -28.35
CA ALA A 956 -21.25 18.21 -27.58
C ALA A 956 -20.43 17.28 -26.70
N LEU A 957 -20.89 17.10 -25.47
CA LEU A 957 -20.01 16.35 -24.59
C LEU A 957 -20.64 15.02 -24.19
N PRO A 958 -19.83 14.00 -24.06
CA PRO A 958 -20.32 12.71 -23.56
C PRO A 958 -21.07 12.85 -22.25
N GLN A 959 -21.77 11.81 -21.85
CA GLN A 959 -22.27 11.79 -20.50
C GLN A 959 -21.11 11.51 -19.56
N PRO A 960 -20.94 12.30 -18.52
CA PRO A 960 -19.83 12.06 -17.60
C PRO A 960 -20.18 10.91 -16.65
N GLU A 961 -19.18 10.08 -16.35
CA GLU A 961 -19.31 9.13 -15.27
C GLU A 961 -19.14 9.89 -13.95
N VAL A 962 -20.16 9.86 -13.09
CA VAL A 962 -20.17 10.67 -11.88
C VAL A 962 -19.60 9.86 -10.72
N ILE A 963 -18.51 10.35 -10.14
CA ILE A 963 -17.85 9.72 -9.00
C ILE A 963 -18.66 10.04 -7.75
N GLN A 964 -19.09 9.00 -7.04
CA GLN A 964 -19.77 9.17 -5.76
C GLN A 964 -18.89 8.79 -4.59
N ASN A 965 -17.80 8.09 -4.84
CA ASN A 965 -17.05 7.45 -3.78
C ASN A 965 -15.64 7.31 -4.31
N MET A 966 -14.70 8.01 -3.70
CA MET A 966 -13.33 7.95 -4.22
C MET A 966 -12.78 6.54 -4.14
N THR A 967 -13.04 5.86 -3.02
CA THR A 967 -12.54 4.51 -2.85
C THR A 967 -13.00 3.60 -3.98
N GLU A 968 -14.31 3.54 -4.23
CA GLU A 968 -14.82 2.74 -5.34
C GLU A 968 -14.15 3.14 -6.63
N PHE A 969 -14.11 4.45 -6.90
CA PHE A 969 -13.55 4.97 -8.13
C PHE A 969 -12.13 4.44 -8.37
N LYS A 970 -11.29 4.53 -7.34
CA LYS A 970 -9.91 4.06 -7.44
C LYS A 970 -9.78 2.54 -7.46
N ARG A 971 -10.74 1.85 -6.86
CA ARG A 971 -10.72 0.40 -6.82
C ARG A 971 -11.36 -0.19 -8.08
N GLY A 972 -11.44 0.63 -9.11
CA GLY A 972 -12.03 0.19 -10.37
C GLY A 972 -11.18 0.56 -11.57
N LEU A 973 -9.99 1.09 -11.32
CA LEU A 973 -9.09 1.47 -12.40
C LEU A 973 -7.69 0.92 -12.19
N PRO A 974 -6.88 0.87 -13.24
CA PRO A 974 -5.47 0.47 -13.07
C PRO A 974 -4.68 1.59 -12.42
N LEU A 975 -3.45 1.27 -12.08
CA LEU A 975 -2.49 2.21 -11.53
C LEU A 975 -1.29 2.25 -12.45
N PHE A 976 -0.80 3.45 -12.74
CA PHE A 976 0.34 3.58 -13.62
C PHE A 976 1.55 2.90 -13.00
N PRO A 977 2.55 2.62 -13.81
CA PRO A 977 3.86 2.28 -13.25
C PRO A 977 4.45 3.51 -12.58
N LEU A 978 5.66 3.37 -12.05
CA LEU A 978 6.48 4.49 -11.62
C LEU A 978 7.61 4.68 -12.63
N VAL A 979 8.14 5.90 -12.68
CA VAL A 979 9.12 6.19 -13.72
C VAL A 979 10.45 5.54 -13.38
N LYS A 980 11.18 5.15 -14.42
CA LYS A 980 12.47 4.51 -14.23
C LYS A 980 13.51 5.57 -13.86
N PRO A 981 14.34 5.35 -12.83
CA PRO A 981 15.45 6.28 -12.57
C PRO A 981 16.36 6.41 -13.78
N HIS A 982 17.10 7.52 -13.81
CA HIS A 982 18.08 7.80 -14.86
C HIS A 982 19.46 7.23 -14.50
N ILE A 983 19.90 7.43 -13.26
CA ILE A 983 21.13 6.84 -12.70
C ILE A 983 21.66 7.68 -11.54
N GLY B 10 -41.80 -70.41 -1.19
CA GLY B 10 -41.09 -70.84 -2.38
C GLY B 10 -39.64 -70.39 -2.35
N ILE B 11 -38.71 -71.32 -2.58
CA ILE B 11 -37.27 -71.05 -2.51
C ILE B 11 -36.83 -70.20 -3.70
N PRO B 12 -35.78 -69.39 -3.57
CA PRO B 12 -35.41 -68.43 -4.63
C PRO B 12 -34.68 -69.09 -5.80
N MET B 13 -34.21 -68.25 -6.72
CA MET B 13 -33.58 -68.67 -7.99
C MET B 13 -32.15 -68.20 -8.05
N ASN B 14 -31.22 -69.07 -7.70
CA ASN B 14 -29.84 -68.64 -7.65
C ASN B 14 -29.36 -68.19 -9.01
N ASN B 15 -28.99 -66.93 -9.10
CA ASN B 15 -28.06 -66.48 -10.12
C ASN B 15 -26.73 -67.17 -9.89
N PRO B 16 -26.15 -67.82 -10.90
CA PRO B 16 -24.90 -68.57 -10.68
C PRO B 16 -23.66 -67.70 -10.65
N ALA B 17 -23.71 -66.47 -11.16
CA ALA B 17 -22.56 -65.58 -11.04
C ALA B 17 -22.42 -64.99 -9.65
N ILE B 18 -23.44 -65.16 -8.80
CA ILE B 18 -23.45 -64.55 -7.48
C ILE B 18 -23.39 -65.65 -6.44
N LYS B 19 -22.25 -65.78 -5.77
CA LYS B 19 -22.14 -66.70 -4.65
C LYS B 19 -23.09 -66.33 -3.51
N ARG B 20 -23.24 -65.06 -3.19
CA ARG B 20 -24.23 -64.69 -2.18
C ARG B 20 -24.47 -63.19 -2.17
N ILE B 21 -25.64 -62.85 -1.67
CA ILE B 21 -26.05 -61.47 -1.47
C ILE B 21 -26.10 -61.23 0.02
N GLY B 22 -25.57 -60.10 0.45
CA GLY B 22 -25.50 -59.82 1.86
C GLY B 22 -26.85 -59.46 2.43
N ASN B 23 -26.89 -59.40 3.76
CA ASN B 23 -28.03 -58.85 4.47
C ASN B 23 -27.91 -57.33 4.48
N HIS B 24 -28.84 -56.66 5.16
CA HIS B 24 -28.85 -55.20 5.16
C HIS B 24 -27.49 -54.67 5.60
N ILE B 25 -26.92 -53.78 4.80
CA ILE B 25 -25.69 -53.08 5.16
C ILE B 25 -26.05 -51.98 6.15
N THR B 26 -25.53 -52.08 7.36
CA THR B 26 -25.84 -51.07 8.37
C THR B 26 -25.31 -49.70 7.98
N LYS B 27 -26.16 -48.68 8.09
CA LYS B 27 -25.77 -47.34 7.70
C LYS B 27 -26.33 -46.31 8.68
N SER B 28 -25.75 -45.11 8.63
CA SER B 28 -26.31 -44.01 9.42
C SER B 28 -27.75 -43.72 9.00
N PRO B 29 -28.64 -43.45 9.95
CA PRO B 29 -30.01 -43.09 9.60
C PRO B 29 -30.09 -41.79 8.84
N GLU B 30 -29.05 -40.97 8.86
CA GLU B 30 -29.01 -39.77 8.03
C GLU B 30 -28.51 -40.05 6.63
N ASP B 31 -28.10 -41.28 6.33
CA ASP B 31 -27.50 -41.63 5.05
C ASP B 31 -28.60 -42.07 4.12
N LYS B 32 -28.81 -41.31 3.06
CA LYS B 32 -29.88 -41.60 2.11
C LYS B 32 -29.43 -42.47 0.95
N ARG B 33 -28.14 -42.68 0.76
CA ARG B 33 -27.69 -43.63 -0.25
C ARG B 33 -28.22 -45.01 0.10
N GLU B 34 -28.42 -45.83 -0.93
CA GLU B 34 -28.86 -47.19 -0.75
C GLU B 34 -27.70 -48.14 -1.03
N TYR B 35 -27.69 -49.27 -0.32
CA TYR B 35 -26.53 -50.14 -0.34
C TYR B 35 -26.92 -51.60 -0.51
N ARG B 36 -26.08 -52.33 -1.24
CA ARG B 36 -26.18 -53.78 -1.33
C ARG B 36 -24.79 -54.38 -1.41
N GLY B 37 -24.49 -55.34 -0.54
CA GLY B 37 -23.25 -56.07 -0.61
C GLY B 37 -23.48 -57.43 -1.23
N LEU B 38 -22.44 -57.96 -1.86
CA LEU B 38 -22.56 -59.30 -2.41
C LEU B 38 -21.17 -59.83 -2.71
N GLU B 39 -21.11 -61.15 -2.91
CA GLU B 39 -19.89 -61.82 -3.30
C GLU B 39 -20.13 -62.54 -4.62
N LEU B 40 -19.28 -62.25 -5.60
CA LEU B 40 -19.40 -62.91 -6.88
C LEU B 40 -18.98 -64.38 -6.76
N ALA B 41 -19.36 -65.17 -7.76
CA ALA B 41 -18.94 -66.57 -7.82
C ALA B 41 -17.43 -66.74 -7.83
N ASN B 42 -16.69 -65.81 -8.45
CA ASN B 42 -15.23 -65.89 -8.42
C ASN B 42 -14.63 -65.31 -7.15
N GLY B 43 -15.43 -64.97 -6.15
CA GLY B 43 -14.89 -64.50 -4.89
C GLY B 43 -14.69 -63.01 -4.75
N ILE B 44 -14.97 -62.22 -5.79
CA ILE B 44 -14.87 -60.77 -5.63
C ILE B 44 -15.93 -60.30 -4.64
N LYS B 45 -15.50 -59.51 -3.64
CA LYS B 45 -16.42 -58.84 -2.72
C LYS B 45 -16.83 -57.49 -3.29
N VAL B 46 -18.13 -57.18 -3.18
CA VAL B 46 -18.72 -56.06 -3.89
C VAL B 46 -19.65 -55.28 -2.97
N LEU B 47 -19.54 -53.95 -3.00
CA LEU B 47 -20.54 -53.06 -2.45
C LEU B 47 -21.07 -52.14 -3.56
N LEU B 48 -22.39 -52.18 -3.77
CA LEU B 48 -23.09 -51.30 -4.69
C LEU B 48 -23.71 -50.16 -3.91
N ILE B 49 -23.55 -48.94 -4.42
CA ILE B 49 -24.06 -47.74 -3.77
C ILE B 49 -24.96 -47.02 -4.79
N SER B 50 -26.26 -47.02 -4.53
CA SER B 50 -27.22 -46.30 -5.37
C SER B 50 -27.53 -44.94 -4.77
N ASP B 51 -27.26 -43.88 -5.54
CA ASP B 51 -27.50 -42.51 -5.10
C ASP B 51 -28.05 -41.74 -6.29
N PRO B 52 -29.37 -41.68 -6.43
CA PRO B 52 -29.97 -41.08 -7.64
C PRO B 52 -29.73 -39.60 -7.79
N THR B 53 -29.19 -38.93 -6.76
CA THR B 53 -28.90 -37.49 -6.83
C THR B 53 -27.52 -37.20 -7.39
N THR B 54 -26.59 -38.16 -7.35
CA THR B 54 -25.19 -37.82 -7.53
C THR B 54 -24.92 -37.34 -8.96
N ASP B 55 -24.10 -36.29 -9.07
CA ASP B 55 -23.74 -35.82 -10.40
C ASP B 55 -22.60 -36.62 -10.98
N LYS B 56 -21.72 -37.15 -10.15
CA LYS B 56 -20.63 -37.99 -10.61
C LYS B 56 -20.79 -39.38 -10.04
N SER B 57 -20.50 -40.37 -10.87
CA SER B 57 -20.43 -41.77 -10.45
C SER B 57 -18.98 -42.15 -10.25
N SER B 58 -18.77 -43.29 -9.58
CA SER B 58 -17.43 -43.69 -9.21
C SER B 58 -17.35 -45.21 -9.04
N ALA B 59 -16.14 -45.72 -9.20
CA ALA B 59 -15.88 -47.11 -8.88
C ALA B 59 -14.44 -47.22 -8.41
N ALA B 60 -14.19 -48.22 -7.57
CA ALA B 60 -12.85 -48.55 -7.12
C ALA B 60 -12.71 -50.06 -7.06
N LEU B 61 -11.49 -50.53 -7.30
CA LEU B 61 -11.13 -51.92 -7.09
C LEU B 61 -9.84 -51.93 -6.28
N ASP B 62 -9.84 -52.71 -5.22
CA ASP B 62 -8.68 -52.87 -4.35
C ASP B 62 -8.25 -54.34 -4.42
N VAL B 63 -7.01 -54.57 -4.90
CA VAL B 63 -6.40 -55.90 -4.87
C VAL B 63 -5.61 -56.00 -3.59
N HIS B 64 -5.78 -57.10 -2.87
CA HIS B 64 -5.07 -57.28 -1.60
C HIS B 64 -3.63 -57.76 -1.79
N ILE B 65 -2.93 -57.20 -2.75
CA ILE B 65 -1.52 -57.45 -2.95
C ILE B 65 -0.82 -56.12 -3.08
N GLY B 66 0.34 -56.02 -2.48
CA GLY B 66 1.09 -54.78 -2.58
C GLY B 66 2.57 -55.03 -2.57
N SER B 67 3.33 -54.01 -2.24
CA SER B 67 4.75 -54.10 -2.46
C SER B 67 5.44 -55.03 -1.47
N LEU B 68 4.78 -55.46 -0.40
CA LEU B 68 5.41 -56.52 0.40
C LEU B 68 5.56 -57.81 -0.40
N SER B 69 4.78 -58.00 -1.46
CA SER B 69 4.94 -59.16 -2.32
C SER B 69 5.71 -58.84 -3.60
N ASP B 70 6.44 -57.74 -3.63
CA ASP B 70 7.38 -57.52 -4.71
C ASP B 70 8.35 -58.70 -4.78
N PRO B 71 8.74 -59.15 -5.98
CA PRO B 71 9.82 -60.12 -6.08
C PRO B 71 11.07 -59.54 -5.43
N PRO B 72 11.85 -60.36 -4.73
CA PRO B 72 13.01 -59.80 -4.01
C PRO B 72 14.04 -59.16 -4.92
N ASN B 73 14.09 -59.55 -6.20
CA ASN B 73 15.08 -59.02 -7.14
C ASN B 73 14.57 -57.87 -8.00
N ILE B 74 13.32 -57.42 -7.80
CA ILE B 74 12.80 -56.26 -8.53
C ILE B 74 11.99 -55.36 -7.59
N ALA B 75 12.69 -54.56 -6.78
CA ALA B 75 11.99 -53.70 -5.84
C ALA B 75 11.16 -52.71 -6.61
N GLY B 76 9.87 -52.64 -6.28
CA GLY B 76 8.95 -51.68 -6.85
C GLY B 76 8.05 -52.23 -7.91
N LEU B 77 7.99 -53.55 -8.09
CA LEU B 77 7.26 -54.08 -9.24
C LEU B 77 5.75 -53.86 -9.09
N SER B 78 5.17 -54.14 -7.91
CA SER B 78 3.76 -53.85 -7.65
C SER B 78 3.40 -52.44 -8.05
N HIS B 79 4.23 -51.50 -7.63
CA HIS B 79 3.98 -50.10 -7.89
C HIS B 79 4.05 -49.82 -9.38
N PHE B 80 5.10 -50.30 -10.05
CA PHE B 80 5.25 -50.11 -11.48
C PHE B 80 4.06 -50.68 -12.24
N LEU B 81 3.66 -51.92 -11.91
CA LEU B 81 2.49 -52.53 -12.52
C LEU B 81 1.28 -51.60 -12.42
N GLU B 82 1.07 -51.01 -11.23
CA GLU B 82 -0.06 -50.11 -11.02
C GLU B 82 -0.03 -48.94 -12.01
N HIS B 83 1.14 -48.37 -12.29
CA HIS B 83 1.23 -47.34 -13.32
C HIS B 83 0.86 -47.90 -14.69
N MET B 84 1.39 -49.08 -15.04
CA MET B 84 1.21 -49.63 -16.37
C MET B 84 -0.23 -49.98 -16.68
N LEU B 85 -1.08 -50.21 -15.67
CA LEU B 85 -2.45 -50.58 -16.01
C LEU B 85 -3.25 -49.42 -16.60
N PHE B 86 -2.76 -48.18 -16.49
CA PHE B 86 -3.47 -47.04 -17.08
C PHE B 86 -3.20 -46.94 -18.57
N LEU B 87 -2.20 -47.66 -19.07
CA LEU B 87 -1.64 -47.44 -20.39
C LEU B 87 -2.13 -48.42 -21.45
N GLY B 88 -3.33 -48.95 -21.30
CA GLY B 88 -3.89 -49.64 -22.46
C GLY B 88 -4.10 -51.13 -22.26
N THR B 89 -5.21 -51.63 -22.81
CA THR B 89 -5.63 -53.01 -22.65
C THR B 89 -5.89 -53.61 -24.03
N LYS B 90 -6.15 -54.92 -24.06
CA LYS B 90 -6.41 -55.56 -25.35
C LYS B 90 -7.72 -55.07 -25.96
N LYS B 91 -8.76 -54.90 -25.14
CA LYS B 91 -10.03 -54.42 -25.69
C LYS B 91 -9.98 -52.92 -26.02
N TYR B 92 -9.13 -52.16 -25.33
CA TYR B 92 -9.08 -50.70 -25.45
C TYR B 92 -7.61 -50.33 -25.55
N PRO B 93 -7.00 -50.61 -26.69
CA PRO B 93 -5.53 -50.56 -26.79
C PRO B 93 -4.93 -49.17 -26.95
N LYS B 94 -5.73 -48.14 -27.26
CA LYS B 94 -5.22 -46.77 -27.26
C LYS B 94 -4.62 -46.44 -25.89
N GLU B 95 -3.35 -46.05 -25.88
CA GLU B 95 -2.62 -45.93 -24.61
C GLU B 95 -3.35 -45.05 -23.59
N ASN B 96 -4.08 -44.03 -24.03
CA ASN B 96 -4.75 -43.13 -23.10
C ASN B 96 -6.28 -43.20 -23.19
N GLU B 97 -6.83 -44.27 -23.76
CA GLU B 97 -8.28 -44.39 -23.84
C GLU B 97 -8.93 -44.11 -22.48
N TYR B 98 -8.38 -44.70 -21.41
CA TYR B 98 -9.02 -44.59 -20.10
C TYR B 98 -9.00 -43.16 -19.59
N SER B 99 -7.80 -42.56 -19.52
CA SER B 99 -7.70 -41.16 -19.09
C SER B 99 -8.52 -40.23 -20.00
N GLN B 100 -8.36 -40.38 -21.31
CA GLN B 100 -9.09 -39.54 -22.25
C GLN B 100 -10.60 -39.66 -22.06
N PHE B 101 -11.10 -40.88 -21.86
CA PHE B 101 -12.53 -41.04 -21.68
C PHE B 101 -13.01 -40.30 -20.44
N LEU B 102 -12.30 -40.43 -19.32
CA LEU B 102 -12.73 -39.75 -18.11
C LEU B 102 -12.70 -38.25 -18.30
N SER B 103 -11.61 -37.74 -18.86
CA SER B 103 -11.45 -36.29 -18.96
C SER B 103 -12.58 -35.68 -19.78
N GLU B 104 -13.06 -36.39 -20.81
CA GLU B 104 -14.12 -35.87 -21.66
C GLU B 104 -15.51 -36.09 -21.07
N HIS B 105 -15.61 -36.76 -19.93
CA HIS B 105 -16.91 -36.97 -19.32
C HIS B 105 -16.88 -36.57 -17.85
N ALA B 106 -16.12 -35.51 -17.54
CA ALA B 106 -16.15 -34.90 -16.22
C ALA B 106 -15.48 -35.78 -15.16
N GLY B 107 -14.53 -36.63 -15.56
CA GLY B 107 -14.01 -37.66 -14.70
C GLY B 107 -12.54 -37.46 -14.35
N SER B 108 -12.08 -38.33 -13.45
CA SER B 108 -10.69 -38.36 -13.04
C SER B 108 -10.42 -39.72 -12.44
N SER B 109 -9.14 -40.02 -12.24
CA SER B 109 -8.76 -41.31 -11.68
C SER B 109 -7.41 -41.21 -10.98
N ASN B 110 -7.16 -42.18 -10.13
CA ASN B 110 -5.89 -42.31 -9.45
C ASN B 110 -5.80 -43.72 -8.93
N ALA B 111 -4.65 -44.03 -8.36
CA ALA B 111 -4.34 -45.35 -7.84
C ALA B 111 -3.14 -45.17 -6.93
N PHE B 112 -2.96 -46.12 -6.01
CA PHE B 112 -1.81 -46.08 -5.13
C PHE B 112 -1.48 -47.52 -4.75
N THR B 113 -0.22 -47.74 -4.39
CA THR B 113 0.27 -49.05 -3.98
C THR B 113 0.82 -48.97 -2.57
N SER B 114 0.19 -49.68 -1.65
CA SER B 114 0.74 -49.83 -0.30
C SER B 114 1.36 -51.23 -0.14
N GLY B 115 1.68 -51.61 1.10
CA GLY B 115 2.38 -52.86 1.31
C GLY B 115 1.55 -54.08 1.01
N GLU B 116 0.23 -54.00 1.22
CA GLU B 116 -0.67 -55.13 1.03
C GLU B 116 -1.84 -54.82 0.11
N HIS B 117 -1.89 -53.64 -0.51
CA HIS B 117 -3.01 -53.25 -1.34
C HIS B 117 -2.53 -52.45 -2.54
N THR B 118 -3.17 -52.70 -3.67
CA THR B 118 -3.14 -51.80 -4.81
C THR B 118 -4.57 -51.39 -5.10
N ASN B 119 -4.82 -50.08 -5.12
CA ASN B 119 -6.15 -49.52 -5.05
C ASN B 119 -6.31 -48.59 -6.25
N TYR B 120 -7.28 -48.88 -7.12
CA TYR B 120 -7.56 -48.11 -8.32
C TYR B 120 -8.95 -47.48 -8.23
N TYR B 121 -9.09 -46.22 -8.63
CA TYR B 121 -10.42 -45.61 -8.57
C TYR B 121 -10.55 -44.48 -9.58
N PHE B 122 -11.81 -44.19 -9.93
CA PHE B 122 -12.17 -43.10 -10.82
C PHE B 122 -13.54 -42.56 -10.42
N ASP B 123 -13.83 -41.33 -10.87
CA ASP B 123 -15.20 -40.83 -10.95
C ASP B 123 -15.46 -40.32 -12.36
N VAL B 124 -16.71 -40.09 -12.68
CA VAL B 124 -17.11 -39.74 -14.04
C VAL B 124 -18.53 -39.24 -14.01
N SER B 125 -18.93 -38.51 -15.05
CA SER B 125 -20.31 -38.06 -15.16
C SER B 125 -21.25 -39.24 -14.96
N HIS B 126 -22.35 -39.01 -14.24
CA HIS B 126 -23.21 -40.14 -13.92
C HIS B 126 -23.80 -40.81 -15.15
N GLU B 127 -23.89 -40.10 -16.27
CA GLU B 127 -24.40 -40.74 -17.47
C GLU B 127 -23.41 -41.72 -18.11
N HIS B 128 -22.18 -41.77 -17.64
CA HIS B 128 -21.16 -42.49 -18.38
C HIS B 128 -20.44 -43.46 -17.47
N LEU B 129 -21.13 -43.94 -16.45
CA LEU B 129 -20.56 -44.96 -15.57
C LEU B 129 -20.15 -46.18 -16.38
N GLU B 130 -21.09 -46.77 -17.12
CA GLU B 130 -20.82 -48.05 -17.78
C GLU B 130 -19.61 -47.95 -18.71
N GLY B 131 -19.51 -46.87 -19.49
CA GLY B 131 -18.37 -46.73 -20.37
C GLY B 131 -17.06 -46.63 -19.60
N ALA B 132 -17.09 -45.90 -18.49
CA ALA B 132 -15.89 -45.80 -17.67
C ALA B 132 -15.59 -47.15 -17.00
N LEU B 133 -16.61 -47.78 -16.43
CA LEU B 133 -16.40 -49.05 -15.75
C LEU B 133 -15.87 -50.10 -16.72
N ASP B 134 -16.33 -50.08 -17.98
CA ASP B 134 -15.88 -51.08 -18.93
C ASP B 134 -14.39 -50.92 -19.25
N ARG B 135 -13.97 -49.70 -19.61
CA ARG B 135 -12.54 -49.48 -19.80
C ARG B 135 -11.75 -49.84 -18.53
N PHE B 136 -12.31 -49.55 -17.35
CA PHE B 136 -11.67 -49.86 -16.08
C PHE B 136 -11.49 -51.35 -15.89
N ALA B 137 -12.55 -52.13 -16.13
CA ALA B 137 -12.48 -53.55 -15.86
C ALA B 137 -11.32 -54.22 -16.59
N GLN B 138 -11.01 -53.78 -17.81
CA GLN B 138 -9.98 -54.43 -18.59
C GLN B 138 -8.61 -54.36 -17.95
N PHE B 139 -8.35 -53.37 -17.08
CA PHE B 139 -7.14 -53.33 -16.25
C PHE B 139 -6.83 -54.69 -15.65
N PHE B 140 -7.87 -55.41 -15.26
CA PHE B 140 -7.72 -56.61 -14.46
C PHE B 140 -7.94 -57.87 -15.29
N LEU B 141 -7.92 -57.73 -16.61
CA LEU B 141 -8.13 -58.87 -17.51
C LEU B 141 -7.09 -58.96 -18.61
N SER B 142 -6.73 -57.84 -19.25
CA SER B 142 -5.88 -57.89 -20.43
C SER B 142 -4.98 -56.66 -20.57
N PRO B 143 -4.17 -56.33 -19.56
CA PRO B 143 -3.23 -55.22 -19.75
C PRO B 143 -2.28 -55.55 -20.89
N LEU B 144 -1.92 -54.53 -21.66
CA LEU B 144 -0.93 -54.69 -22.74
C LEU B 144 0.50 -54.78 -22.21
N PHE B 145 0.81 -54.09 -21.13
CA PHE B 145 2.20 -53.92 -20.72
C PHE B 145 3.08 -53.67 -21.94
N ASP B 146 2.61 -52.75 -22.78
CA ASP B 146 3.32 -52.44 -24.01
C ASP B 146 4.79 -52.13 -23.71
N GLU B 147 5.67 -52.64 -24.57
CA GLU B 147 7.11 -52.52 -24.30
C GLU B 147 7.58 -51.07 -24.38
N SER B 148 7.06 -50.33 -25.35
CA SER B 148 7.38 -48.91 -25.45
C SER B 148 6.83 -48.14 -24.25
N ALA B 149 5.55 -48.40 -23.90
CA ALA B 149 4.96 -47.76 -22.74
C ALA B 149 5.77 -48.06 -21.49
N LYS B 150 6.19 -49.31 -21.30
CA LYS B 150 6.99 -49.63 -20.12
C LYS B 150 8.30 -48.88 -20.12
N ASP B 151 8.92 -48.69 -21.30
CA ASP B 151 10.21 -48.00 -21.29
C ASP B 151 10.08 -46.53 -20.95
N ARG B 152 8.89 -45.94 -21.19
CA ARG B 152 8.64 -44.55 -20.86
C ARG B 152 8.21 -44.39 -19.40
N GLU B 153 7.18 -45.13 -18.99
CA GLU B 153 6.61 -44.95 -17.66
C GLU B 153 7.61 -45.22 -16.54
N VAL B 154 8.67 -46.00 -16.78
CA VAL B 154 9.66 -46.21 -15.73
C VAL B 154 10.21 -44.89 -15.25
N ASN B 155 10.17 -43.87 -16.11
CA ASN B 155 10.68 -42.55 -15.75
C ASN B 155 9.74 -41.84 -14.78
N ALA B 156 8.43 -41.97 -14.97
CA ALA B 156 7.50 -41.41 -14.03
C ALA B 156 7.75 -41.96 -12.62
N VAL B 157 7.95 -43.27 -12.51
CA VAL B 157 8.21 -43.87 -11.21
C VAL B 157 9.52 -43.36 -10.65
N ASP B 158 10.56 -43.29 -11.49
CA ASP B 158 11.82 -42.72 -11.06
C ASP B 158 11.62 -41.30 -10.56
N SER B 159 10.96 -40.48 -11.39
CA SER B 159 10.68 -39.10 -11.01
C SER B 159 9.91 -39.05 -9.69
N GLU B 160 8.98 -39.98 -9.49
CA GLU B 160 8.24 -40.02 -8.24
C GLU B 160 9.18 -40.27 -7.07
N HIS B 161 10.07 -41.26 -7.21
CA HIS B 161 11.01 -41.51 -6.12
C HIS B 161 11.95 -40.32 -5.89
N GLU B 162 12.36 -39.62 -6.97
CA GLU B 162 13.29 -38.50 -6.82
C GLU B 162 12.66 -37.36 -6.03
N LYS B 163 11.39 -37.08 -6.29
CA LYS B 163 10.58 -36.22 -5.45
C LYS B 163 10.77 -36.52 -3.96
N ASN B 164 10.76 -37.80 -3.57
CA ASN B 164 10.80 -38.17 -2.16
C ASN B 164 12.21 -38.22 -1.54
N VAL B 165 13.26 -38.35 -2.35
CA VAL B 165 14.58 -38.68 -1.80
C VAL B 165 15.00 -37.71 -0.70
N MET B 166 14.79 -36.42 -0.93
CA MET B 166 15.25 -35.40 -0.01
C MET B 166 14.17 -34.98 0.96
N ASN B 167 13.13 -35.78 1.12
CA ASN B 167 12.03 -35.50 2.04
C ASN B 167 12.18 -36.30 3.33
N ASP B 168 12.18 -35.61 4.47
CA ASP B 168 12.56 -36.27 5.74
C ASP B 168 11.59 -37.37 6.15
N ALA B 169 10.30 -37.22 5.83
CA ALA B 169 9.33 -38.23 6.22
C ALA B 169 9.53 -39.51 5.41
N TRP B 170 9.86 -39.38 4.13
CA TRP B 170 10.14 -40.57 3.33
C TRP B 170 11.45 -41.22 3.76
N ARG B 171 12.48 -40.42 4.01
CA ARG B 171 13.74 -40.96 4.51
C ARG B 171 13.53 -41.72 5.80
N LEU B 172 12.85 -41.10 6.76
CA LEU B 172 12.63 -41.76 8.05
C LEU B 172 11.76 -43.00 7.90
N PHE B 173 10.80 -42.98 6.98
CA PHE B 173 9.93 -44.14 6.77
C PHE B 173 10.73 -45.36 6.31
N GLN B 174 11.66 -45.17 5.37
CA GLN B 174 12.47 -46.29 4.91
C GLN B 174 13.59 -46.63 5.89
N LEU B 175 14.08 -45.66 6.67
CA LEU B 175 15.10 -46.00 7.66
C LEU B 175 14.57 -46.96 8.70
N GLU B 176 13.30 -46.80 9.10
CA GLU B 176 12.72 -47.75 10.03
C GLU B 176 12.69 -49.13 9.41
N LYS B 177 12.29 -49.20 8.13
CA LYS B 177 12.27 -50.49 7.46
C LYS B 177 13.66 -51.09 7.37
N ALA B 178 14.69 -50.25 7.32
CA ALA B 178 16.05 -50.76 7.17
C ALA B 178 16.70 -51.17 8.50
N THR B 179 16.16 -50.75 9.63
CA THR B 179 16.73 -51.07 10.92
C THR B 179 16.08 -52.29 11.57
N GLY B 180 15.10 -52.90 10.93
CA GLY B 180 14.55 -54.16 11.38
C GLY B 180 15.22 -55.31 10.68
N ASN B 181 14.65 -56.47 10.87
CA ASN B 181 15.15 -57.69 10.24
C ASN B 181 15.30 -57.55 8.72
N PRO B 182 16.53 -57.57 8.22
CA PRO B 182 16.74 -57.44 6.77
C PRO B 182 16.10 -58.54 5.93
N LYS B 183 15.80 -59.70 6.50
CA LYS B 183 15.21 -60.73 5.66
C LYS B 183 13.70 -60.65 5.63
N HIS B 184 13.12 -59.67 6.32
CA HIS B 184 11.67 -59.54 6.43
C HIS B 184 11.12 -58.68 5.29
N PRO B 185 10.00 -59.06 4.65
CA PRO B 185 9.44 -58.19 3.60
C PRO B 185 9.21 -56.74 4.02
N PHE B 186 8.99 -56.50 5.31
CA PHE B 186 8.90 -55.14 5.82
C PHE B 186 10.09 -54.29 5.38
N SER B 187 11.20 -54.91 5.00
CA SER B 187 12.39 -54.13 4.71
C SER B 187 12.49 -53.76 3.23
N LYS B 188 11.58 -54.24 2.40
CA LYS B 188 11.63 -53.94 0.99
C LYS B 188 11.38 -52.45 0.73
N PHE B 189 11.79 -52.02 -0.44
CA PHE B 189 11.67 -50.65 -0.91
C PHE B 189 10.55 -50.66 -1.95
N GLY B 190 9.42 -50.02 -1.60
CA GLY B 190 8.21 -50.16 -2.38
C GLY B 190 8.09 -49.28 -3.61
N THR B 191 8.69 -48.07 -3.57
CA THR B 191 8.50 -47.16 -4.69
C THR B 191 9.09 -47.73 -5.96
N GLY B 192 10.29 -48.31 -5.87
CA GLY B 192 11.07 -48.63 -7.05
C GLY B 192 11.69 -47.36 -7.64
N ASN B 193 12.54 -47.55 -8.64
CA ASN B 193 13.07 -46.44 -9.42
C ASN B 193 13.72 -47.01 -10.68
N LYS B 194 14.40 -46.15 -11.46
CA LYS B 194 14.93 -46.59 -12.76
C LYS B 194 15.97 -47.68 -12.56
N TYR B 195 16.81 -47.53 -11.53
CA TYR B 195 17.78 -48.57 -11.22
C TYR B 195 17.09 -49.92 -11.00
N THR B 196 16.15 -49.98 -10.06
CA THR B 196 15.57 -51.27 -9.71
C THR B 196 14.58 -51.78 -10.75
N LEU B 197 13.98 -50.91 -11.56
CA LEU B 197 13.00 -51.36 -12.53
C LEU B 197 13.55 -51.45 -13.96
N GLU B 198 14.73 -50.93 -14.21
CA GLU B 198 15.25 -50.99 -15.57
C GLU B 198 16.74 -51.34 -15.57
N THR B 199 17.57 -50.46 -15.01
CA THR B 199 19.00 -50.67 -15.00
C THR B 199 19.40 -52.07 -14.53
N ARG B 200 19.27 -52.34 -13.23
CA ARG B 200 19.64 -53.66 -12.73
C ARG B 200 18.95 -54.80 -13.47
N PRO B 201 17.65 -54.78 -13.73
CA PRO B 201 17.04 -55.89 -14.46
C PRO B 201 17.68 -56.13 -15.81
N ASN B 202 18.24 -55.10 -16.44
CA ASN B 202 18.94 -55.31 -17.70
C ASN B 202 20.34 -55.91 -17.47
N GLN B 203 21.07 -55.42 -16.47
CA GLN B 203 22.32 -56.07 -16.10
C GLN B 203 22.11 -57.56 -15.86
N GLU B 204 20.96 -57.93 -15.30
CA GLU B 204 20.74 -59.29 -14.84
C GLU B 204 19.96 -60.13 -15.84
N GLY B 205 19.65 -59.58 -17.01
CA GLY B 205 18.96 -60.39 -17.99
C GLY B 205 17.52 -60.70 -17.67
N ILE B 206 16.92 -59.93 -16.77
CA ILE B 206 15.49 -60.03 -16.49
C ILE B 206 14.72 -59.34 -17.60
N ASP B 207 13.61 -59.94 -18.00
CA ASP B 207 12.73 -59.35 -19.00
C ASP B 207 11.52 -58.78 -18.26
N VAL B 208 11.48 -57.46 -18.11
CA VAL B 208 10.56 -56.87 -17.14
C VAL B 208 9.11 -56.96 -17.61
N ARG B 209 8.86 -56.87 -18.92
CA ARG B 209 7.50 -57.09 -19.40
C ARG B 209 6.98 -58.46 -18.99
N GLN B 210 7.84 -59.50 -19.03
CA GLN B 210 7.40 -60.82 -18.57
C GLN B 210 7.14 -60.81 -17.08
N GLU B 211 8.03 -60.15 -16.33
CA GLU B 211 7.82 -60.07 -14.89
C GLU B 211 6.49 -59.38 -14.56
N LEU B 212 6.10 -58.37 -15.36
CA LEU B 212 4.79 -57.73 -15.18
C LEU B 212 3.67 -58.72 -15.44
N LEU B 213 3.72 -59.41 -16.59
CA LEU B 213 2.68 -60.41 -16.90
C LEU B 213 2.60 -61.51 -15.85
N LYS B 214 3.76 -61.90 -15.34
CA LYS B 214 3.85 -62.94 -14.32
C LYS B 214 3.23 -62.49 -13.00
N PHE B 215 3.48 -61.23 -12.60
CA PHE B 215 2.93 -60.74 -11.37
C PHE B 215 1.43 -60.53 -11.49
N HIS B 216 0.99 -59.90 -12.59
CA HIS B 216 -0.45 -59.73 -12.83
C HIS B 216 -1.19 -61.05 -12.77
N SER B 217 -0.63 -62.07 -13.42
CA SER B 217 -1.28 -63.37 -13.47
C SER B 217 -1.24 -64.11 -12.12
N ALA B 218 -0.16 -63.98 -11.36
CA ALA B 218 -0.07 -64.67 -10.08
C ALA B 218 -0.96 -64.02 -9.03
N TYR B 219 -1.02 -62.69 -9.00
CA TYR B 219 -1.66 -62.03 -7.87
C TYR B 219 -2.94 -61.30 -8.21
N TYR B 220 -3.14 -60.88 -9.44
CA TYR B 220 -4.41 -60.23 -9.75
C TYR B 220 -5.49 -61.30 -9.91
N SER B 221 -5.76 -61.97 -8.80
CA SER B 221 -6.76 -63.02 -8.74
C SER B 221 -8.09 -62.45 -8.21
N SER B 222 -9.21 -62.92 -8.77
CA SER B 222 -10.48 -62.41 -8.29
C SER B 222 -10.67 -62.63 -6.78
N ASN B 223 -10.03 -63.67 -6.20
CA ASN B 223 -10.27 -63.93 -4.78
C ASN B 223 -9.58 -62.92 -3.86
N LEU B 224 -8.67 -62.11 -4.37
CA LEU B 224 -8.05 -61.03 -3.60
C LEU B 224 -8.62 -59.65 -3.94
N MET B 225 -9.80 -59.59 -4.56
CA MET B 225 -10.35 -58.36 -5.14
C MET B 225 -11.65 -57.93 -4.46
N ALA B 226 -11.77 -56.62 -4.22
CA ALA B 226 -13.00 -56.00 -3.76
C ALA B 226 -13.32 -54.82 -4.67
N VAL B 227 -14.58 -54.73 -5.13
CA VAL B 227 -14.95 -53.56 -5.94
C VAL B 227 -16.13 -52.86 -5.28
N VAL B 228 -16.15 -51.54 -5.47
CA VAL B 228 -17.25 -50.68 -5.04
C VAL B 228 -17.66 -49.84 -6.25
N VAL B 229 -18.96 -49.79 -6.50
CA VAL B 229 -19.54 -49.01 -7.59
C VAL B 229 -20.64 -48.13 -7.02
N LEU B 230 -20.58 -46.83 -7.32
CA LEU B 230 -21.56 -45.85 -6.90
C LEU B 230 -22.13 -45.17 -8.14
N GLY B 231 -23.45 -45.19 -8.29
CA GLY B 231 -24.05 -44.52 -9.42
C GLY B 231 -25.50 -44.18 -9.16
N ARG B 232 -26.11 -43.54 -10.16
CA ARG B 232 -27.51 -43.18 -10.08
C ARG B 232 -28.42 -44.39 -10.21
N GLU B 233 -27.93 -45.45 -10.84
CA GLU B 233 -28.73 -46.62 -11.18
C GLU B 233 -29.23 -47.32 -9.92
N SER B 234 -30.32 -48.08 -10.10
CA SER B 234 -30.86 -48.91 -9.05
C SER B 234 -29.85 -49.97 -8.61
N LEU B 235 -30.09 -50.52 -7.41
CA LEU B 235 -29.19 -51.57 -6.92
C LEU B 235 -29.23 -52.77 -7.84
N ASP B 236 -30.43 -53.12 -8.35
CA ASP B 236 -30.54 -54.24 -9.29
C ASP B 236 -29.75 -53.97 -10.57
N ASP B 237 -29.85 -52.76 -11.13
CA ASP B 237 -29.07 -52.46 -12.32
C ASP B 237 -27.57 -52.40 -12.02
N LEU B 238 -27.19 -51.87 -10.85
CA LEU B 238 -25.78 -51.91 -10.52
C LEU B 238 -25.29 -53.34 -10.37
N THR B 239 -26.16 -54.26 -9.92
CA THR B 239 -25.73 -55.65 -9.76
C THR B 239 -25.46 -56.28 -11.12
N ASN B 240 -26.41 -56.16 -12.05
CA ASN B 240 -26.19 -56.70 -13.38
C ASN B 240 -24.92 -56.13 -13.99
N LEU B 241 -24.71 -54.83 -13.82
CA LEU B 241 -23.56 -54.18 -14.44
C LEU B 241 -22.26 -54.79 -13.94
N VAL B 242 -22.16 -55.00 -12.63
CA VAL B 242 -20.91 -55.50 -12.02
C VAL B 242 -20.69 -56.96 -12.38
N VAL B 243 -21.76 -57.75 -12.38
CA VAL B 243 -21.66 -59.15 -12.80
C VAL B 243 -21.18 -59.22 -14.25
N LYS B 244 -21.88 -58.51 -15.14
CA LYS B 244 -21.46 -58.47 -16.54
C LYS B 244 -19.96 -58.19 -16.65
N LEU B 245 -19.43 -57.21 -15.92
CA LEU B 245 -18.09 -56.75 -16.21
C LEU B 245 -17.00 -57.47 -15.44
N PHE B 246 -17.29 -58.02 -14.26
CA PHE B 246 -16.21 -58.60 -13.45
C PHE B 246 -16.33 -60.10 -13.25
N SER B 247 -17.41 -60.74 -13.70
CA SER B 247 -17.56 -62.18 -13.53
C SER B 247 -16.41 -62.95 -14.13
N GLU B 248 -15.85 -62.46 -15.22
CA GLU B 248 -14.76 -63.14 -15.91
C GLU B 248 -13.37 -62.94 -15.32
N VAL B 249 -13.18 -62.18 -14.24
CA VAL B 249 -11.87 -62.22 -13.61
C VAL B 249 -11.64 -63.62 -13.10
N GLU B 250 -10.50 -64.21 -13.44
CA GLU B 250 -10.26 -65.60 -13.08
C GLU B 250 -9.84 -65.74 -11.61
N ASN B 251 -10.32 -66.80 -10.99
CA ASN B 251 -10.00 -67.09 -9.59
C ASN B 251 -8.82 -68.08 -9.54
N LYS B 252 -7.64 -67.58 -9.18
CA LYS B 252 -6.48 -68.43 -8.97
C LYS B 252 -6.28 -68.82 -7.50
N ASN B 253 -7.32 -68.67 -6.67
CA ASN B 253 -7.29 -69.02 -5.25
C ASN B 253 -5.94 -68.75 -4.61
N VAL B 254 -5.44 -67.53 -4.76
CA VAL B 254 -4.16 -67.17 -4.14
C VAL B 254 -4.35 -67.03 -2.64
N PRO B 255 -3.51 -67.67 -1.83
CA PRO B 255 -3.58 -67.43 -0.38
C PRO B 255 -3.18 -66.00 -0.05
N LEU B 256 -3.85 -65.43 0.94
CA LEU B 256 -3.58 -64.05 1.35
C LEU B 256 -2.26 -63.97 2.13
N PRO B 257 -1.30 -63.18 1.68
CA PRO B 257 -0.02 -63.09 2.41
C PRO B 257 -0.19 -62.70 3.88
N GLU B 258 0.58 -63.36 4.75
CA GLU B 258 0.56 -63.06 6.18
C GLU B 258 2.00 -63.01 6.69
N PHE B 259 2.22 -62.16 7.70
CA PHE B 259 3.56 -61.85 8.18
C PHE B 259 3.59 -62.01 9.69
N PRO B 260 3.49 -63.25 10.18
CA PRO B 260 3.29 -63.47 11.61
C PRO B 260 4.50 -63.15 12.45
N GLU B 261 5.69 -63.10 11.86
CA GLU B 261 6.88 -62.80 12.62
C GLU B 261 7.15 -61.30 12.57
N HIS B 262 7.32 -60.68 13.74
CA HIS B 262 7.53 -59.25 13.75
C HIS B 262 8.85 -58.90 13.06
N PRO B 263 8.87 -57.81 12.28
CA PRO B 263 10.15 -57.33 11.74
C PRO B 263 11.13 -56.88 12.79
N PHE B 264 10.70 -56.58 14.00
CA PHE B 264 11.62 -56.18 15.05
C PHE B 264 11.73 -57.36 15.99
N GLN B 265 12.86 -58.06 15.93
CA GLN B 265 13.12 -59.15 16.87
C GLN B 265 14.08 -58.67 17.98
N GLU B 266 14.54 -59.62 18.78
CA GLU B 266 15.01 -59.22 20.08
C GLU B 266 16.26 -58.37 19.91
N GLU B 267 17.04 -58.66 18.89
CA GLU B 267 18.24 -57.90 18.62
C GLU B 267 17.94 -56.55 18.03
N HIS B 268 16.70 -56.26 17.67
CA HIS B 268 16.33 -54.94 17.24
C HIS B 268 15.70 -54.13 18.35
N LEU B 269 15.59 -54.66 19.57
CA LEU B 269 15.03 -53.90 20.66
C LEU B 269 16.16 -53.29 21.51
N LYS B 270 15.77 -52.37 22.39
CA LYS B 270 16.71 -51.65 23.22
C LYS B 270 17.79 -50.97 22.36
N GLN B 271 17.43 -50.56 21.15
CA GLN B 271 18.32 -49.86 20.23
C GLN B 271 18.04 -48.37 20.23
N LEU B 272 19.06 -47.60 19.90
CA LEU B 272 18.98 -46.15 19.81
C LEU B 272 19.56 -45.72 18.48
N TYR B 273 18.83 -44.92 17.73
CA TYR B 273 19.29 -44.46 16.43
C TYR B 273 19.41 -42.95 16.45
N LYS B 274 20.49 -42.45 15.85
CA LYS B 274 20.76 -41.01 15.76
C LYS B 274 20.77 -40.67 14.29
N ILE B 275 19.95 -39.69 13.90
CA ILE B 275 19.64 -39.49 12.48
C ILE B 275 19.84 -38.03 12.10
N VAL B 276 20.39 -37.80 10.92
CA VAL B 276 20.60 -36.44 10.39
C VAL B 276 19.42 -36.08 9.48
N PRO B 277 18.68 -35.03 9.78
CA PRO B 277 17.58 -34.60 8.91
C PRO B 277 18.08 -33.73 7.76
N ILE B 278 17.22 -33.56 6.76
CA ILE B 278 17.48 -32.56 5.72
C ILE B 278 17.10 -31.17 6.22
N LYS B 279 15.87 -31.04 6.71
CA LYS B 279 15.45 -29.80 7.36
C LYS B 279 16.06 -29.71 8.76
N ASP B 280 16.08 -28.49 9.31
CA ASP B 280 16.53 -28.30 10.69
C ASP B 280 15.36 -28.64 11.60
N ILE B 281 15.25 -29.93 11.97
CA ILE B 281 14.18 -30.39 12.83
C ILE B 281 14.72 -31.27 13.96
N ARG B 282 14.00 -31.26 15.08
CA ARG B 282 14.36 -32.05 16.25
C ARG B 282 13.19 -32.94 16.66
N ASN B 283 13.31 -34.23 16.35
CA ASN B 283 12.27 -35.19 16.67
C ASN B 283 12.82 -36.35 17.48
N LEU B 284 11.94 -36.92 18.29
CA LEU B 284 12.21 -38.11 19.09
C LEU B 284 11.11 -39.13 18.81
N TYR B 285 11.49 -40.32 18.34
CA TYR B 285 10.54 -41.37 17.99
C TYR B 285 10.73 -42.60 18.89
N VAL B 286 9.72 -42.92 19.67
CA VAL B 286 9.72 -44.07 20.58
C VAL B 286 8.75 -45.09 20.02
N THR B 287 9.23 -46.32 19.81
CA THR B 287 8.43 -47.36 19.17
C THR B 287 8.48 -48.63 19.97
N PHE B 288 7.31 -49.29 20.14
CA PHE B 288 7.24 -50.65 20.67
C PHE B 288 6.59 -51.58 19.65
N PRO B 289 7.12 -52.77 19.43
CA PRO B 289 6.38 -53.76 18.64
C PRO B 289 5.19 -54.27 19.43
N ILE B 290 4.08 -54.48 18.73
CA ILE B 290 2.91 -55.10 19.35
C ILE B 290 2.35 -56.15 18.41
N PRO B 291 1.49 -57.03 18.94
CA PRO B 291 0.75 -57.96 18.08
C PRO B 291 -0.21 -57.21 17.16
N ASP B 292 -0.67 -57.93 16.13
CA ASP B 292 -1.68 -57.44 15.20
C ASP B 292 -3.00 -57.32 15.97
N LEU B 293 -3.49 -56.10 16.12
CA LEU B 293 -4.75 -55.86 16.81
C LEU B 293 -5.94 -55.79 15.86
N GLN B 294 -5.72 -55.95 14.55
CA GLN B 294 -6.79 -55.71 13.59
C GLN B 294 -8.08 -56.41 14.00
N LYS B 295 -8.00 -57.68 14.41
CA LYS B 295 -9.20 -58.46 14.68
C LYS B 295 -9.97 -58.00 15.91
N TYR B 296 -9.45 -57.05 16.71
CA TYR B 296 -10.16 -56.59 17.90
C TYR B 296 -10.95 -55.33 17.64
N TYR B 297 -11.36 -55.11 16.40
CA TYR B 297 -11.89 -53.81 16.01
C TYR B 297 -13.16 -53.42 16.77
N LYS B 298 -13.82 -54.36 17.44
CA LYS B 298 -15.01 -54.00 18.20
C LYS B 298 -14.70 -53.51 19.61
N SER B 299 -13.46 -53.65 20.08
CA SER B 299 -12.97 -53.07 21.34
C SER B 299 -11.88 -52.03 21.13
N ASN B 300 -10.96 -52.25 20.21
CA ASN B 300 -9.89 -51.30 19.87
C ASN B 300 -9.01 -50.97 21.06
N PRO B 301 -8.45 -51.98 21.72
CA PRO B 301 -7.56 -51.69 22.86
C PRO B 301 -6.44 -50.74 22.51
N GLY B 302 -5.90 -50.83 21.30
CA GLY B 302 -4.81 -49.94 20.93
C GLY B 302 -5.24 -48.49 20.90
N HIS B 303 -6.46 -48.21 20.43
CA HIS B 303 -6.90 -46.83 20.37
C HIS B 303 -7.31 -46.31 21.73
N TYR B 304 -7.83 -47.17 22.59
CA TYR B 304 -8.00 -46.78 23.99
C TYR B 304 -6.70 -46.23 24.52
N LEU B 305 -5.59 -46.99 24.38
CA LEU B 305 -4.34 -46.52 24.96
C LEU B 305 -3.79 -45.32 24.22
N GLY B 306 -3.98 -45.25 22.89
CA GLY B 306 -3.58 -44.06 22.17
C GLY B 306 -4.32 -42.82 22.61
N HIS B 307 -5.62 -42.97 22.92
CA HIS B 307 -6.41 -41.83 23.39
C HIS B 307 -5.81 -41.23 24.65
N LEU B 308 -5.36 -42.08 25.57
CA LEU B 308 -4.84 -41.61 26.85
C LEU B 308 -3.40 -41.14 26.71
N ILE B 309 -2.52 -42.01 26.24
CA ILE B 309 -1.11 -41.64 26.13
C ILE B 309 -0.95 -40.44 25.22
N GLY B 310 -1.82 -40.32 24.22
CA GLY B 310 -1.78 -39.19 23.32
C GLY B 310 -2.58 -37.98 23.74
N HIS B 311 -3.16 -37.96 24.94
CA HIS B 311 -4.06 -36.89 25.31
C HIS B 311 -3.29 -35.59 25.46
N GLU B 312 -3.95 -34.46 25.18
CA GLU B 312 -3.31 -33.15 25.28
C GLU B 312 -3.94 -32.25 26.34
N GLY B 313 -4.90 -32.79 27.10
CA GLY B 313 -5.57 -32.01 28.12
C GLY B 313 -4.79 -31.93 29.40
N PRO B 314 -5.42 -31.31 30.41
CA PRO B 314 -4.80 -31.23 31.73
C PRO B 314 -4.48 -32.62 32.27
N GLY B 315 -3.32 -32.74 32.91
CA GLY B 315 -2.85 -33.97 33.50
C GLY B 315 -2.11 -34.87 32.54
N SER B 316 -2.02 -34.48 31.26
CA SER B 316 -1.54 -35.36 30.23
C SER B 316 -0.01 -35.45 30.25
N LEU B 317 0.48 -36.47 29.57
CA LEU B 317 1.91 -36.60 29.31
C LEU B 317 2.45 -35.36 28.60
N LEU B 318 1.82 -34.98 27.48
CA LEU B 318 2.32 -33.82 26.75
C LEU B 318 2.30 -32.56 27.61
N SER B 319 1.25 -32.38 28.40
CA SER B 319 1.15 -31.18 29.21
C SER B 319 2.38 -30.98 30.10
N GLU B 320 2.87 -32.06 30.70
CA GLU B 320 4.06 -31.95 31.55
C GLU B 320 5.33 -31.77 30.72
N LEU B 321 5.50 -32.59 29.68
CA LEU B 321 6.65 -32.41 28.78
C LEU B 321 6.71 -30.99 28.24
N LYS B 322 5.57 -30.36 28.02
CA LYS B 322 5.55 -28.99 27.54
C LYS B 322 5.87 -27.99 28.64
N SER B 323 5.31 -28.18 29.84
CA SER B 323 5.65 -27.31 30.97
C SER B 323 7.14 -27.30 31.23
N LYS B 324 7.79 -28.46 31.12
CA LYS B 324 9.23 -28.58 31.26
C LYS B 324 10.01 -27.89 30.15
N GLY B 325 9.35 -27.32 29.15
CA GLY B 325 10.06 -26.76 28.01
C GLY B 325 10.74 -27.76 27.10
N TRP B 326 10.33 -29.03 27.11
CA TRP B 326 11.04 -30.05 26.35
C TRP B 326 10.40 -30.40 25.00
N VAL B 327 9.06 -30.48 24.92
CA VAL B 327 8.41 -30.87 23.67
C VAL B 327 7.24 -29.91 23.45
N ASN B 328 6.85 -29.76 22.19
CA ASN B 328 5.66 -28.99 21.88
C ASN B 328 4.51 -29.82 21.32
N THR B 329 4.79 -30.87 20.57
CA THR B 329 3.73 -31.72 20.05
C THR B 329 4.05 -33.18 20.34
N LEU B 330 2.99 -33.98 20.46
CA LEU B 330 3.14 -35.39 20.75
C LEU B 330 2.08 -36.17 20.00
N VAL B 331 2.48 -37.29 19.42
CA VAL B 331 1.56 -38.22 18.76
C VAL B 331 1.71 -39.57 19.44
N GLY B 332 0.60 -40.15 19.85
CA GLY B 332 0.67 -41.42 20.54
C GLY B 332 -0.43 -42.35 20.12
N GLY B 333 -0.13 -43.62 19.91
CA GLY B 333 -1.15 -44.60 19.61
C GLY B 333 -0.59 -45.71 18.77
N GLN B 334 -1.49 -46.50 18.21
CA GLN B 334 -1.08 -47.68 17.47
C GLN B 334 -0.80 -47.29 16.03
N LYS B 335 0.21 -47.90 15.44
CA LYS B 335 0.60 -47.67 14.05
C LYS B 335 0.41 -48.96 13.28
N GLU B 336 -0.17 -48.85 12.07
CA GLU B 336 -0.38 -50.00 11.22
C GLU B 336 0.95 -50.63 10.81
N GLY B 337 0.90 -51.94 10.57
CA GLY B 337 2.07 -52.67 10.13
C GLY B 337 1.70 -53.51 8.91
N ALA B 338 1.30 -54.76 9.14
CA ALA B 338 0.68 -55.54 8.09
C ALA B 338 -0.09 -56.66 8.78
N ARG B 339 -0.71 -57.52 7.99
CA ARG B 339 -1.34 -58.69 8.57
C ARG B 339 -0.28 -59.47 9.33
N GLY B 340 -0.36 -59.45 10.67
CA GLY B 340 0.58 -60.18 11.49
C GLY B 340 1.39 -59.34 12.46
N PHE B 341 1.57 -58.04 12.22
CA PHE B 341 2.32 -57.24 13.19
C PHE B 341 1.85 -55.79 13.14
N MET B 342 2.01 -55.10 14.26
CA MET B 342 1.69 -53.69 14.39
C MET B 342 2.71 -53.03 15.31
N PHE B 343 2.64 -51.70 15.41
CA PHE B 343 3.53 -50.96 16.29
C PHE B 343 2.72 -50.08 17.22
N PHE B 344 3.38 -49.62 18.27
CA PHE B 344 2.81 -48.61 19.12
C PHE B 344 3.86 -47.53 19.28
N ILE B 345 3.47 -46.27 19.04
CA ILE B 345 4.43 -45.18 18.96
C ILE B 345 4.08 -44.08 19.95
N ILE B 346 5.11 -43.34 20.32
CA ILE B 346 5.00 -42.08 21.05
C ILE B 346 6.08 -41.21 20.45
N ASN B 347 5.68 -40.31 19.56
CA ASN B 347 6.59 -39.42 18.86
C ASN B 347 6.34 -37.99 19.34
N VAL B 348 7.43 -37.26 19.59
CA VAL B 348 7.35 -35.86 20.01
C VAL B 348 8.35 -35.06 19.19
N ASP B 349 8.11 -33.76 19.11
CA ASP B 349 9.19 -32.88 18.64
C ASP B 349 9.94 -32.34 19.86
N LEU B 350 11.12 -31.76 19.60
CA LEU B 350 12.05 -31.47 20.67
C LEU B 350 12.44 -30.00 20.64
N THR B 351 12.29 -29.33 21.78
CA THR B 351 12.89 -28.00 21.95
C THR B 351 14.40 -28.14 22.05
N GLU B 352 15.09 -27.02 22.16
CA GLU B 352 16.54 -27.13 22.31
C GLU B 352 16.89 -27.85 23.60
N GLU B 353 16.25 -27.46 24.71
CA GLU B 353 16.44 -28.19 25.95
C GLU B 353 16.03 -29.66 25.81
N GLY B 354 14.85 -29.91 25.23
CA GLY B 354 14.39 -31.29 25.08
C GLY B 354 15.44 -32.19 24.46
N LEU B 355 16.16 -31.70 23.44
CA LEU B 355 17.17 -32.53 22.78
C LEU B 355 18.25 -32.96 23.76
N LEU B 356 18.48 -32.18 24.82
CA LEU B 356 19.43 -32.54 25.86
C LEU B 356 18.82 -33.40 26.96
N HIS B 357 17.50 -33.58 26.96
CA HIS B 357 16.87 -34.36 28.02
C HIS B 357 16.05 -35.53 27.50
N VAL B 358 16.49 -36.14 26.39
CA VAL B 358 15.74 -37.25 25.83
C VAL B 358 15.55 -38.34 26.87
N GLU B 359 16.57 -38.62 27.66
CA GLU B 359 16.45 -39.69 28.63
C GLU B 359 15.34 -39.39 29.63
N ASP B 360 15.23 -38.13 30.04
CA ASP B 360 14.17 -37.76 30.98
C ASP B 360 12.82 -37.77 30.30
N ILE B 361 12.76 -37.28 29.06
CA ILE B 361 11.51 -37.33 28.33
C ILE B 361 10.97 -38.75 28.35
N ILE B 362 11.84 -39.72 28.02
CA ILE B 362 11.39 -41.11 27.95
C ILE B 362 11.02 -41.63 29.34
N LEU B 363 11.74 -41.21 30.39
CA LEU B 363 11.32 -41.60 31.73
C LEU B 363 9.90 -41.12 32.00
N HIS B 364 9.60 -39.88 31.61
CA HIS B 364 8.25 -39.37 31.84
C HIS B 364 7.21 -40.20 31.08
N MET B 365 7.57 -40.66 29.87
CA MET B 365 6.65 -41.54 29.15
C MET B 365 6.38 -42.80 29.95
N PHE B 366 7.43 -43.43 30.49
CA PHE B 366 7.19 -44.69 31.20
C PHE B 366 6.51 -44.44 32.54
N GLN B 367 6.70 -43.26 33.13
CA GLN B 367 5.91 -42.90 34.30
C GLN B 367 4.44 -42.76 33.96
N TYR B 368 4.13 -42.12 32.83
CA TYR B 368 2.72 -42.02 32.45
C TYR B 368 2.15 -43.42 32.19
N ILE B 369 2.88 -44.25 31.46
CA ILE B 369 2.40 -45.61 31.23
C ILE B 369 2.15 -46.31 32.55
N GLN B 370 3.03 -46.07 33.53
CA GLN B 370 2.88 -46.72 34.83
C GLN B 370 1.62 -46.24 35.54
N LYS B 371 1.28 -44.96 35.38
CA LYS B 371 0.01 -44.47 35.90
C LYS B 371 -1.16 -45.25 35.32
N LEU B 372 -1.10 -45.57 34.02
CA LEU B 372 -2.20 -46.33 33.43
C LEU B 372 -2.26 -47.73 34.01
N ARG B 373 -1.10 -48.39 34.17
CA ARG B 373 -1.12 -49.68 34.85
C ARG B 373 -1.76 -49.54 36.23
N ALA B 374 -1.36 -48.54 36.99
CA ALA B 374 -1.81 -48.41 38.37
C ALA B 374 -3.32 -48.25 38.44
N GLU B 375 -3.91 -47.46 37.54
CA GLU B 375 -5.35 -47.23 37.55
C GLU B 375 -6.15 -48.37 36.92
N GLY B 376 -5.54 -49.15 36.02
CA GLY B 376 -6.27 -50.15 35.28
C GLY B 376 -7.29 -49.59 34.31
N PRO B 377 -7.84 -50.44 33.45
CA PRO B 377 -8.77 -49.95 32.41
C PRO B 377 -10.00 -49.31 33.01
N GLN B 378 -10.57 -48.37 32.27
CA GLN B 378 -11.64 -47.49 32.75
C GLN B 378 -12.83 -47.64 31.82
N GLU B 379 -13.88 -48.33 32.27
CA GLU B 379 -15.02 -48.49 31.38
C GLU B 379 -15.58 -47.13 30.96
N TRP B 380 -15.51 -46.13 31.84
CA TRP B 380 -16.12 -44.84 31.51
C TRP B 380 -15.38 -44.19 30.37
N VAL B 381 -14.05 -44.34 30.34
CA VAL B 381 -13.26 -43.87 29.21
C VAL B 381 -13.72 -44.55 27.94
N PHE B 382 -13.78 -45.88 27.97
CA PHE B 382 -14.29 -46.63 26.82
C PHE B 382 -15.66 -46.12 26.44
N GLN B 383 -16.49 -45.81 27.43
CA GLN B 383 -17.84 -45.35 27.13
C GLN B 383 -17.82 -44.02 26.38
N GLU B 384 -16.98 -43.06 26.80
CA GLU B 384 -16.89 -41.81 26.04
C GLU B 384 -16.49 -42.07 24.60
N LEU B 385 -15.44 -42.87 24.39
CA LEU B 385 -15.00 -43.16 23.03
C LEU B 385 -16.14 -43.75 22.22
N LYS B 386 -16.85 -44.74 22.78
CA LYS B 386 -17.97 -45.34 22.07
C LYS B 386 -19.05 -44.31 21.74
N ASP B 387 -19.42 -43.48 22.72
CA ASP B 387 -20.46 -42.47 22.51
C ASP B 387 -20.04 -41.47 21.43
N LEU B 388 -18.80 -40.97 21.50
CA LEU B 388 -18.35 -39.98 20.53
C LEU B 388 -18.28 -40.57 19.14
N ASN B 389 -17.82 -41.82 19.03
CA ASN B 389 -17.80 -42.49 17.74
C ASN B 389 -19.21 -42.66 17.20
N ALA B 390 -20.12 -43.14 18.05
CA ALA B 390 -21.50 -43.31 17.62
C ALA B 390 -22.06 -42.03 17.07
N VAL B 391 -21.80 -40.90 17.76
CA VAL B 391 -22.32 -39.63 17.29
C VAL B 391 -21.62 -39.21 16.00
N ALA B 392 -20.30 -39.34 15.94
CA ALA B 392 -19.60 -39.03 14.70
C ALA B 392 -20.15 -39.83 13.54
N PHE B 393 -20.58 -41.08 13.76
CA PHE B 393 -21.08 -41.88 12.66
C PHE B 393 -22.52 -41.52 12.33
N ARG B 394 -23.33 -41.25 13.34
CA ARG B 394 -24.71 -40.84 13.06
C ARG B 394 -24.73 -39.63 12.14
N PHE B 395 -23.86 -38.66 12.39
CA PHE B 395 -23.93 -37.39 11.72
C PHE B 395 -22.76 -37.18 10.76
N LYS B 396 -22.24 -38.27 10.19
CA LYS B 396 -21.10 -38.18 9.28
C LYS B 396 -21.47 -37.35 8.06
N ASP B 397 -20.58 -36.45 7.67
CA ASP B 397 -20.76 -35.71 6.43
C ASP B 397 -20.83 -36.68 5.26
N LYS B 398 -21.65 -36.36 4.27
CA LYS B 398 -21.68 -37.16 3.05
C LYS B 398 -20.40 -36.93 2.23
N GLU B 399 -19.76 -38.02 1.80
CA GLU B 399 -18.44 -38.00 1.16
C GLU B 399 -18.53 -37.72 -0.34
N ARG B 400 -17.44 -37.22 -0.93
CA ARG B 400 -17.34 -37.28 -2.41
C ARG B 400 -17.29 -38.74 -2.82
N PRO B 401 -17.93 -39.10 -3.94
CA PRO B 401 -17.98 -40.53 -4.31
C PRO B 401 -16.62 -41.13 -4.57
N ARG B 402 -15.72 -40.38 -5.21
CA ARG B 402 -14.43 -40.95 -5.59
C ARG B 402 -13.68 -41.48 -4.39
N GLY B 403 -13.50 -40.64 -3.36
CA GLY B 403 -12.80 -41.09 -2.18
C GLY B 403 -13.55 -42.16 -1.43
N TYR B 404 -14.88 -42.16 -1.55
CA TYR B 404 -15.70 -43.09 -0.78
C TYR B 404 -15.59 -44.52 -1.34
N THR B 405 -15.73 -44.67 -2.66
CA THR B 405 -15.50 -45.98 -3.26
C THR B 405 -14.11 -46.49 -2.90
N SER B 406 -13.09 -45.64 -3.03
CA SER B 406 -11.73 -46.10 -2.75
C SER B 406 -11.62 -46.60 -1.32
N LYS B 407 -12.02 -45.78 -0.34
CA LYS B 407 -11.90 -46.19 1.06
C LYS B 407 -12.60 -47.52 1.31
N ILE B 408 -13.84 -47.64 0.83
CA ILE B 408 -14.62 -48.83 1.12
C ILE B 408 -14.05 -50.06 0.44
N ALA B 409 -13.48 -49.90 -0.76
CA ALA B 409 -12.88 -51.04 -1.41
C ALA B 409 -11.73 -51.60 -0.56
N GLY B 410 -11.01 -50.71 0.12
CA GLY B 410 -9.92 -51.17 0.94
C GLY B 410 -10.39 -52.02 2.11
N ILE B 411 -11.51 -51.62 2.74
CA ILE B 411 -11.88 -52.28 3.99
C ILE B 411 -12.86 -53.41 3.79
N LEU B 412 -13.37 -53.64 2.57
CA LEU B 412 -14.14 -54.86 2.32
C LEU B 412 -13.30 -56.11 2.58
N HIS B 413 -11.97 -55.98 2.52
CA HIS B 413 -11.10 -57.09 2.84
C HIS B 413 -11.10 -57.45 4.33
N TYR B 414 -11.52 -56.56 5.21
CA TYR B 414 -11.31 -56.76 6.64
C TYR B 414 -12.57 -56.98 7.44
N TYR B 415 -13.75 -56.88 6.85
CA TYR B 415 -14.97 -56.90 7.64
C TYR B 415 -16.08 -57.61 6.88
N PRO B 416 -17.04 -58.19 7.59
CA PRO B 416 -18.22 -58.74 6.91
C PRO B 416 -18.93 -57.67 6.11
N LEU B 417 -19.48 -58.06 4.95
CA LEU B 417 -20.21 -57.12 4.11
C LEU B 417 -21.08 -56.17 4.90
N GLU B 418 -21.90 -56.71 5.81
CA GLU B 418 -22.90 -55.89 6.49
C GLU B 418 -22.29 -54.88 7.47
N GLU B 419 -21.01 -54.96 7.75
CA GLU B 419 -20.37 -54.02 8.65
C GLU B 419 -19.36 -53.11 7.97
N VAL B 420 -19.20 -53.16 6.63
CA VAL B 420 -18.13 -52.35 6.04
C VAL B 420 -18.29 -50.89 6.43
N LEU B 421 -19.53 -50.39 6.52
CA LEU B 421 -19.73 -48.96 6.81
C LEU B 421 -19.46 -48.64 8.27
N THR B 422 -19.91 -49.50 9.19
CA THR B 422 -19.83 -49.22 10.62
C THR B 422 -18.54 -49.70 11.27
N ALA B 423 -17.83 -50.66 10.67
CA ALA B 423 -16.81 -51.40 11.42
C ALA B 423 -15.77 -50.47 12.02
N GLU B 424 -15.39 -49.44 11.29
CA GLU B 424 -14.34 -48.55 11.78
C GLU B 424 -14.87 -47.46 12.72
N TYR B 425 -16.18 -47.35 12.91
CA TYR B 425 -16.71 -46.35 13.83
C TYR B 425 -17.30 -46.91 15.11
N LEU B 426 -18.10 -47.96 15.04
CA LEU B 426 -18.87 -48.37 16.21
C LEU B 426 -18.08 -49.35 17.06
N LEU B 427 -17.84 -48.97 18.31
CA LEU B 427 -17.29 -49.86 19.31
C LEU B 427 -18.42 -50.58 20.05
N GLU B 428 -18.16 -51.82 20.47
CA GLU B 428 -19.21 -52.68 21.00
C GLU B 428 -18.84 -53.41 22.28
N GLU B 429 -17.56 -53.72 22.47
CA GLU B 429 -17.12 -54.60 23.53
C GLU B 429 -16.10 -53.89 24.38
N PHE B 430 -16.34 -53.84 25.68
CA PHE B 430 -15.32 -53.38 26.61
C PHE B 430 -14.40 -54.55 26.97
N ARG B 431 -13.11 -54.45 26.68
CA ARG B 431 -12.17 -55.57 26.81
C ARG B 431 -11.01 -55.16 27.69
N PRO B 432 -11.23 -55.04 29.00
CA PRO B 432 -10.11 -54.72 29.90
C PRO B 432 -8.95 -55.70 29.77
N ASP B 433 -9.22 -56.98 29.46
CA ASP B 433 -8.14 -57.94 29.24
C ASP B 433 -7.24 -57.49 28.08
N LEU B 434 -7.83 -57.09 26.95
CA LEU B 434 -7.01 -56.69 25.83
C LEU B 434 -6.24 -55.41 26.13
N ILE B 435 -6.86 -54.48 26.85
CA ILE B 435 -6.15 -53.25 27.20
C ILE B 435 -4.94 -53.57 28.06
N GLU B 436 -5.09 -54.50 29.01
CA GLU B 436 -3.93 -54.87 29.81
C GLU B 436 -2.89 -55.61 28.97
N MET B 437 -3.34 -56.50 28.09
CA MET B 437 -2.43 -57.17 27.18
C MET B 437 -1.53 -56.18 26.45
N VAL B 438 -2.12 -55.17 25.80
CA VAL B 438 -1.31 -54.24 25.03
C VAL B 438 -0.44 -53.39 25.94
N LEU B 439 -1.00 -52.98 27.07
CA LEU B 439 -0.24 -52.11 27.96
C LEU B 439 1.04 -52.80 28.41
N ASP B 440 0.96 -54.13 28.56
CA ASP B 440 2.09 -54.92 29.01
C ASP B 440 3.20 -54.98 27.97
N LYS B 441 2.93 -54.68 26.70
CA LYS B 441 3.98 -54.64 25.71
C LYS B 441 4.76 -53.33 25.74
N LEU B 442 4.24 -52.30 26.41
CA LEU B 442 4.87 -50.98 26.41
C LEU B 442 5.87 -50.89 27.56
N ARG B 443 7.05 -51.46 27.34
CA ARG B 443 8.01 -51.61 28.42
C ARG B 443 9.42 -51.31 27.94
N PRO B 444 10.29 -50.81 28.82
CA PRO B 444 11.65 -50.44 28.39
C PRO B 444 12.39 -51.55 27.68
N GLU B 445 12.17 -52.82 28.04
CA GLU B 445 12.89 -53.91 27.38
C GLU B 445 12.44 -54.16 25.95
N ASN B 446 11.42 -53.46 25.46
CA ASN B 446 10.95 -53.63 24.09
C ASN B 446 11.04 -52.34 23.28
N VAL B 447 11.76 -51.35 23.75
CA VAL B 447 11.62 -50.03 23.16
C VAL B 447 12.66 -49.85 22.07
N ARG B 448 12.29 -49.11 21.03
CA ARG B 448 13.23 -48.58 20.04
C ARG B 448 13.15 -47.06 20.08
N VAL B 449 14.31 -46.40 19.97
CA VAL B 449 14.40 -44.96 20.14
C VAL B 449 15.20 -44.38 18.99
N ALA B 450 14.64 -43.35 18.33
CA ALA B 450 15.31 -42.63 17.27
C ALA B 450 15.26 -41.13 17.55
N ILE B 451 16.41 -40.48 17.41
CA ILE B 451 16.54 -39.04 17.61
C ILE B 451 16.97 -38.43 16.28
N VAL B 452 16.25 -37.41 15.84
CA VAL B 452 16.54 -36.73 14.58
C VAL B 452 17.00 -35.32 14.91
N SER B 453 18.26 -35.00 14.57
CA SER B 453 18.78 -33.68 14.86
C SER B 453 19.96 -33.39 13.95
N LYS B 454 20.06 -32.15 13.47
CA LYS B 454 21.27 -31.70 12.79
C LYS B 454 22.52 -31.86 13.64
N SER B 455 22.35 -31.95 14.97
CA SER B 455 23.50 -32.03 15.86
C SER B 455 24.27 -33.33 15.72
N PHE B 456 23.71 -34.34 15.06
CA PHE B 456 24.42 -35.58 14.77
C PHE B 456 25.20 -35.50 13.46
N GLU B 457 25.13 -34.35 12.79
CA GLU B 457 25.81 -34.17 11.51
C GLU B 457 27.31 -34.25 11.73
N GLY B 458 27.95 -35.23 11.09
CA GLY B 458 29.35 -35.52 11.29
C GLY B 458 29.61 -36.77 12.12
N LYS B 459 28.71 -37.10 13.04
CA LYS B 459 28.94 -38.16 14.02
C LYS B 459 28.24 -39.46 13.68
N THR B 460 27.94 -39.71 12.41
CA THR B 460 27.24 -40.90 11.99
C THR B 460 28.17 -41.81 11.18
N ASP B 461 27.86 -43.10 11.17
CA ASP B 461 28.73 -44.06 10.49
C ASP B 461 27.97 -45.09 9.68
N ARG B 462 26.73 -44.81 9.31
CA ARG B 462 25.96 -45.70 8.47
C ARG B 462 25.22 -44.87 7.46
N THR B 463 24.78 -45.53 6.39
CA THR B 463 24.08 -44.86 5.30
C THR B 463 22.96 -45.78 4.82
N GLU B 464 21.71 -45.38 5.01
CA GLU B 464 20.62 -46.14 4.40
C GLU B 464 20.74 -46.05 2.88
N GLU B 465 20.50 -47.17 2.20
CA GLU B 465 20.92 -47.27 0.81
C GLU B 465 19.95 -46.61 -0.16
N TRP B 466 18.66 -46.56 0.14
CA TRP B 466 17.76 -46.03 -0.87
C TRP B 466 17.70 -44.51 -0.85
N TYR B 467 17.82 -43.89 0.31
CA TYR B 467 17.68 -42.45 0.42
C TYR B 467 18.99 -41.73 0.76
N GLY B 468 19.96 -42.44 1.32
CA GLY B 468 21.19 -41.79 1.73
C GLY B 468 21.22 -41.32 3.16
N THR B 469 20.21 -41.68 3.97
CA THR B 469 20.12 -41.15 5.32
C THR B 469 21.36 -41.50 6.12
N GLN B 470 21.90 -40.51 6.82
CA GLN B 470 23.09 -40.66 7.66
C GLN B 470 22.66 -40.95 9.09
N TYR B 471 23.12 -42.05 9.65
CA TYR B 471 22.68 -42.33 11.02
C TYR B 471 23.69 -43.22 11.72
N LYS B 472 23.55 -43.27 13.03
CA LYS B 472 24.34 -44.10 13.92
C LYS B 472 23.37 -44.96 14.71
N GLN B 473 23.79 -46.16 15.05
CA GLN B 473 23.01 -47.07 15.87
C GLN B 473 23.83 -47.45 17.09
N GLU B 474 23.17 -47.54 18.23
CA GLU B 474 23.82 -47.90 19.48
C GLU B 474 22.83 -48.69 20.30
N ALA B 475 23.35 -49.52 21.19
CA ALA B 475 22.50 -50.17 22.15
C ALA B 475 22.20 -49.21 23.30
N ILE B 476 20.97 -49.23 23.77
CA ILE B 476 20.65 -48.44 24.96
C ILE B 476 21.38 -49.05 26.16
N PRO B 477 22.13 -48.26 26.93
CA PRO B 477 22.82 -48.80 28.11
C PRO B 477 21.84 -49.44 29.09
N ASP B 478 22.20 -50.62 29.60
CA ASP B 478 21.30 -51.33 30.51
C ASP B 478 20.97 -50.52 31.75
N GLU B 479 21.84 -49.60 32.17
CA GLU B 479 21.45 -48.81 33.32
C GLU B 479 20.34 -47.85 32.97
N VAL B 480 20.35 -47.31 31.75
CA VAL B 480 19.23 -46.53 31.27
C VAL B 480 17.95 -47.38 31.25
N ILE B 481 18.03 -48.58 30.68
CA ILE B 481 16.86 -49.45 30.65
C ILE B 481 16.33 -49.68 32.04
N LYS B 482 17.23 -49.91 33.01
CA LYS B 482 16.79 -50.19 34.36
C LYS B 482 16.16 -48.96 35.01
N LYS B 483 16.74 -47.77 34.80
CA LYS B 483 16.10 -46.57 35.35
C LYS B 483 14.70 -46.35 34.78
N TRP B 484 14.48 -46.67 33.50
CA TRP B 484 13.13 -46.58 32.93
C TRP B 484 12.22 -47.65 33.52
N GLN B 485 12.74 -48.86 33.72
CA GLN B 485 11.91 -49.92 34.31
C GLN B 485 11.46 -49.55 35.71
N ASN B 486 12.21 -48.71 36.41
CA ASN B 486 11.91 -48.33 37.79
C ASN B 486 11.14 -47.04 37.93
N ALA B 487 10.40 -46.64 36.90
CA ALA B 487 9.60 -45.42 36.99
C ALA B 487 8.55 -45.51 38.10
N ASP B 488 8.69 -44.66 39.12
CA ASP B 488 7.69 -44.55 40.17
C ASP B 488 6.68 -43.49 39.72
N LEU B 489 5.48 -43.48 40.31
CA LEU B 489 4.44 -42.53 39.93
C LEU B 489 4.86 -41.05 39.96
N ASN B 490 4.31 -40.26 39.04
CA ASN B 490 4.61 -38.85 38.97
C ASN B 490 3.30 -38.10 39.15
N GLY B 491 3.23 -37.26 40.18
CA GLY B 491 1.96 -36.65 40.55
C GLY B 491 1.40 -35.69 39.53
N LYS B 492 2.23 -35.24 38.59
CA LYS B 492 1.73 -34.38 37.52
C LYS B 492 0.79 -35.10 36.56
N PHE B 493 0.77 -36.44 36.57
CA PHE B 493 0.04 -37.20 35.57
C PHE B 493 -1.26 -37.67 36.18
N LYS B 494 -2.36 -37.14 35.66
CA LYS B 494 -3.71 -37.51 36.01
C LYS B 494 -4.47 -37.90 34.77
N LEU B 495 -5.26 -38.96 34.85
CA LEU B 495 -6.12 -39.32 33.74
C LEU B 495 -7.02 -38.13 33.37
N PRO B 496 -7.53 -38.09 32.14
CA PRO B 496 -8.48 -37.05 31.77
C PRO B 496 -9.75 -37.17 32.58
N THR B 497 -10.44 -36.05 32.79
CA THR B 497 -11.76 -36.08 33.39
C THR B 497 -12.82 -36.04 32.29
N LYS B 498 -14.09 -36.23 32.67
CA LYS B 498 -15.14 -36.28 31.66
C LYS B 498 -15.04 -35.10 30.70
N ASN B 499 -15.35 -35.38 29.43
CA ASN B 499 -15.28 -34.40 28.38
C ASN B 499 -16.56 -33.60 28.41
N GLU B 500 -16.49 -32.36 28.87
CA GLU B 500 -17.71 -31.59 28.96
C GLU B 500 -18.05 -30.88 27.66
N PHE B 501 -17.25 -31.07 26.63
CA PHE B 501 -17.61 -30.57 25.32
C PHE B 501 -18.44 -31.58 24.54
N ILE B 502 -18.73 -32.73 25.13
CA ILE B 502 -19.52 -33.72 24.38
C ILE B 502 -20.87 -33.11 24.05
N PRO B 503 -21.31 -33.10 22.80
CA PRO B 503 -22.58 -32.44 22.47
C PRO B 503 -23.77 -33.32 22.80
N THR B 504 -24.88 -32.68 23.17
CA THR B 504 -26.11 -33.40 23.47
C THR B 504 -27.33 -32.86 22.74
N ASN B 505 -27.32 -31.61 22.29
CA ASN B 505 -28.45 -31.03 21.60
C ASN B 505 -28.23 -31.17 20.10
N PHE B 506 -28.87 -32.17 19.50
CA PHE B 506 -28.78 -32.40 18.07
C PHE B 506 -30.03 -31.91 17.34
N GLU B 507 -30.85 -31.12 18.01
CA GLU B 507 -32.07 -30.67 17.37
C GLU B 507 -31.73 -29.87 16.13
N ILE B 508 -32.47 -30.13 15.05
CA ILE B 508 -32.37 -29.37 13.81
C ILE B 508 -33.46 -28.30 13.83
N LEU B 509 -33.05 -27.06 14.01
CA LEU B 509 -33.99 -25.94 14.02
C LEU B 509 -34.78 -25.88 12.72
N PRO B 510 -36.10 -25.69 12.76
CA PRO B 510 -36.88 -25.64 11.52
C PRO B 510 -36.49 -24.45 10.67
N LEU B 511 -36.70 -24.59 9.37
CA LEU B 511 -36.23 -23.58 8.45
C LEU B 511 -37.06 -22.33 8.67
N GLU B 512 -36.40 -21.22 8.97
CA GLU B 512 -37.13 -19.98 9.20
C GLU B 512 -37.85 -19.59 7.92
N LYS B 513 -39.00 -18.92 8.10
CA LYS B 513 -39.80 -18.51 6.95
C LYS B 513 -39.02 -17.59 6.02
N GLU B 514 -38.15 -16.75 6.58
CA GLU B 514 -37.37 -15.79 5.81
C GLU B 514 -36.02 -16.37 5.32
N ALA B 515 -35.89 -17.68 5.24
CA ALA B 515 -34.60 -18.26 4.89
C ALA B 515 -34.30 -18.06 3.40
N THR B 516 -33.02 -18.12 3.04
CA THR B 516 -32.61 -17.79 1.68
C THR B 516 -31.73 -18.89 1.08
N PRO B 517 -31.80 -19.10 -0.24
CA PRO B 517 -30.95 -20.13 -0.86
C PRO B 517 -29.45 -19.83 -0.80
N TYR B 518 -29.06 -18.55 -0.81
CA TYR B 518 -27.65 -18.18 -0.64
C TYR B 518 -27.47 -17.35 0.63
N PRO B 519 -26.23 -17.13 1.06
CA PRO B 519 -26.01 -16.27 2.23
C PRO B 519 -26.56 -14.87 1.99
N ALA B 520 -27.22 -14.32 3.01
CA ALA B 520 -27.73 -12.97 3.00
C ALA B 520 -26.85 -12.06 3.84
N LEU B 521 -26.77 -10.79 3.43
CA LEU B 521 -26.03 -9.78 4.19
C LEU B 521 -26.94 -9.25 5.29
N ILE B 522 -26.87 -9.83 6.49
CA ILE B 522 -27.83 -9.47 7.52
C ILE B 522 -27.29 -8.42 8.48
N LYS B 523 -26.09 -7.92 8.25
CA LYS B 523 -25.63 -6.82 9.07
C LYS B 523 -24.50 -6.15 8.32
N ASP B 524 -24.53 -4.81 8.24
CA ASP B 524 -23.55 -4.07 7.44
C ASP B 524 -23.19 -2.78 8.17
N THR B 525 -22.12 -2.83 8.95
CA THR B 525 -21.76 -1.65 9.72
C THR B 525 -20.29 -1.35 9.51
N ALA B 526 -19.85 -0.25 10.10
CA ALA B 526 -18.44 0.09 10.05
C ALA B 526 -17.61 -1.06 10.59
N MET B 527 -18.05 -1.62 11.71
CA MET B 527 -17.29 -2.66 12.40
C MET B 527 -17.36 -4.00 11.66
N SER B 528 -18.55 -4.39 11.20
CA SER B 528 -18.72 -5.78 10.78
C SER B 528 -19.73 -5.93 9.67
N LYS B 529 -19.42 -6.83 8.74
CA LYS B 529 -20.28 -7.20 7.62
C LYS B 529 -20.59 -8.70 7.79
N LEU B 530 -21.84 -9.05 8.11
CA LEU B 530 -22.23 -10.40 8.47
C LEU B 530 -23.01 -11.11 7.36
N TRP B 531 -22.45 -12.19 6.81
CA TRP B 531 -23.17 -13.05 5.86
C TRP B 531 -23.71 -14.28 6.56
N PHE B 532 -24.98 -14.61 6.28
CA PHE B 532 -25.66 -15.64 7.05
C PHE B 532 -26.45 -16.55 6.12
N LYS B 533 -26.44 -17.86 6.40
CA LYS B 533 -27.34 -18.79 5.72
C LYS B 533 -27.72 -19.92 6.66
N GLN B 534 -29.01 -20.13 6.86
CA GLN B 534 -29.45 -21.31 7.57
C GLN B 534 -29.39 -22.50 6.63
N ASP B 535 -28.73 -23.57 7.06
CA ASP B 535 -28.58 -24.73 6.20
C ASP B 535 -29.95 -25.24 5.76
N ASP B 536 -30.10 -25.48 4.45
CA ASP B 536 -31.33 -26.01 3.90
C ASP B 536 -31.11 -27.28 3.05
N LYS B 537 -29.99 -27.97 3.22
CA LYS B 537 -29.68 -29.15 2.42
C LYS B 537 -29.37 -30.37 3.28
N PHE B 538 -28.46 -30.21 4.22
CA PHE B 538 -27.80 -31.33 4.91
C PHE B 538 -28.47 -31.72 6.21
N PHE B 539 -28.92 -30.75 7.02
CA PHE B 539 -29.72 -31.04 8.19
C PHE B 539 -28.96 -31.90 9.19
N LEU B 540 -27.68 -31.67 9.30
CA LEU B 540 -26.91 -32.22 10.38
C LEU B 540 -26.71 -31.16 11.44
N PRO B 541 -26.55 -31.55 12.72
CA PRO B 541 -26.45 -30.54 13.81
C PRO B 541 -25.07 -29.88 13.86
N LYS B 542 -24.75 -29.11 12.83
CA LYS B 542 -23.44 -28.51 12.71
C LYS B 542 -23.57 -27.10 12.17
N ALA B 543 -22.51 -26.32 12.37
CA ALA B 543 -22.43 -24.99 11.77
C ALA B 543 -20.97 -24.64 11.52
N ASN B 544 -20.74 -23.78 10.53
CA ASN B 544 -19.43 -23.18 10.30
C ASN B 544 -19.49 -21.68 10.54
N LEU B 545 -18.50 -21.17 11.25
CA LEU B 545 -18.38 -19.76 11.59
C LEU B 545 -17.03 -19.29 11.07
N ASN B 546 -17.06 -18.39 10.09
CA ASN B 546 -15.85 -17.91 9.43
C ASN B 546 -15.71 -16.40 9.66
N PHE B 547 -14.55 -15.98 10.19
CA PHE B 547 -14.31 -14.56 10.45
C PHE B 547 -13.00 -14.12 9.79
N GLU B 548 -13.08 -13.07 8.99
CA GLU B 548 -11.91 -12.38 8.45
C GLU B 548 -11.80 -11.07 9.21
N PHE B 549 -10.72 -10.89 9.99
CA PHE B 549 -10.40 -9.63 10.65
C PHE B 549 -9.40 -8.85 9.80
N PHE B 550 -9.74 -7.64 9.38
CA PHE B 550 -8.83 -6.78 8.63
C PHE B 550 -8.16 -5.78 9.56
N SER B 551 -6.83 -5.71 9.47
CA SER B 551 -6.08 -4.66 10.11
C SER B 551 -4.94 -4.30 9.17
N PRO B 552 -4.65 -3.02 9.00
CA PRO B 552 -3.49 -2.66 8.18
C PRO B 552 -2.19 -3.09 8.81
N PHE B 553 -2.17 -3.32 10.13
CA PHE B 553 -0.94 -3.59 10.85
C PHE B 553 -0.55 -5.06 10.89
N ALA B 554 -1.32 -5.93 10.22
CA ALA B 554 -0.97 -7.33 10.12
C ALA B 554 0.12 -7.60 9.09
N TYR B 555 0.30 -6.71 8.10
CA TYR B 555 1.23 -6.97 7.00
C TYR B 555 2.01 -5.72 6.55
N VAL B 556 2.04 -4.67 7.37
CA VAL B 556 2.59 -3.39 6.92
C VAL B 556 4.07 -3.50 6.63
N ASP B 557 4.77 -4.37 7.37
CA ASP B 557 6.20 -4.58 7.20
C ASP B 557 6.58 -5.97 7.72
N PRO B 558 7.71 -6.53 7.22
CA PRO B 558 8.07 -7.87 7.71
C PRO B 558 7.92 -8.01 9.20
N LEU B 559 8.38 -7.03 9.97
CA LEU B 559 8.38 -7.18 11.41
C LEU B 559 6.98 -7.41 11.93
N HIS B 560 6.01 -6.67 11.41
CA HIS B 560 4.65 -6.82 11.89
C HIS B 560 4.07 -8.16 11.44
N SER B 561 4.37 -8.57 10.21
CA SER B 561 3.93 -9.87 9.75
C SER B 561 4.43 -10.97 10.68
N ASN B 562 5.72 -10.93 11.03
CA ASN B 562 6.25 -11.85 12.03
C ASN B 562 5.46 -11.79 13.32
N MET B 563 5.14 -10.58 13.80
CA MET B 563 4.45 -10.46 15.09
C MET B 563 3.01 -10.96 15.02
N ALA B 564 2.34 -10.75 13.89
CA ALA B 564 1.00 -11.31 13.73
C ALA B 564 1.05 -12.83 13.75
N TYR B 565 2.10 -13.40 13.15
CA TYR B 565 2.22 -14.86 13.16
C TYR B 565 2.43 -15.38 14.57
N LEU B 566 3.39 -14.80 15.29
CA LEU B 566 3.71 -15.26 16.64
C LEU B 566 2.56 -15.01 17.62
N TYR B 567 1.84 -13.91 17.47
CA TYR B 567 0.68 -13.69 18.32
C TYR B 567 -0.28 -14.87 18.22
N LEU B 568 -0.64 -15.27 17.00
CA LEU B 568 -1.62 -16.35 16.84
C LEU B 568 -1.02 -17.71 17.17
N GLU B 569 0.28 -17.93 16.89
CA GLU B 569 0.88 -19.19 17.34
C GLU B 569 0.89 -19.28 18.86
N LEU B 570 1.23 -18.19 19.55
CA LEU B 570 1.23 -18.24 21.01
C LEU B 570 -0.17 -18.45 21.55
N LEU B 571 -1.17 -17.84 20.89
CA LEU B 571 -2.55 -17.94 21.35
C LEU B 571 -3.05 -19.38 21.25
N LYS B 572 -2.95 -19.97 20.05
CA LYS B 572 -3.26 -21.38 19.89
C LYS B 572 -2.49 -22.24 20.88
N ASP B 573 -1.20 -21.94 21.11
CA ASP B 573 -0.42 -22.73 22.04
C ASP B 573 -1.04 -22.70 23.42
N SER B 574 -1.57 -21.55 23.83
CA SER B 574 -2.10 -21.48 25.19
C SER B 574 -3.52 -21.99 25.30
N LEU B 575 -4.30 -21.91 24.22
CA LEU B 575 -5.64 -22.50 24.21
C LEU B 575 -5.63 -24.02 24.06
N ASN B 576 -4.48 -24.63 23.74
CA ASN B 576 -4.48 -26.01 23.29
C ASN B 576 -5.03 -26.98 24.34
N GLU B 577 -4.54 -26.90 25.58
CA GLU B 577 -5.06 -27.83 26.58
C GLU B 577 -6.55 -27.71 26.71
N TYR B 578 -7.07 -26.48 26.67
CA TYR B 578 -8.50 -26.31 26.87
C TYR B 578 -9.29 -26.83 25.67
N ALA B 579 -8.82 -26.55 24.46
CA ALA B 579 -9.58 -26.85 23.25
C ALA B 579 -9.49 -28.32 22.82
N TYR B 580 -8.59 -29.10 23.41
CA TYR B 580 -8.46 -30.49 22.99
C TYR B 580 -9.74 -31.26 23.27
N ALA B 581 -10.36 -31.06 24.43
CA ALA B 581 -11.63 -31.72 24.69
C ALA B 581 -12.65 -31.42 23.60
N ALA B 582 -12.71 -30.15 23.15
CA ALA B 582 -13.62 -29.82 22.05
C ALA B 582 -13.25 -30.57 20.77
N GLU B 583 -11.95 -30.61 20.44
CA GLU B 583 -11.50 -31.34 19.27
C GLU B 583 -12.03 -32.77 19.30
N LEU B 584 -11.75 -33.50 20.38
CA LEU B 584 -12.27 -34.86 20.52
C LEU B 584 -13.76 -34.92 20.33
N ALA B 585 -14.47 -33.86 20.71
CA ALA B 585 -15.93 -33.88 20.68
C ALA B 585 -16.48 -33.24 19.42
N GLY B 586 -15.72 -33.27 18.33
CA GLY B 586 -16.27 -32.86 17.05
C GLY B 586 -16.40 -31.37 16.84
N LEU B 587 -15.69 -30.57 17.62
CA LEU B 587 -15.80 -29.13 17.55
C LEU B 587 -14.38 -28.60 17.48
N SER B 588 -14.01 -28.03 16.34
CA SER B 588 -12.63 -27.65 16.12
C SER B 588 -12.56 -26.23 15.59
N TYR B 589 -11.36 -25.65 15.63
CA TYR B 589 -11.19 -24.27 15.20
C TYR B 589 -9.83 -24.09 14.57
N ASP B 590 -9.70 -23.01 13.83
CA ASP B 590 -8.47 -22.67 13.17
C ASP B 590 -8.26 -21.17 13.20
N LEU B 591 -6.98 -20.77 13.34
CA LEU B 591 -6.60 -19.38 13.58
C LEU B 591 -5.28 -19.16 12.85
N GLN B 592 -5.32 -18.48 11.69
CA GLN B 592 -4.10 -18.08 11.02
C GLN B 592 -4.04 -16.57 10.83
N ASN B 593 -2.82 -16.06 10.72
CA ASN B 593 -2.61 -14.71 10.23
C ASN B 593 -2.66 -14.74 8.71
N THR B 594 -3.05 -13.59 8.13
CA THR B 594 -3.16 -13.46 6.68
C THR B 594 -2.50 -12.15 6.29
N ILE B 595 -2.42 -11.91 4.98
CA ILE B 595 -1.84 -10.65 4.53
C ILE B 595 -2.80 -9.48 4.73
N TYR B 596 -4.00 -9.73 5.26
CA TYR B 596 -4.92 -8.64 5.55
C TYR B 596 -5.29 -8.53 7.02
N GLY B 597 -4.84 -9.46 7.85
CA GLY B 597 -5.25 -9.52 9.24
C GLY B 597 -5.23 -10.95 9.74
N MET B 598 -6.38 -11.44 10.18
CA MET B 598 -6.46 -12.76 10.78
C MET B 598 -7.68 -13.50 10.27
N TYR B 599 -7.59 -14.81 10.28
CA TYR B 599 -8.69 -15.67 9.86
C TYR B 599 -9.02 -16.62 11.00
N LEU B 600 -10.29 -16.70 11.35
CA LEU B 600 -10.71 -17.56 12.45
C LEU B 600 -11.88 -18.40 11.95
N SER B 601 -11.78 -19.71 12.10
CA SER B 601 -12.84 -20.59 11.67
C SER B 601 -13.21 -21.53 12.81
N VAL B 602 -14.49 -21.73 13.01
CA VAL B 602 -14.99 -22.66 14.02
C VAL B 602 -16.01 -23.57 13.35
N LYS B 603 -15.77 -24.88 13.40
CA LYS B 603 -16.60 -25.84 12.69
C LYS B 603 -17.01 -26.97 13.63
N GLY B 604 -18.17 -27.59 13.34
CA GLY B 604 -18.58 -28.82 14.00
C GLY B 604 -19.98 -28.71 14.60
N TYR B 605 -20.25 -29.55 15.59
CA TYR B 605 -21.57 -29.55 16.22
C TYR B 605 -21.86 -28.16 16.76
N ASN B 606 -23.03 -27.63 16.41
CA ASN B 606 -23.34 -26.27 16.83
C ASN B 606 -23.54 -26.15 18.34
N ASP B 607 -24.01 -27.23 18.99
CA ASP B 607 -24.34 -27.25 20.41
C ASP B 607 -23.47 -26.31 21.23
N LYS B 608 -22.20 -26.64 21.39
CA LYS B 608 -21.33 -25.88 22.29
C LYS B 608 -20.39 -24.96 21.54
N GLN B 609 -20.65 -24.68 20.26
CA GLN B 609 -19.80 -23.71 19.57
C GLN B 609 -19.71 -22.36 20.27
N PRO B 610 -20.81 -21.72 20.67
CA PRO B 610 -20.68 -20.39 21.26
C PRO B 610 -19.73 -20.36 22.45
N ILE B 611 -19.64 -21.46 23.21
CA ILE B 611 -18.72 -21.46 24.36
C ILE B 611 -17.28 -21.39 23.90
N LEU B 612 -16.90 -22.21 22.91
CA LEU B 612 -15.52 -22.21 22.44
C LEU B 612 -15.18 -20.88 21.78
N LEU B 613 -16.09 -20.37 20.95
CA LEU B 613 -15.84 -19.12 20.26
C LEU B 613 -15.61 -17.98 21.25
N LYS B 614 -16.46 -17.89 22.27
CA LYS B 614 -16.29 -16.85 23.29
C LYS B 614 -14.96 -17.01 24.00
N LYS B 615 -14.56 -18.26 24.29
CA LYS B 615 -13.26 -18.46 24.92
C LYS B 615 -12.14 -17.98 24.00
N ILE B 616 -12.24 -18.22 22.68
CA ILE B 616 -11.20 -17.79 21.76
C ILE B 616 -11.12 -16.26 21.70
N ILE B 617 -12.26 -15.58 21.51
CA ILE B 617 -12.22 -14.12 21.35
C ILE B 617 -11.73 -13.43 22.61
N GLU B 618 -12.39 -13.71 23.74
CA GLU B 618 -11.82 -13.41 25.06
C GLU B 618 -10.31 -13.59 25.17
N LYS B 619 -9.76 -14.72 24.73
CA LYS B 619 -8.33 -14.86 24.96
C LYS B 619 -7.54 -13.96 24.00
N MET B 620 -8.04 -13.72 22.78
CA MET B 620 -7.41 -12.75 21.88
C MET B 620 -7.31 -11.38 22.52
N ALA B 621 -8.40 -10.92 23.12
CA ALA B 621 -8.48 -9.53 23.53
C ALA B 621 -7.76 -9.25 24.84
N THR B 622 -7.36 -10.28 25.57
CA THR B 622 -6.72 -10.13 26.87
C THR B 622 -5.49 -11.01 26.94
N PHE B 623 -4.75 -11.09 25.84
CA PHE B 623 -3.57 -11.92 25.73
C PHE B 623 -2.52 -11.71 26.83
N GLU B 624 -1.96 -12.81 27.31
CA GLU B 624 -0.93 -12.81 28.33
C GLU B 624 0.16 -13.76 27.84
N ILE B 625 1.24 -13.19 27.29
CA ILE B 625 2.31 -14.01 26.73
C ILE B 625 3.18 -14.56 27.86
N ASP B 626 3.40 -15.86 27.83
CA ASP B 626 4.42 -16.48 28.68
C ASP B 626 5.77 -16.39 27.98
N GLU B 627 6.76 -15.78 28.65
CA GLU B 627 8.04 -15.60 27.99
C GLU B 627 8.65 -16.92 27.55
N LYS B 628 8.49 -17.99 28.35
CA LYS B 628 9.10 -19.25 27.96
C LYS B 628 8.53 -19.77 26.64
N ARG B 629 7.20 -19.70 26.46
CA ARG B 629 6.60 -20.10 25.20
C ARG B 629 7.02 -19.17 24.07
N PHE B 630 7.09 -17.86 24.34
CA PHE B 630 7.53 -16.90 23.34
C PHE B 630 8.90 -17.30 22.78
N GLU B 631 9.84 -17.61 23.67
CA GLU B 631 11.17 -17.97 23.19
C GLU B 631 11.11 -19.27 22.37
N ILE B 632 10.41 -20.27 22.88
CA ILE B 632 10.37 -21.56 22.20
C ILE B 632 9.68 -21.43 20.84
N ILE B 633 8.57 -20.71 20.78
CA ILE B 633 7.83 -20.63 19.53
C ILE B 633 8.51 -19.74 18.50
N LYS B 634 9.20 -18.69 18.97
CA LYS B 634 9.99 -17.88 18.06
C LYS B 634 11.12 -18.69 17.46
N GLU B 635 11.78 -19.52 18.27
CA GLU B 635 12.87 -20.35 17.75
C GLU B 635 12.33 -21.35 16.72
N ALA B 636 11.15 -21.92 16.97
CA ALA B 636 10.60 -22.85 16.00
C ALA B 636 10.22 -22.13 14.71
N TYR B 637 9.69 -20.90 14.83
CA TYR B 637 9.32 -20.15 13.64
C TYR B 637 10.57 -19.79 12.83
N MET B 638 11.66 -19.41 13.49
CA MET B 638 12.91 -19.16 12.79
C MET B 638 13.31 -20.37 11.97
N ARG B 639 13.24 -21.57 12.56
CA ARG B 639 13.61 -22.77 11.83
C ARG B 639 12.67 -23.00 10.66
N SER B 640 11.38 -22.76 10.89
CA SER B 640 10.39 -22.96 9.84
C SER B 640 10.68 -22.09 8.61
N LEU B 641 11.04 -20.83 8.83
CA LEU B 641 11.41 -19.98 7.71
C LEU B 641 12.61 -20.56 6.96
N ASN B 642 13.63 -20.99 7.70
CA ASN B 642 14.81 -21.56 7.03
C ASN B 642 14.47 -22.85 6.32
N ASN B 643 13.62 -23.69 6.91
CA ASN B 643 13.37 -25.01 6.34
C ASN B 643 12.64 -24.91 5.00
N PHE B 644 12.16 -23.74 4.63
CA PHE B 644 11.55 -23.57 3.34
C PHE B 644 12.55 -23.89 2.22
N ARG B 645 13.84 -23.71 2.49
CA ARG B 645 14.85 -24.02 1.49
C ARG B 645 14.77 -25.46 1.01
N ALA B 646 14.11 -26.35 1.75
CA ALA B 646 14.07 -27.76 1.39
C ALA B 646 12.74 -28.20 0.80
N GLU B 647 11.88 -27.27 0.38
CA GLU B 647 10.65 -27.71 -0.28
C GLU B 647 10.94 -28.09 -1.73
N GLN B 648 9.93 -28.66 -2.38
CA GLN B 648 10.09 -29.11 -3.74
C GLN B 648 10.38 -27.96 -4.70
N PRO B 649 11.18 -28.22 -5.74
CA PRO B 649 11.37 -27.22 -6.80
C PRO B 649 10.08 -26.56 -7.30
N HIS B 650 9.06 -27.35 -7.61
CA HIS B 650 7.86 -26.74 -8.18
C HIS B 650 7.10 -25.92 -7.13
N GLN B 651 7.23 -26.29 -5.85
CA GLN B 651 6.68 -25.44 -4.79
C GLN B 651 7.40 -24.11 -4.76
N HIS B 652 8.72 -24.12 -4.92
CA HIS B 652 9.48 -22.89 -5.03
C HIS B 652 9.02 -22.07 -6.22
N ALA B 653 8.79 -22.72 -7.35
CA ALA B 653 8.33 -22.01 -8.54
C ALA B 653 7.03 -21.26 -8.25
N MET B 654 6.07 -21.92 -7.61
CA MET B 654 4.80 -21.28 -7.34
C MET B 654 4.98 -20.16 -6.32
N TYR B 655 5.84 -20.37 -5.34
CA TYR B 655 6.05 -19.36 -4.33
C TYR B 655 6.63 -18.07 -4.94
N TYR B 656 7.60 -18.21 -5.82
CA TYR B 656 8.22 -17.05 -6.47
C TYR B 656 7.23 -16.32 -7.37
N LEU B 657 6.40 -17.06 -8.10
CA LEU B 657 5.35 -16.45 -8.91
C LEU B 657 4.44 -15.54 -8.05
N ARG B 658 3.91 -16.06 -6.93
CA ARG B 658 3.10 -15.23 -6.05
C ARG B 658 3.85 -13.95 -5.65
N LEU B 659 5.11 -14.08 -5.25
CA LEU B 659 5.90 -12.91 -4.90
C LEU B 659 5.93 -11.92 -6.05
N LEU B 660 6.21 -12.39 -7.27
CA LEU B 660 6.37 -11.50 -8.41
C LEU B 660 5.08 -10.77 -8.75
N MET B 661 3.95 -11.43 -8.68
CA MET B 661 2.73 -10.93 -9.26
C MET B 661 1.80 -10.24 -8.26
N THR B 662 2.16 -10.17 -6.99
CA THR B 662 1.36 -9.47 -6.00
C THR B 662 2.00 -8.13 -5.67
N GLU B 663 1.15 -7.13 -5.42
CA GLU B 663 1.60 -5.79 -5.07
C GLU B 663 2.60 -5.82 -3.91
N VAL B 664 2.23 -6.40 -2.76
CA VAL B 664 3.11 -6.49 -1.61
C VAL B 664 3.25 -7.95 -1.22
N ALA B 665 4.50 -8.36 -0.90
CA ALA B 665 4.76 -9.75 -0.52
C ALA B 665 6.14 -9.84 0.11
N TRP B 666 6.18 -10.07 1.41
CA TRP B 666 7.44 -10.18 2.12
C TRP B 666 8.02 -11.59 1.96
N THR B 667 9.29 -11.66 1.56
CA THR B 667 9.93 -12.95 1.31
C THR B 667 10.37 -13.62 2.61
N LYS B 668 10.59 -14.94 2.53
CA LYS B 668 11.08 -15.70 3.67
C LYS B 668 12.33 -15.06 4.25
N ASP B 669 13.25 -14.62 3.40
CA ASP B 669 14.47 -14.01 3.91
C ASP B 669 14.19 -12.70 4.62
N GLU B 670 13.32 -11.86 4.05
CA GLU B 670 12.92 -10.63 4.74
C GLU B 670 12.29 -10.94 6.08
N LEU B 671 11.29 -11.83 6.09
CA LEU B 671 10.72 -12.28 7.36
C LEU B 671 11.81 -12.69 8.33
N LYS B 672 12.76 -13.49 7.86
CA LYS B 672 13.77 -14.10 8.71
C LYS B 672 14.73 -13.06 9.31
N GLU B 673 15.05 -12.06 8.50
CA GLU B 673 15.92 -10.97 8.93
C GLU B 673 15.23 -10.10 9.98
N ALA B 674 13.93 -9.87 9.81
CA ALA B 674 13.19 -9.05 10.75
C ALA B 674 12.90 -9.80 12.05
N LEU B 675 12.98 -11.13 12.03
CA LEU B 675 12.55 -11.89 13.21
C LEU B 675 13.43 -11.64 14.43
N ASP B 676 14.69 -11.27 14.22
CA ASP B 676 15.56 -11.05 15.38
C ASP B 676 15.16 -9.83 16.17
N ASP B 677 14.52 -8.83 15.56
CA ASP B 677 14.09 -7.64 16.29
C ASP B 677 12.75 -7.79 16.99
N VAL B 678 12.15 -8.98 16.94
CA VAL B 678 10.90 -9.22 17.66
C VAL B 678 11.27 -9.53 19.10
N THR B 679 10.97 -8.61 19.99
CA THR B 679 11.22 -8.83 21.40
C THR B 679 9.89 -8.98 22.14
N LEU B 680 9.92 -9.68 23.26
CA LEU B 680 8.70 -9.80 24.05
C LEU B 680 8.01 -8.46 24.26
N PRO B 681 8.70 -7.39 24.67
CA PRO B 681 8.01 -6.09 24.83
C PRO B 681 7.42 -5.58 23.54
N ARG B 682 8.15 -5.73 22.43
CA ARG B 682 7.64 -5.26 21.15
C ARG B 682 6.37 -6.01 20.75
N LEU B 683 6.35 -7.33 20.97
CA LEU B 683 5.15 -8.11 20.73
C LEU B 683 4.02 -7.69 21.66
N LYS B 684 4.32 -7.48 22.94
CA LYS B 684 3.27 -7.04 23.86
C LYS B 684 2.65 -5.73 23.41
N ALA B 685 3.46 -4.83 22.84
CA ALA B 685 2.92 -3.56 22.36
C ALA B 685 2.11 -3.75 21.08
N PHE B 686 2.48 -4.74 20.27
CA PHE B 686 1.87 -4.91 18.96
C PHE B 686 0.43 -5.39 19.08
N ILE B 687 0.14 -6.30 20.00
CA ILE B 687 -1.19 -6.90 20.04
C ILE B 687 -2.29 -5.84 20.20
N PRO B 688 -2.20 -4.91 21.14
CA PRO B 688 -3.27 -3.90 21.24
C PRO B 688 -3.29 -2.98 20.05
N GLN B 689 -2.14 -2.68 19.45
CA GLN B 689 -2.15 -1.88 18.24
C GLN B 689 -2.93 -2.60 17.15
N LEU B 690 -2.67 -3.89 16.96
CA LEU B 690 -3.37 -4.65 15.93
C LEU B 690 -4.86 -4.73 16.21
N LEU B 691 -5.26 -4.83 17.48
CA LEU B 691 -6.67 -4.97 17.81
C LEU B 691 -7.40 -3.63 17.90
N SER B 692 -6.68 -2.51 17.79
CA SER B 692 -7.31 -1.22 18.08
C SER B 692 -8.31 -0.81 17.00
N ARG B 693 -8.01 -1.17 15.75
CA ARG B 693 -8.86 -0.88 14.61
C ARG B 693 -9.04 -2.18 13.84
N LEU B 694 -10.29 -2.49 13.49
CA LEU B 694 -10.60 -3.73 12.78
C LEU B 694 -11.86 -3.55 11.94
N HIS B 695 -11.92 -4.34 10.88
CA HIS B 695 -13.16 -4.65 10.20
C HIS B 695 -13.35 -6.16 10.29
N ILE B 696 -14.58 -6.60 10.50
CA ILE B 696 -14.88 -8.02 10.60
C ILE B 696 -15.88 -8.38 9.53
N GLU B 697 -15.51 -9.30 8.65
CA GLU B 697 -16.42 -9.89 7.69
C GLU B 697 -16.55 -11.38 7.99
N ALA B 698 -17.78 -11.86 8.12
CA ALA B 698 -18.05 -13.20 8.62
C ALA B 698 -19.06 -13.92 7.75
N LEU B 699 -18.90 -15.22 7.65
CA LEU B 699 -19.93 -16.11 7.11
C LEU B 699 -20.34 -17.03 8.24
N LEU B 700 -21.62 -17.07 8.56
CA LEU B 700 -22.18 -17.99 9.53
C LEU B 700 -23.22 -18.84 8.82
N HIS B 701 -22.99 -20.16 8.81
CA HIS B 701 -23.71 -21.06 7.91
C HIS B 701 -23.90 -22.41 8.58
N GLY B 702 -25.14 -22.84 8.76
CA GLY B 702 -25.39 -24.16 9.32
C GLY B 702 -26.70 -24.21 10.11
N ASN B 703 -26.67 -24.99 11.19
CA ASN B 703 -27.87 -25.25 11.99
C ASN B 703 -28.00 -24.14 13.05
N ILE B 704 -28.28 -22.94 12.55
CA ILE B 704 -28.43 -21.77 13.41
C ILE B 704 -29.43 -20.81 12.78
N THR B 705 -30.17 -20.09 13.63
CA THR B 705 -31.14 -19.11 13.17
C THR B 705 -30.47 -17.75 12.95
N LYS B 706 -31.20 -16.87 12.25
CA LYS B 706 -30.76 -15.50 12.08
C LYS B 706 -30.47 -14.82 13.42
N GLN B 707 -31.29 -15.04 14.46
CA GLN B 707 -31.05 -14.35 15.72
C GLN B 707 -29.76 -14.85 16.36
N ALA B 708 -29.55 -16.16 16.28
CA ALA B 708 -28.34 -16.73 16.87
C ALA B 708 -27.12 -16.20 16.15
N ALA B 709 -27.23 -16.05 14.83
CA ALA B 709 -26.10 -15.55 14.05
C ALA B 709 -25.76 -14.13 14.46
N LEU B 710 -26.77 -13.27 14.54
CA LEU B 710 -26.53 -11.90 14.99
C LEU B 710 -25.96 -11.89 16.40
N GLY B 711 -26.50 -12.71 17.29
CA GLY B 711 -25.98 -12.78 18.63
C GLY B 711 -24.53 -13.24 18.64
N ILE B 712 -24.19 -14.22 17.80
CA ILE B 712 -22.81 -14.67 17.72
C ILE B 712 -21.92 -13.54 17.24
N MET B 713 -22.33 -12.86 16.17
CA MET B 713 -21.51 -11.76 15.64
C MET B 713 -21.31 -10.66 16.67
N GLN B 714 -22.41 -10.22 17.31
CA GLN B 714 -22.31 -9.14 18.27
C GLN B 714 -21.49 -9.54 19.49
N MET B 715 -21.54 -10.82 19.87
CA MET B 715 -20.69 -11.29 20.96
C MET B 715 -19.19 -11.13 20.64
N VAL B 716 -18.80 -11.40 19.39
CA VAL B 716 -17.41 -11.20 18.99
C VAL B 716 -17.03 -9.73 19.06
N GLU B 717 -17.74 -8.88 18.31
CA GLU B 717 -17.75 -7.44 18.56
C GLU B 717 -17.67 -6.96 20.01
N ASP B 718 -18.69 -7.22 20.83
CA ASP B 718 -18.68 -6.76 22.21
C ASP B 718 -17.39 -7.11 22.94
N THR B 719 -16.91 -8.36 22.78
CA THR B 719 -15.71 -8.79 23.46
C THR B 719 -14.50 -7.97 23.05
N LEU B 720 -14.32 -7.79 21.74
CA LEU B 720 -13.22 -6.97 21.28
C LEU B 720 -13.34 -5.54 21.79
N ILE B 721 -14.56 -4.98 21.76
CA ILE B 721 -14.76 -3.60 22.22
C ILE B 721 -14.44 -3.47 23.71
N GLU B 722 -14.93 -4.39 24.54
CA GLU B 722 -14.72 -4.25 25.99
C GLU B 722 -13.25 -4.36 26.34
N HIS B 723 -12.55 -5.36 25.79
CA HIS B 723 -11.23 -5.72 26.27
C HIS B 723 -10.10 -5.14 25.44
N ALA B 724 -10.32 -4.89 24.16
CA ALA B 724 -9.28 -4.29 23.33
C ALA B 724 -9.64 -2.90 22.84
N HIS B 725 -10.79 -2.37 23.21
CA HIS B 725 -11.17 -1.01 22.82
C HIS B 725 -11.20 -0.85 21.31
N THR B 726 -11.56 -1.91 20.60
CA THR B 726 -11.57 -1.89 19.14
C THR B 726 -12.54 -0.84 18.60
N LYS B 727 -12.11 -0.12 17.58
CA LYS B 727 -12.97 0.78 16.82
C LYS B 727 -12.90 0.40 15.34
N PRO B 728 -13.85 0.87 14.53
CA PRO B 728 -13.89 0.46 13.12
C PRO B 728 -12.76 1.07 12.31
N LEU B 729 -12.37 0.39 11.25
CA LEU B 729 -11.53 1.03 10.26
C LEU B 729 -12.39 1.88 9.32
N LEU B 730 -11.73 2.76 8.58
CA LEU B 730 -12.47 3.52 7.59
C LEU B 730 -12.56 2.74 6.29
N PRO B 731 -13.61 2.96 5.52
CA PRO B 731 -13.75 2.23 4.25
C PRO B 731 -12.56 2.44 3.32
N SER B 732 -11.94 3.62 3.34
CA SER B 732 -10.78 3.82 2.47
C SER B 732 -9.58 3.00 2.90
N GLN B 733 -9.58 2.48 4.13
CA GLN B 733 -8.50 1.61 4.60
C GLN B 733 -8.68 0.16 4.17
N LEU B 734 -9.85 -0.23 3.67
CA LEU B 734 -10.11 -1.62 3.30
C LEU B 734 -9.61 -1.88 1.88
N VAL B 735 -8.29 -1.88 1.73
CA VAL B 735 -7.67 -2.09 0.42
C VAL B 735 -7.21 -3.52 0.20
N ARG B 736 -7.06 -3.89 -1.07
CA ARG B 736 -6.63 -5.24 -1.43
C ARG B 736 -5.43 -5.18 -2.39
N TYR B 737 -4.59 -6.20 -2.33
CA TYR B 737 -3.42 -6.28 -3.18
C TYR B 737 -3.79 -6.58 -4.63
N ARG B 738 -3.34 -5.74 -5.55
CA ARG B 738 -3.63 -5.90 -6.96
C ARG B 738 -2.53 -6.70 -7.66
N GLU B 739 -2.86 -7.29 -8.80
CA GLU B 739 -1.90 -8.08 -9.55
C GLU B 739 -1.15 -7.20 -10.54
N VAL B 740 0.15 -7.42 -10.62
CA VAL B 740 0.98 -6.81 -11.67
C VAL B 740 0.34 -7.06 -13.03
N GLN B 741 0.36 -6.06 -13.91
CA GLN B 741 -0.28 -6.14 -15.22
C GLN B 741 0.80 -6.21 -16.31
N LEU B 742 0.94 -7.39 -16.90
CA LEU B 742 2.04 -7.62 -17.81
C LEU B 742 1.81 -6.93 -19.15
N PRO B 743 2.88 -6.44 -19.78
CA PRO B 743 2.74 -5.76 -21.07
C PRO B 743 2.45 -6.74 -22.19
N ASP B 744 1.66 -6.28 -23.16
CA ASP B 744 1.32 -7.12 -24.30
C ASP B 744 2.58 -7.79 -24.83
N ARG B 745 2.44 -9.06 -25.21
CA ARG B 745 3.52 -9.87 -25.78
C ARG B 745 4.88 -9.76 -25.06
N GLY B 746 4.90 -9.45 -23.76
CA GLY B 746 6.15 -9.36 -23.11
C GLY B 746 6.33 -10.76 -22.56
N TRP B 747 7.57 -11.07 -22.17
CA TRP B 747 7.90 -12.37 -21.61
C TRP B 747 9.04 -12.17 -20.63
N PHE B 748 8.76 -12.34 -19.34
CA PHE B 748 9.75 -12.18 -18.30
C PHE B 748 10.09 -13.54 -17.72
N VAL B 749 11.33 -13.69 -17.25
CA VAL B 749 11.78 -14.92 -16.65
C VAL B 749 12.49 -14.58 -15.35
N TYR B 750 12.15 -15.32 -14.28
CA TYR B 750 12.79 -15.16 -12.98
C TYR B 750 13.37 -16.50 -12.57
N GLN B 751 14.69 -16.52 -12.38
CA GLN B 751 15.44 -17.76 -12.15
C GLN B 751 16.02 -17.78 -10.75
N GLN B 752 15.87 -18.92 -10.08
CA GLN B 752 16.48 -19.17 -8.78
C GLN B 752 16.97 -20.62 -8.77
N ARG B 753 17.65 -20.99 -7.71
CA ARG B 753 18.15 -22.36 -7.59
C ARG B 753 17.57 -22.99 -6.33
N ASN B 754 17.24 -24.27 -6.43
CA ASN B 754 16.85 -25.06 -5.28
C ASN B 754 18.09 -25.83 -4.81
N GLU B 755 18.55 -25.52 -3.62
CA GLU B 755 19.84 -26.02 -3.16
C GLU B 755 19.74 -27.37 -2.45
N VAL B 756 18.58 -28.02 -2.50
CA VAL B 756 18.36 -29.29 -1.80
C VAL B 756 17.98 -30.41 -2.75
N HIS B 757 17.09 -30.15 -3.70
CA HIS B 757 16.57 -31.17 -4.58
C HIS B 757 17.33 -31.16 -5.90
N ASN B 758 17.64 -32.34 -6.41
CA ASN B 758 18.26 -32.39 -7.73
C ASN B 758 17.25 -32.58 -8.84
N ASN B 759 16.11 -31.90 -8.77
CA ASN B 759 15.28 -31.67 -9.92
C ASN B 759 15.08 -30.17 -10.08
N SER B 760 14.64 -29.78 -11.27
CA SER B 760 14.28 -28.40 -11.52
C SER B 760 12.77 -28.25 -11.43
N GLY B 761 12.33 -27.01 -11.35
CA GLY B 761 10.92 -26.72 -11.37
C GLY B 761 10.66 -25.51 -12.25
N ILE B 762 9.44 -25.46 -12.76
CA ILE B 762 9.04 -24.37 -13.62
C ILE B 762 7.56 -24.12 -13.41
N GLU B 763 7.18 -22.84 -13.38
CA GLU B 763 5.79 -22.43 -13.57
C GLU B 763 5.76 -21.42 -14.72
N ILE B 764 4.81 -21.60 -15.62
CA ILE B 764 4.62 -20.72 -16.77
C ILE B 764 3.22 -20.14 -16.66
N TYR B 765 3.12 -18.82 -16.69
CA TYR B 765 1.86 -18.14 -16.48
C TYR B 765 1.56 -17.27 -17.69
N TYR B 766 0.49 -17.59 -18.40
CA TYR B 766 -0.02 -16.78 -19.49
C TYR B 766 -1.19 -15.99 -18.91
N GLN B 767 -0.91 -14.76 -18.51
CA GLN B 767 -1.95 -13.90 -17.95
C GLN B 767 -2.96 -13.54 -19.02
N THR B 768 -4.26 -13.68 -18.73
CA THR B 768 -5.21 -13.20 -19.71
C THR B 768 -5.78 -11.83 -19.30
N ASP B 769 -6.84 -11.78 -18.51
CA ASP B 769 -7.50 -10.52 -18.23
C ASP B 769 -8.19 -10.61 -16.86
N MET B 770 -8.80 -9.52 -16.40
CA MET B 770 -9.62 -9.60 -15.20
C MET B 770 -10.67 -10.70 -15.33
N GLN B 771 -11.12 -11.20 -14.18
CA GLN B 771 -12.19 -12.17 -14.21
C GLN B 771 -13.51 -11.52 -14.62
N SER B 772 -14.29 -12.26 -15.39
CA SER B 772 -15.63 -11.88 -15.76
C SER B 772 -16.27 -13.11 -16.36
N THR B 773 -17.60 -13.09 -16.47
CA THR B 773 -18.28 -14.26 -17.04
C THR B 773 -17.60 -14.70 -18.34
N SER B 774 -17.56 -13.80 -19.30
CA SER B 774 -16.86 -14.03 -20.56
C SER B 774 -15.50 -14.66 -20.38
N GLU B 775 -14.60 -13.96 -19.69
CA GLU B 775 -13.20 -14.35 -19.70
C GLU B 775 -12.98 -15.64 -18.92
N ASN B 776 -13.68 -15.79 -17.78
CA ASN B 776 -13.59 -17.01 -16.99
C ASN B 776 -13.89 -18.24 -17.83
N MET B 777 -15.01 -18.23 -18.57
CA MET B 777 -15.41 -19.42 -19.30
C MET B 777 -14.56 -19.67 -20.55
N PHE B 778 -14.05 -18.61 -21.22
CA PHE B 778 -13.04 -18.84 -22.24
C PHE B 778 -11.90 -19.66 -21.68
N LEU B 779 -11.31 -19.17 -20.58
CA LEU B 779 -10.14 -19.81 -19.98
C LEU B 779 -10.46 -21.20 -19.47
N GLU B 780 -11.63 -21.37 -18.83
CA GLU B 780 -11.96 -22.67 -18.26
C GLU B 780 -12.28 -23.69 -19.35
N LEU B 781 -13.00 -23.29 -20.39
CA LEU B 781 -13.27 -24.23 -21.47
C LEU B 781 -11.98 -24.64 -22.16
N PHE B 782 -11.08 -23.67 -22.41
CA PHE B 782 -9.81 -24.01 -23.03
C PHE B 782 -9.02 -24.96 -22.15
N ALA B 783 -9.03 -24.71 -20.85
CA ALA B 783 -8.28 -25.56 -19.93
C ALA B 783 -8.86 -26.97 -19.91
N GLN B 784 -10.18 -27.10 -20.04
CA GLN B 784 -10.81 -28.42 -20.13
C GLN B 784 -10.34 -29.16 -21.37
N ILE B 785 -10.19 -28.44 -22.49
CA ILE B 785 -9.86 -29.08 -23.76
C ILE B 785 -8.40 -29.56 -23.78
N ILE B 786 -7.51 -28.88 -23.07
CA ILE B 786 -6.10 -29.27 -23.12
C ILE B 786 -5.70 -30.08 -21.92
N SER B 787 -6.60 -30.27 -20.96
CA SER B 787 -6.21 -30.88 -19.68
C SER B 787 -5.59 -32.25 -19.92
N GLU B 788 -6.36 -33.18 -20.48
CA GLU B 788 -5.83 -34.51 -20.76
C GLU B 788 -4.70 -34.48 -21.78
N PRO B 789 -4.85 -33.83 -22.94
CA PRO B 789 -3.71 -33.77 -23.90
C PRO B 789 -2.40 -33.29 -23.28
N ALA B 790 -2.42 -32.25 -22.43
CA ALA B 790 -1.14 -31.78 -21.89
C ALA B 790 -0.52 -32.81 -20.96
N PHE B 791 -1.36 -33.48 -20.16
CA PHE B 791 -0.82 -34.53 -19.30
C PHE B 791 -0.31 -35.71 -20.13
N ASN B 792 -1.03 -36.07 -21.19
CA ASN B 792 -0.63 -37.22 -22.00
C ASN B 792 0.59 -36.91 -22.86
N THR B 793 0.66 -35.69 -23.40
CA THR B 793 1.84 -35.31 -24.15
C THR B 793 3.04 -35.10 -23.23
N LEU B 794 2.88 -34.25 -22.21
CA LEU B 794 4.04 -33.76 -21.48
C LEU B 794 4.55 -34.78 -20.49
N ARG B 795 3.67 -35.60 -19.92
CA ARG B 795 4.14 -36.62 -19.00
C ARG B 795 4.18 -38.01 -19.63
N THR B 796 3.03 -38.52 -20.09
CA THR B 796 2.98 -39.93 -20.49
C THR B 796 3.91 -40.22 -21.66
N LYS B 797 3.96 -39.32 -22.66
CA LYS B 797 4.75 -39.52 -23.87
C LYS B 797 6.17 -38.96 -23.78
N GLU B 798 6.30 -37.65 -23.48
CA GLU B 798 7.64 -37.10 -23.34
C GLU B 798 8.28 -37.42 -22.00
N GLN B 799 7.49 -37.73 -20.98
CA GLN B 799 8.01 -38.07 -19.65
C GLN B 799 8.94 -36.99 -19.10
N LEU B 800 8.44 -35.75 -19.11
CA LEU B 800 9.26 -34.65 -18.60
C LEU B 800 9.43 -34.74 -17.10
N GLY B 801 8.49 -35.36 -16.41
CA GLY B 801 8.59 -35.47 -14.98
C GLY B 801 7.34 -36.14 -14.45
N TYR B 802 7.39 -36.43 -13.15
CA TYR B 802 6.22 -36.98 -12.48
C TYR B 802 5.15 -35.91 -12.29
N ILE B 803 5.55 -34.76 -11.77
CA ILE B 803 4.63 -33.66 -11.51
C ILE B 803 4.47 -32.87 -12.81
N VAL B 804 3.28 -32.97 -13.41
CA VAL B 804 2.91 -32.20 -14.59
C VAL B 804 1.49 -31.71 -14.38
N PHE B 805 1.29 -30.39 -14.53
CA PHE B 805 -0.01 -29.77 -14.24
C PHE B 805 -0.32 -28.66 -15.23
N SER B 806 -1.58 -28.54 -15.62
CA SER B 806 -2.05 -27.38 -16.36
C SER B 806 -3.40 -26.96 -15.81
N GLY B 807 -3.73 -25.68 -15.94
CA GLY B 807 -5.04 -25.20 -15.56
C GLY B 807 -5.12 -23.70 -15.28
N PRO B 808 -6.31 -23.21 -14.91
CA PRO B 808 -6.46 -21.78 -14.62
C PRO B 808 -5.68 -21.39 -13.38
N ARG B 809 -5.09 -20.20 -13.42
CA ARG B 809 -4.56 -19.54 -12.24
C ARG B 809 -5.43 -18.33 -11.94
N ARG B 810 -5.86 -18.19 -10.70
CA ARG B 810 -6.71 -17.07 -10.30
C ARG B 810 -6.06 -16.38 -9.10
N ALA B 811 -5.92 -15.07 -9.14
CA ALA B 811 -5.34 -14.32 -8.03
C ALA B 811 -5.75 -12.85 -8.11
N ASN B 812 -6.14 -12.28 -6.97
CA ASN B 812 -6.42 -10.86 -6.86
C ASN B 812 -7.33 -10.38 -7.97
N GLY B 813 -8.31 -11.21 -8.34
CA GLY B 813 -9.28 -10.87 -9.35
C GLY B 813 -8.81 -11.02 -10.78
N ILE B 814 -7.57 -11.43 -11.00
CA ILE B 814 -7.03 -11.62 -12.34
C ILE B 814 -6.93 -13.13 -12.60
N GLN B 815 -6.58 -13.50 -13.84
CA GLN B 815 -6.51 -14.92 -14.15
C GLN B 815 -5.64 -15.14 -15.37
N GLY B 816 -5.30 -16.41 -15.57
CA GLY B 816 -4.58 -16.82 -16.75
C GLY B 816 -4.46 -18.32 -16.78
N LEU B 817 -3.60 -18.81 -17.66
CA LEU B 817 -3.35 -20.23 -17.84
C LEU B 817 -1.96 -20.52 -17.32
N ARG B 818 -1.81 -21.63 -16.61
CA ARG B 818 -0.51 -21.98 -16.05
C ARG B 818 -0.16 -23.44 -16.28
N PHE B 819 1.14 -23.67 -16.48
CA PHE B 819 1.73 -25.00 -16.50
C PHE B 819 2.74 -25.06 -15.37
N ILE B 820 2.77 -26.20 -14.68
CA ILE B 820 3.74 -26.44 -13.62
C ILE B 820 4.35 -27.80 -13.91
N ILE B 821 5.67 -27.87 -13.84
CA ILE B 821 6.38 -29.13 -14.09
C ILE B 821 7.58 -29.19 -13.18
N GLN B 822 7.82 -30.37 -12.64
CA GLN B 822 9.03 -30.68 -11.90
C GLN B 822 9.75 -31.75 -12.69
N SER B 823 11.04 -31.55 -12.92
CA SER B 823 11.66 -32.37 -13.93
C SER B 823 13.15 -32.46 -13.69
N GLU B 824 13.74 -33.44 -14.36
CA GLU B 824 15.17 -33.62 -14.30
C GLU B 824 15.84 -32.72 -15.33
N LYS B 825 15.11 -32.38 -16.41
CA LYS B 825 15.56 -31.47 -17.46
C LYS B 825 15.58 -30.01 -17.02
N PRO B 826 16.33 -29.16 -17.71
CA PRO B 826 16.45 -27.78 -17.31
C PRO B 826 15.23 -26.98 -17.73
N PRO B 827 14.91 -25.91 -17.00
CA PRO B 827 13.70 -25.14 -17.32
C PRO B 827 13.62 -24.67 -18.77
N HIS B 828 14.71 -24.18 -19.36
CA HIS B 828 14.61 -23.69 -20.74
C HIS B 828 14.09 -24.79 -21.67
N TYR B 829 14.47 -26.05 -21.41
CA TYR B 829 13.95 -27.15 -22.23
C TYR B 829 12.44 -27.30 -22.05
N LEU B 830 11.98 -27.31 -20.78
CA LEU B 830 10.55 -27.48 -20.51
C LEU B 830 9.72 -26.41 -21.20
N GLU B 831 10.23 -25.16 -21.25
CA GLU B 831 9.52 -24.10 -21.96
C GLU B 831 9.22 -24.49 -23.40
N SER B 832 10.27 -24.87 -24.14
CA SER B 832 10.08 -25.20 -25.54
C SER B 832 9.10 -26.35 -25.70
N ARG B 833 9.11 -27.32 -24.78
CA ARG B 833 8.18 -28.44 -24.91
C ARG B 833 6.75 -28.02 -24.62
N VAL B 834 6.56 -27.07 -23.69
CA VAL B 834 5.21 -26.56 -23.47
C VAL B 834 4.75 -25.73 -24.66
N GLU B 835 5.67 -24.94 -25.24
CA GLU B 835 5.30 -24.16 -26.41
C GLU B 835 4.96 -25.07 -27.59
N ALA B 836 5.80 -26.10 -27.82
CA ALA B 836 5.49 -27.10 -28.83
C ALA B 836 4.09 -27.67 -28.61
N PHE B 837 3.74 -27.95 -27.36
CA PHE B 837 2.45 -28.56 -27.11
C PHE B 837 1.31 -27.60 -27.47
N LEU B 838 1.49 -26.31 -27.19
CA LEU B 838 0.42 -25.34 -27.42
C LEU B 838 0.05 -25.27 -28.89
N ILE B 839 1.07 -25.12 -29.74
CA ILE B 839 0.89 -25.17 -31.18
C ILE B 839 0.02 -26.34 -31.61
N THR B 840 0.36 -27.57 -31.21
CA THR B 840 -0.41 -28.72 -31.68
C THR B 840 -1.89 -28.58 -31.30
N MET B 841 -2.17 -28.05 -30.09
CA MET B 841 -3.55 -27.88 -29.64
C MET B 841 -4.35 -26.94 -30.55
N GLU B 842 -3.68 -26.01 -31.24
CA GLU B 842 -4.39 -25.12 -32.14
C GLU B 842 -5.07 -25.91 -33.27
N LYS B 843 -4.32 -26.77 -33.96
CA LYS B 843 -4.93 -27.58 -35.00
C LYS B 843 -6.02 -28.47 -34.41
N SER B 844 -5.76 -28.98 -33.21
CA SER B 844 -6.66 -29.94 -32.57
C SER B 844 -8.04 -29.35 -32.37
N ILE B 845 -8.09 -28.10 -31.94
CA ILE B 845 -9.38 -27.48 -31.66
C ILE B 845 -10.07 -27.09 -32.96
N GLU B 846 -9.31 -26.63 -33.94
CA GLU B 846 -9.87 -26.33 -35.26
C GLU B 846 -10.52 -27.58 -35.86
N ASP B 847 -9.84 -28.72 -35.79
CA ASP B 847 -10.33 -29.95 -36.42
C ASP B 847 -11.40 -30.66 -35.58
N MET B 848 -11.54 -30.31 -34.31
CA MET B 848 -12.55 -30.92 -33.47
C MET B 848 -13.96 -30.79 -34.07
N THR B 849 -14.71 -31.88 -34.10
CA THR B 849 -16.08 -31.76 -34.58
C THR B 849 -16.91 -30.94 -33.60
N GLU B 850 -18.02 -30.40 -34.10
CA GLU B 850 -18.91 -29.65 -33.23
C GLU B 850 -19.50 -30.54 -32.13
N GLU B 851 -19.65 -31.84 -32.40
CA GLU B 851 -20.08 -32.78 -31.37
C GLU B 851 -19.05 -32.90 -30.25
N ALA B 852 -17.78 -33.10 -30.63
CA ALA B 852 -16.69 -33.15 -29.64
C ALA B 852 -16.60 -31.86 -28.84
N PHE B 853 -16.70 -30.71 -29.50
CA PHE B 853 -16.68 -29.46 -28.78
C PHE B 853 -17.81 -29.40 -27.76
N GLN B 854 -19.04 -29.67 -28.19
CA GLN B 854 -20.15 -29.70 -27.24
C GLN B 854 -19.93 -30.71 -26.12
N LYS B 855 -19.11 -31.73 -26.36
CA LYS B 855 -18.83 -32.72 -25.33
C LYS B 855 -17.96 -32.12 -24.23
N HIS B 856 -16.94 -31.36 -24.63
CA HIS B 856 -16.12 -30.69 -23.64
C HIS B 856 -16.91 -29.65 -22.88
N ILE B 857 -17.90 -29.02 -23.52
CA ILE B 857 -18.71 -28.05 -22.81
C ILE B 857 -19.48 -28.74 -21.69
N GLN B 858 -20.02 -29.93 -21.98
CA GLN B 858 -20.81 -30.70 -21.04
C GLN B 858 -19.94 -31.23 -19.91
N ALA B 859 -18.74 -31.72 -20.23
CA ALA B 859 -17.76 -32.06 -19.20
C ALA B 859 -17.63 -30.92 -18.20
N LEU B 860 -17.26 -29.73 -18.69
CA LEU B 860 -17.07 -28.57 -17.82
C LEU B 860 -18.35 -28.25 -17.07
N ALA B 861 -19.50 -28.30 -17.74
CA ALA B 861 -20.75 -27.94 -17.08
C ALA B 861 -21.03 -28.86 -15.91
N ILE B 862 -20.83 -30.18 -16.11
CA ILE B 862 -21.03 -31.14 -15.03
C ILE B 862 -20.10 -30.82 -13.86
N ARG B 863 -18.84 -30.53 -14.17
CA ARG B 863 -17.90 -30.23 -13.09
C ARG B 863 -18.32 -28.96 -12.35
N ARG B 864 -18.69 -27.91 -13.08
CA ARG B 864 -19.04 -26.65 -12.43
C ARG B 864 -20.36 -26.74 -11.67
N LEU B 865 -21.30 -27.58 -12.12
CA LEU B 865 -22.59 -27.71 -11.45
C LEU B 865 -22.64 -28.83 -10.44
N ASP B 866 -21.54 -29.54 -10.22
CA ASP B 866 -21.53 -30.61 -9.23
C ASP B 866 -21.83 -30.04 -7.84
N LYS B 867 -23.07 -30.23 -7.36
CA LYS B 867 -23.49 -29.72 -6.06
C LYS B 867 -22.64 -30.28 -4.92
N PRO B 868 -22.40 -29.47 -3.87
CA PRO B 868 -21.57 -29.96 -2.76
C PRO B 868 -22.29 -30.95 -1.87
N LYS B 869 -21.52 -31.88 -1.31
CA LYS B 869 -22.11 -32.99 -0.58
C LYS B 869 -22.28 -32.71 0.90
N LYS B 870 -21.53 -31.77 1.46
CA LYS B 870 -21.48 -31.54 2.89
C LYS B 870 -21.40 -30.04 3.18
N LEU B 871 -21.81 -29.67 4.39
CA LEU B 871 -21.90 -28.26 4.73
C LEU B 871 -20.59 -27.53 4.48
N SER B 872 -19.47 -28.13 4.90
CA SER B 872 -18.17 -27.47 4.71
C SER B 872 -17.89 -27.16 3.25
N ALA B 873 -18.30 -28.03 2.34
CA ALA B 873 -18.02 -27.75 0.94
C ALA B 873 -18.82 -26.53 0.49
N GLU B 874 -20.07 -26.41 0.96
CA GLU B 874 -20.90 -25.27 0.58
C GLU B 874 -20.36 -23.98 1.21
N SER B 875 -20.02 -24.02 2.51
CA SER B 875 -19.37 -22.89 3.14
C SER B 875 -18.16 -22.42 2.33
N ALA B 876 -17.29 -23.36 1.94
CA ALA B 876 -16.05 -22.95 1.29
C ALA B 876 -16.37 -22.24 -0.01
N LYS B 877 -17.37 -22.72 -0.75
CA LYS B 877 -17.81 -22.02 -1.95
C LYS B 877 -18.15 -20.57 -1.62
N TYR B 878 -19.13 -20.36 -0.71
CA TYR B 878 -19.52 -19.03 -0.29
C TYR B 878 -18.33 -18.22 0.23
N TRP B 879 -17.50 -18.84 1.06
CA TRP B 879 -16.35 -18.09 1.59
C TRP B 879 -15.46 -17.57 0.48
N GLY B 880 -15.24 -18.37 -0.57
CA GLY B 880 -14.48 -17.88 -1.70
C GLY B 880 -15.10 -16.65 -2.34
N GLU B 881 -16.43 -16.67 -2.51
CA GLU B 881 -17.11 -15.52 -3.09
C GLU B 881 -16.95 -14.29 -2.21
N ILE B 882 -16.77 -14.50 -0.91
CA ILE B 882 -16.76 -13.40 0.06
C ILE B 882 -15.38 -12.79 0.19
N ILE B 883 -14.34 -13.59 0.47
CA ILE B 883 -13.00 -13.02 0.55
C ILE B 883 -12.51 -12.51 -0.79
N SER B 884 -13.03 -13.02 -1.91
CA SER B 884 -12.74 -12.40 -3.20
C SER B 884 -13.55 -11.12 -3.39
N GLN B 885 -14.46 -10.83 -2.48
CA GLN B 885 -15.26 -9.64 -2.57
C GLN B 885 -15.95 -9.52 -3.91
N GLN B 886 -16.21 -10.67 -4.54
CA GLN B 886 -17.03 -10.72 -5.75
C GLN B 886 -18.49 -11.04 -5.42
N TYR B 887 -18.73 -11.76 -4.33
CA TYR B 887 -20.07 -11.97 -3.78
C TYR B 887 -21.04 -12.55 -4.80
N ASN B 888 -20.54 -13.40 -5.69
CA ASN B 888 -21.33 -13.90 -6.81
C ASN B 888 -21.81 -15.33 -6.51
N PHE B 889 -22.77 -15.41 -5.59
CA PHE B 889 -23.20 -16.70 -5.07
C PHE B 889 -23.92 -17.53 -6.12
N ASP B 890 -24.53 -16.91 -7.12
CA ASP B 890 -25.20 -17.63 -8.19
C ASP B 890 -24.27 -17.92 -9.36
N ARG B 891 -22.97 -17.84 -9.13
CA ARG B 891 -22.01 -17.79 -10.23
C ARG B 891 -22.12 -19.02 -11.13
N ASP B 892 -22.39 -20.19 -10.56
CA ASP B 892 -22.32 -21.41 -11.34
C ASP B 892 -23.40 -21.45 -12.41
N ASN B 893 -24.63 -21.12 -12.04
CA ASN B 893 -25.70 -21.11 -13.03
C ASN B 893 -25.41 -20.10 -14.13
N THR B 894 -25.00 -18.90 -13.74
CA THR B 894 -24.70 -17.84 -14.68
C THR B 894 -23.62 -18.26 -15.66
N GLU B 895 -22.48 -18.71 -15.13
CA GLU B 895 -21.33 -19.01 -15.98
C GLU B 895 -21.55 -20.26 -16.82
N VAL B 896 -22.28 -21.26 -16.31
CA VAL B 896 -22.55 -22.43 -17.14
C VAL B 896 -23.50 -22.07 -18.26
N ALA B 897 -24.59 -21.36 -17.93
CA ALA B 897 -25.49 -20.83 -18.96
C ALA B 897 -24.71 -20.15 -20.08
N TYR B 898 -23.77 -19.27 -19.71
CA TYR B 898 -22.98 -18.61 -20.74
C TYR B 898 -22.07 -19.60 -21.47
N LEU B 899 -21.43 -20.51 -20.73
CA LEU B 899 -20.56 -21.49 -21.36
C LEU B 899 -21.28 -22.23 -22.48
N LYS B 900 -22.55 -22.54 -22.28
CA LYS B 900 -23.28 -23.33 -23.25
C LYS B 900 -23.53 -22.59 -24.55
N THR B 901 -23.27 -21.28 -24.58
CA THR B 901 -23.40 -20.51 -25.81
C THR B 901 -22.07 -20.32 -26.50
N LEU B 902 -20.96 -20.74 -25.89
CA LEU B 902 -19.67 -20.60 -26.55
C LEU B 902 -19.60 -21.49 -27.80
N THR B 903 -18.83 -21.05 -28.78
CA THR B 903 -18.55 -21.80 -30.00
C THR B 903 -17.06 -22.05 -30.13
N LYS B 904 -16.69 -23.08 -30.90
CA LYS B 904 -15.27 -23.32 -31.05
C LYS B 904 -14.59 -22.14 -31.71
N GLU B 905 -15.31 -21.35 -32.50
CA GLU B 905 -14.72 -20.14 -33.06
C GLU B 905 -14.36 -19.17 -31.94
N ASP B 906 -15.29 -18.95 -31.00
CA ASP B 906 -15.02 -18.16 -29.81
C ASP B 906 -13.72 -18.59 -29.14
N ILE B 907 -13.50 -19.90 -29.03
CA ILE B 907 -12.32 -20.38 -28.32
C ILE B 907 -11.07 -20.16 -29.16
N ILE B 908 -11.18 -20.30 -30.48
CA ILE B 908 -9.99 -20.13 -31.31
C ILE B 908 -9.58 -18.67 -31.36
N LYS B 909 -10.55 -17.75 -31.46
CA LYS B 909 -10.28 -16.32 -31.33
C LYS B 909 -9.57 -16.01 -30.01
N PHE B 910 -10.11 -16.55 -28.90
CA PHE B 910 -9.47 -16.35 -27.60
C PHE B 910 -8.02 -16.83 -27.64
N TYR B 911 -7.79 -18.06 -28.09
CA TYR B 911 -6.44 -18.58 -28.08
C TYR B 911 -5.51 -17.69 -28.90
N LYS B 912 -5.96 -17.24 -30.07
CA LYS B 912 -5.09 -16.48 -30.97
C LYS B 912 -4.86 -15.07 -30.46
N GLU B 913 -5.82 -14.50 -29.73
CA GLU B 913 -5.61 -13.17 -29.14
C GLU B 913 -4.67 -13.21 -27.93
N MET B 914 -4.82 -14.21 -27.04
CA MET B 914 -4.22 -14.20 -25.70
C MET B 914 -3.10 -15.21 -25.46
N LEU B 915 -3.11 -16.37 -26.13
CA LEU B 915 -2.24 -17.47 -25.74
C LEU B 915 -1.25 -17.90 -26.80
N ALA B 916 -1.65 -17.93 -28.07
CA ALA B 916 -0.75 -18.35 -29.14
C ALA B 916 0.57 -17.58 -29.07
N VAL B 917 1.64 -18.21 -29.55
CA VAL B 917 2.97 -17.60 -29.39
C VAL B 917 3.07 -16.23 -30.07
N ASP B 918 2.37 -16.05 -31.20
CA ASP B 918 2.27 -14.79 -31.93
C ASP B 918 1.14 -13.88 -31.46
N ALA B 919 0.46 -14.19 -30.36
CA ALA B 919 -0.78 -13.45 -30.05
C ALA B 919 -0.46 -11.99 -29.74
N PRO B 920 -1.30 -11.06 -30.19
CA PRO B 920 -1.04 -9.64 -29.90
C PRO B 920 -1.09 -9.30 -28.41
N ARG B 921 -1.78 -10.09 -27.60
CA ARG B 921 -1.96 -9.80 -26.19
C ARG B 921 -1.44 -10.93 -25.32
N ARG B 922 -0.30 -11.50 -25.72
CA ARG B 922 0.36 -12.52 -24.91
C ARG B 922 1.05 -11.87 -23.71
N HIS B 923 0.76 -12.36 -22.52
CA HIS B 923 1.39 -11.88 -21.30
C HIS B 923 2.03 -13.05 -20.58
N LYS B 924 3.32 -13.27 -20.78
CA LYS B 924 3.97 -14.49 -20.32
C LYS B 924 5.03 -14.15 -19.27
N VAL B 925 4.91 -14.76 -18.09
CA VAL B 925 5.98 -14.75 -17.09
C VAL B 925 6.27 -16.19 -16.70
N SER B 926 7.55 -16.51 -16.55
CA SER B 926 8.02 -17.84 -16.20
C SER B 926 8.95 -17.76 -15.00
N VAL B 927 8.79 -18.71 -14.07
CA VAL B 927 9.72 -18.87 -12.97
C VAL B 927 10.51 -20.15 -13.22
N HIS B 928 11.83 -20.04 -13.23
CA HIS B 928 12.72 -21.17 -13.43
C HIS B 928 13.43 -21.44 -12.12
N VAL B 929 13.21 -22.62 -11.56
CA VAL B 929 13.91 -23.06 -10.37
C VAL B 929 14.88 -24.14 -10.82
N LEU B 930 16.17 -23.85 -10.70
CA LEU B 930 17.19 -24.77 -11.18
C LEU B 930 17.41 -25.84 -10.14
N ALA B 931 17.80 -27.03 -10.62
CA ALA B 931 18.20 -28.11 -9.73
C ALA B 931 19.49 -27.76 -9.01
N ARG B 932 19.71 -28.42 -7.89
CA ARG B 932 20.86 -28.10 -7.03
C ARG B 932 22.19 -28.21 -7.78
N GLU B 933 22.37 -29.25 -8.60
CA GLU B 933 23.52 -29.40 -9.50
C GLU B 933 23.42 -28.80 -10.89
N MET B 934 22.44 -27.97 -11.19
CA MET B 934 22.21 -27.63 -12.57
C MET B 934 22.81 -26.30 -13.02
N ASN B 950 10.67 -38.05 -34.49
CA ASN B 950 11.12 -37.49 -33.21
C ASN B 950 10.03 -36.70 -32.48
N LEU B 951 10.45 -35.57 -31.90
CA LEU B 951 9.57 -34.68 -31.17
C LEU B 951 8.94 -33.67 -32.12
N SER B 952 7.73 -33.23 -31.77
CA SER B 952 7.11 -32.14 -32.51
C SER B 952 7.90 -30.85 -32.31
N GLN B 953 7.72 -29.93 -33.26
CA GLN B 953 8.60 -28.76 -33.37
C GLN B 953 8.21 -27.68 -32.37
N ALA B 954 9.18 -27.24 -31.57
CA ALA B 954 8.96 -26.12 -30.66
C ALA B 954 9.08 -24.82 -31.45
N PRO B 955 8.15 -23.88 -31.30
CA PRO B 955 8.29 -22.59 -31.95
C PRO B 955 9.51 -21.84 -31.45
N ALA B 956 9.88 -20.81 -32.19
CA ALA B 956 10.98 -19.95 -31.79
C ALA B 956 10.46 -18.90 -30.82
N LEU B 957 11.18 -18.70 -29.73
CA LEU B 957 10.66 -17.79 -28.70
C LEU B 957 11.48 -16.49 -28.63
N PRO B 958 10.82 -15.37 -28.31
CA PRO B 958 11.55 -14.11 -28.18
C PRO B 958 12.65 -14.21 -27.13
N GLN B 959 13.57 -13.28 -27.15
CA GLN B 959 14.52 -13.21 -26.04
C GLN B 959 13.75 -12.77 -24.79
N PRO B 960 13.81 -13.52 -23.70
CA PRO B 960 13.07 -13.14 -22.49
C PRO B 960 13.76 -12.03 -21.73
N GLU B 961 12.95 -11.18 -21.12
CA GLU B 961 13.45 -10.16 -20.21
C GLU B 961 13.67 -10.79 -18.83
N VAL B 962 14.90 -10.71 -18.34
CA VAL B 962 15.30 -11.40 -17.11
C VAL B 962 15.13 -10.49 -15.91
N ILE B 963 14.26 -10.89 -14.99
CA ILE B 963 14.06 -10.18 -13.73
C ILE B 963 15.22 -10.52 -12.79
N GLN B 964 16.01 -9.51 -12.42
CA GLN B 964 16.95 -9.70 -11.32
C GLN B 964 16.40 -9.20 -10.00
N ASN B 965 15.41 -8.32 -10.02
CA ASN B 965 14.99 -7.63 -8.80
C ASN B 965 13.48 -7.45 -8.82
N MET B 966 12.79 -8.18 -7.96
CA MET B 966 11.33 -8.13 -7.94
C MET B 966 10.81 -6.72 -7.73
N THR B 967 11.47 -5.95 -6.86
CA THR B 967 10.97 -4.60 -6.56
C THR B 967 10.99 -3.74 -7.81
N GLU B 968 12.11 -3.73 -8.53
CA GLU B 968 12.18 -2.95 -9.75
C GLU B 968 11.17 -3.45 -10.78
N PHE B 969 11.06 -4.76 -10.91
CA PHE B 969 10.13 -5.34 -11.87
C PHE B 969 8.72 -4.81 -11.63
N LYS B 970 8.23 -4.87 -10.38
CA LYS B 970 6.90 -4.36 -10.09
C LYS B 970 6.81 -2.84 -10.26
N ARG B 971 7.81 -2.10 -9.75
CA ARG B 971 7.79 -0.66 -9.90
C ARG B 971 7.60 -0.24 -11.36
N GLY B 972 8.13 -1.02 -12.30
CA GLY B 972 8.11 -0.66 -13.70
C GLY B 972 6.88 -1.04 -14.47
N LEU B 973 5.86 -1.62 -13.85
CA LEU B 973 4.68 -2.07 -14.57
C LEU B 973 3.43 -1.49 -13.93
N PRO B 974 2.33 -1.40 -14.69
CA PRO B 974 1.06 -0.99 -14.09
C PRO B 974 0.51 -2.09 -13.19
N LEU B 975 -0.55 -1.74 -12.47
CA LEU B 975 -1.24 -2.64 -11.55
C LEU B 975 -2.70 -2.71 -11.98
N PHE B 976 -3.25 -3.94 -12.02
CA PHE B 976 -4.62 -4.12 -12.50
C PHE B 976 -5.59 -3.45 -11.56
N PRO B 977 -6.83 -3.22 -12.03
CA PRO B 977 -7.92 -2.86 -11.12
C PRO B 977 -8.27 -4.01 -10.18
N LEU B 978 -9.26 -3.81 -9.32
CA LEU B 978 -9.90 -4.89 -8.60
C LEU B 978 -11.29 -5.12 -9.19
N VAL B 979 -11.78 -6.35 -9.06
CA VAL B 979 -13.05 -6.71 -9.70
C VAL B 979 -14.21 -5.98 -9.00
N LYS B 980 -15.24 -5.64 -9.78
CA LYS B 980 -16.38 -4.95 -9.15
C LYS B 980 -17.21 -5.98 -8.36
N PRO B 981 -17.64 -5.63 -7.16
CA PRO B 981 -18.51 -6.55 -6.39
C PRO B 981 -19.90 -6.69 -7.01
N HIS B 982 -20.60 -7.75 -6.63
CA HIS B 982 -21.85 -8.16 -7.28
C HIS B 982 -23.10 -7.55 -6.63
#